data_4M17
#
_entry.id   4M17
#
_cell.length_a   107.524
_cell.length_b   160.108
_cell.length_c   160.073
_cell.angle_alpha   90.000
_cell.angle_beta   90.000
_cell.angle_gamma   90.000
#
_symmetry.space_group_name_H-M   'P 21 21 21'
#
loop_
_entity.id
_entity.type
_entity.pdbx_description
1 polymer 'Pulmonary surfactant-associated protein D'
2 non-polymer 'CALCIUM ION'
3 water water
#
_entity_poly.entity_id   1
_entity_poly.type   'polypeptide(L)'
_entity_poly.pdbx_seq_one_letter_code
;QQVEALQGQVQHLQAAFSQYKKVELFPNGQSVGEKIFKTAGFVKPFTEAQLLCTQAGGQLASPRSAAENAALQQLVVAKN
EAAFLSMTDSKTEGKFTYPTGESLVYSNWAPGEPNDAGGSEDCVEIFTNGKWNDVACGEKRLVVCEF
;
_entity_poly.pdbx_strand_id   A,B,C,D,E,F,G,H,I,J,K,L
#
loop_
_chem_comp.id
_chem_comp.type
_chem_comp.name
_chem_comp.formula
CA non-polymer 'CALCIUM ION' 'Ca 2'
#
# COMPACT_ATOMS: atom_id res chain seq x y z
N GLY A 8 22.87 -44.80 -11.81
CA GLY A 8 22.93 -43.42 -11.34
C GLY A 8 22.10 -43.19 -10.09
N GLN A 9 22.69 -43.52 -8.94
CA GLN A 9 22.04 -43.27 -7.65
C GLN A 9 22.56 -41.96 -7.05
N VAL A 10 23.03 -41.07 -7.91
CA VAL A 10 23.59 -39.80 -7.46
C VAL A 10 22.48 -38.81 -7.11
N GLN A 11 21.61 -38.55 -8.09
CA GLN A 11 20.51 -37.61 -7.89
C GLN A 11 19.74 -37.90 -6.61
N HIS A 12 19.73 -39.16 -6.19
CA HIS A 12 19.13 -39.54 -4.91
C HIS A 12 19.97 -38.99 -3.76
N LEU A 13 21.27 -38.96 -3.98
CA LEU A 13 22.21 -38.47 -2.97
C LEU A 13 22.27 -36.96 -2.99
N GLN A 14 22.00 -36.37 -4.15
CA GLN A 14 21.96 -34.92 -4.29
C GLN A 14 20.70 -34.34 -3.67
N ALA A 15 19.60 -35.08 -3.76
CA ALA A 15 18.33 -34.65 -3.20
C ALA A 15 18.37 -34.74 -1.67
N ALA A 16 19.14 -35.69 -1.15
CA ALA A 16 19.29 -35.84 0.28
C ALA A 16 20.23 -34.78 0.84
N PHE A 17 21.27 -34.46 0.08
CA PHE A 17 22.23 -33.43 0.48
C PHE A 17 21.60 -32.05 0.42
N SER A 18 20.73 -31.83 -0.56
CA SER A 18 20.02 -30.57 -0.67
C SER A 18 19.12 -30.36 0.54
N GLN A 19 18.64 -31.48 1.09
CA GLN A 19 17.76 -31.44 2.25
C GLN A 19 18.53 -31.11 3.53
N TYR A 20 19.59 -31.88 3.78
CA TYR A 20 20.39 -31.68 4.98
C TYR A 20 21.16 -30.36 4.95
N LYS A 21 21.37 -29.84 3.76
CA LYS A 21 21.96 -28.51 3.60
C LYS A 21 21.05 -27.47 4.25
N LYS A 22 19.75 -27.60 3.99
CA LYS A 22 18.76 -26.70 4.56
C LYS A 22 18.64 -26.88 6.06
N VAL A 23 18.58 -28.14 6.50
CA VAL A 23 18.48 -28.44 7.92
C VAL A 23 19.67 -27.90 8.68
N GLU A 24 20.86 -28.10 8.12
CA GLU A 24 22.09 -27.61 8.73
C GLU A 24 22.08 -26.11 8.94
N LEU A 25 21.68 -25.38 7.91
CA LEU A 25 21.75 -23.91 7.94
C LEU A 25 20.73 -23.27 8.88
N PHE A 26 19.68 -24.01 9.21
CA PHE A 26 18.65 -23.50 10.11
C PHE A 26 18.99 -23.84 11.56
N PRO A 27 18.99 -22.82 12.43
CA PRO A 27 18.71 -21.42 12.08
C PRO A 27 19.96 -20.54 12.06
N ASN A 28 21.10 -21.09 12.43
CA ASN A 28 22.32 -20.31 12.61
C ASN A 28 23.19 -20.20 11.36
N GLY A 29 22.62 -20.54 10.21
CA GLY A 29 23.39 -20.53 8.97
C GLY A 29 22.79 -19.66 7.88
N GLN A 30 23.67 -19.18 6.99
CA GLN A 30 23.26 -18.38 5.85
C GLN A 30 24.13 -18.68 4.64
N SER A 31 23.52 -19.12 3.55
CA SER A 31 24.26 -19.40 2.34
C SER A 31 24.04 -18.32 1.30
N VAL A 32 25.12 -17.79 0.76
CA VAL A 32 25.06 -16.77 -0.28
C VAL A 32 26.09 -17.08 -1.36
N GLY A 33 25.62 -17.54 -2.51
CA GLY A 33 26.51 -18.01 -3.55
C GLY A 33 27.08 -19.37 -3.16
N GLU A 34 28.41 -19.48 -3.19
CA GLU A 34 29.06 -20.70 -2.74
C GLU A 34 29.67 -20.53 -1.36
N LYS A 35 29.37 -19.41 -0.72
CA LYS A 35 29.86 -19.13 0.63
C LYS A 35 28.80 -19.43 1.68
N ILE A 36 29.23 -19.85 2.86
CA ILE A 36 28.32 -20.15 3.95
C ILE A 36 28.75 -19.46 5.23
N PHE A 37 27.84 -18.67 5.82
CA PHE A 37 28.09 -18.06 7.12
C PHE A 37 27.41 -18.87 8.20
N LYS A 38 28.15 -19.14 9.28
CA LYS A 38 27.56 -19.78 10.45
C LYS A 38 28.05 -19.14 11.73
N THR A 39 27.11 -18.79 12.61
CA THR A 39 27.45 -18.17 13.87
C THR A 39 27.49 -19.21 15.00
N ALA A 40 28.38 -18.99 15.96
CA ALA A 40 28.50 -19.88 17.10
C ALA A 40 27.41 -19.57 18.13
N GLY A 41 26.90 -18.35 18.07
CA GLY A 41 25.84 -17.93 18.96
C GLY A 41 26.33 -17.16 20.17
N PHE A 42 27.64 -17.12 20.34
CA PHE A 42 28.23 -16.42 21.48
C PHE A 42 29.24 -15.37 21.03
N VAL A 43 29.66 -14.51 21.95
CA VAL A 43 30.59 -13.44 21.64
C VAL A 43 31.98 -13.73 22.21
N LYS A 44 33.00 -13.29 21.48
CA LYS A 44 34.39 -13.47 21.89
C LYS A 44 35.25 -12.32 21.39
N PRO A 45 36.38 -12.07 22.05
CA PRO A 45 37.36 -11.12 21.53
C PRO A 45 37.87 -11.59 20.17
N PHE A 46 38.43 -10.69 19.39
CA PHE A 46 38.81 -11.01 18.02
C PHE A 46 39.75 -12.21 17.91
N THR A 47 40.83 -12.20 18.68
CA THR A 47 41.85 -13.25 18.58
C THR A 47 41.29 -14.64 18.87
N GLU A 48 40.39 -14.76 19.83
CA GLU A 48 39.79 -16.05 20.14
C GLU A 48 38.76 -16.42 19.08
N ALA A 49 38.04 -15.41 18.59
CA ALA A 49 37.06 -15.61 17.53
C ALA A 49 37.75 -16.10 16.27
N GLN A 50 38.88 -15.46 15.95
CA GLN A 50 39.67 -15.82 14.78
C GLN A 50 40.21 -17.24 14.90
N LEU A 51 40.63 -17.61 16.11
CA LEU A 51 41.20 -18.93 16.36
C LEU A 51 40.15 -20.01 16.23
N LEU A 52 38.92 -19.71 16.66
CA LEU A 52 37.83 -20.68 16.59
C LEU A 52 37.43 -20.94 15.14
N CYS A 53 37.38 -19.88 14.34
CA CYS A 53 37.00 -20.01 12.93
C CYS A 53 38.03 -20.79 12.13
N THR A 54 39.30 -20.47 12.35
CA THR A 54 40.39 -21.09 11.60
C THR A 54 40.57 -22.57 11.99
N GLN A 55 40.41 -22.87 13.26
CA GLN A 55 40.50 -24.25 13.73
C GLN A 55 39.30 -25.07 13.28
N ALA A 56 38.24 -24.37 12.87
CA ALA A 56 37.03 -25.03 12.39
C ALA A 56 37.12 -25.30 10.89
N GLY A 57 38.18 -24.79 10.26
CA GLY A 57 38.42 -25.02 8.85
C GLY A 57 38.04 -23.86 7.96
N GLY A 58 37.69 -22.73 8.57
CA GLY A 58 37.30 -21.55 7.82
C GLY A 58 37.99 -20.30 8.29
N GLN A 59 37.27 -19.18 8.25
CA GLN A 59 37.78 -17.91 8.71
C GLN A 59 36.64 -17.01 9.15
N LEU A 60 36.97 -15.89 9.79
CA LEU A 60 35.95 -14.93 10.22
C LEU A 60 35.19 -14.40 9.02
N ALA A 61 33.94 -14.00 9.25
CA ALA A 61 33.08 -13.51 8.18
C ALA A 61 33.77 -12.43 7.36
N SER A 62 33.81 -12.63 6.05
CA SER A 62 34.47 -11.70 5.16
C SER A 62 33.56 -11.31 3.99
N PRO A 63 32.53 -10.50 4.27
CA PRO A 63 31.58 -10.06 3.25
C PRO A 63 32.28 -9.25 2.15
N ARG A 64 32.16 -9.73 0.91
CA ARG A 64 32.83 -9.10 -0.22
C ARG A 64 31.85 -8.42 -1.16
N SER A 65 30.57 -8.49 -0.82
CA SER A 65 29.53 -7.86 -1.62
C SER A 65 28.33 -7.45 -0.77
N ALA A 66 27.43 -6.68 -1.35
CA ALA A 66 26.23 -6.26 -0.65
C ALA A 66 25.35 -7.47 -0.35
N ALA A 67 25.34 -8.43 -1.27
CA ALA A 67 24.57 -9.65 -1.09
C ALA A 67 25.09 -10.48 0.08
N GLU A 68 26.41 -10.61 0.15
CA GLU A 68 27.04 -11.34 1.25
C GLU A 68 26.86 -10.58 2.56
N ASN A 69 26.97 -9.26 2.48
CA ASN A 69 26.82 -8.42 3.66
C ASN A 69 25.40 -8.49 4.22
N ALA A 70 24.43 -8.65 3.32
CA ALA A 70 23.03 -8.74 3.69
C ALA A 70 22.72 -10.07 4.38
N ALA A 71 23.28 -11.15 3.85
CA ALA A 71 23.08 -12.47 4.43
C ALA A 71 23.72 -12.55 5.82
N LEU A 72 24.93 -12.00 5.93
CA LEU A 72 25.63 -11.95 7.20
C LEU A 72 24.86 -11.12 8.20
N GLN A 73 24.25 -10.03 7.71
CA GLN A 73 23.51 -9.11 8.56
C GLN A 73 22.32 -9.79 9.24
N GLN A 74 21.70 -10.74 8.56
CA GLN A 74 20.52 -11.42 9.10
C GLN A 74 20.87 -12.32 10.29
N LEU A 75 22.10 -12.82 10.32
CA LEU A 75 22.56 -13.60 11.46
C LEU A 75 22.78 -12.70 12.66
N VAL A 76 23.29 -11.50 12.39
CA VAL A 76 23.51 -10.51 13.44
C VAL A 76 22.18 -10.02 13.99
N VAL A 77 21.21 -9.84 13.11
CA VAL A 77 19.89 -9.37 13.51
C VAL A 77 19.19 -10.40 14.39
N ALA A 78 19.34 -11.67 14.01
CA ALA A 78 18.69 -12.76 14.73
C ALA A 78 19.27 -12.92 16.14
N LYS A 79 20.54 -12.55 16.29
CA LYS A 79 21.22 -12.68 17.57
C LYS A 79 21.21 -11.35 18.33
N ASN A 80 20.87 -10.27 17.63
CA ASN A 80 20.91 -8.94 18.22
C ASN A 80 22.30 -8.65 18.79
N GLU A 81 23.32 -9.14 18.09
CA GLU A 81 24.70 -9.01 18.54
C GLU A 81 25.61 -8.68 17.36
N ALA A 82 26.25 -7.52 17.41
CA ALA A 82 27.20 -7.13 16.38
C ALA A 82 28.31 -8.17 16.29
N ALA A 83 28.77 -8.46 15.08
CA ALA A 83 29.76 -9.52 14.88
C ALA A 83 31.08 -9.00 14.32
N PHE A 84 32.14 -9.77 14.55
CA PHE A 84 33.46 -9.45 14.03
C PHE A 84 33.60 -9.88 12.57
N LEU A 85 34.30 -9.07 11.79
CA LEU A 85 34.69 -9.46 10.44
C LEU A 85 36.15 -9.90 10.49
N SER A 86 36.65 -10.48 9.41
CA SER A 86 38.02 -10.98 9.39
C SER A 86 39.04 -9.89 9.10
N MET A 87 38.57 -8.79 8.54
CA MET A 87 39.46 -7.73 8.06
C MET A 87 39.99 -6.82 9.15
N THR A 88 41.24 -6.39 9.00
CA THR A 88 41.88 -5.49 9.97
C THR A 88 42.85 -4.55 9.29
N ASP A 89 43.22 -3.48 9.97
CA ASP A 89 44.24 -2.56 9.48
C ASP A 89 45.43 -2.53 10.44
N SER A 90 45.75 -3.69 11.00
CA SER A 90 46.81 -3.82 11.99
C SER A 90 48.20 -3.57 11.40
N LYS A 91 48.44 -4.08 10.20
CA LYS A 91 49.73 -3.88 9.54
C LYS A 91 49.90 -2.42 9.14
N THR A 92 49.09 -1.99 8.18
CA THR A 92 49.10 -0.60 7.74
C THR A 92 47.86 0.13 8.23
N GLU A 93 48.01 0.91 9.29
CA GLU A 93 46.89 1.67 9.85
C GLU A 93 46.15 2.42 8.76
N GLY A 94 44.83 2.34 8.80
CA GLY A 94 44.00 3.02 7.81
C GLY A 94 43.71 2.16 6.60
N LYS A 95 44.57 1.16 6.37
CA LYS A 95 44.39 0.25 5.24
C LYS A 95 43.89 -1.11 5.72
N PHE A 96 42.58 -1.34 5.59
CA PHE A 96 41.98 -2.61 5.99
C PHE A 96 42.14 -3.66 4.90
N THR A 97 42.52 -4.87 5.29
CA THR A 97 42.78 -5.95 4.35
C THR A 97 42.20 -7.27 4.82
N TYR A 98 42.01 -8.20 3.88
CA TYR A 98 41.56 -9.55 4.21
C TYR A 98 42.76 -10.35 4.73
N PRO A 99 42.52 -11.58 5.20
CA PRO A 99 43.60 -12.46 5.66
C PRO A 99 44.69 -12.60 4.60
N THR A 100 44.31 -12.52 3.33
CA THR A 100 45.25 -12.64 2.23
C THR A 100 46.15 -11.41 2.11
N GLY A 101 45.69 -10.29 2.65
CA GLY A 101 46.47 -9.08 2.65
C GLY A 101 46.00 -8.07 1.62
N GLU A 102 45.15 -8.51 0.71
CA GLU A 102 44.61 -7.62 -0.32
C GLU A 102 43.61 -6.63 0.29
N SER A 103 43.50 -5.46 -0.31
CA SER A 103 42.63 -4.42 0.20
C SER A 103 41.15 -4.72 -0.06
N LEU A 104 40.28 -4.04 0.68
CA LEU A 104 38.84 -4.25 0.56
C LEU A 104 38.33 -4.04 -0.86
N VAL A 105 37.51 -4.99 -1.33
CA VAL A 105 36.84 -4.86 -2.62
C VAL A 105 35.40 -4.39 -2.38
N TYR A 106 35.03 -4.31 -1.11
CA TYR A 106 33.70 -3.86 -0.72
C TYR A 106 33.73 -3.37 0.72
N SER A 107 32.88 -2.39 1.02
CA SER A 107 32.78 -1.87 2.38
C SER A 107 31.40 -1.25 2.61
N ASN A 108 30.99 -1.19 3.87
CA ASN A 108 29.71 -0.61 4.24
C ASN A 108 29.84 0.16 5.55
N TRP A 109 30.80 1.08 5.60
CA TRP A 109 31.09 1.83 6.81
C TRP A 109 29.91 2.69 7.24
N ALA A 110 29.71 2.77 8.55
CA ALA A 110 28.71 3.67 9.10
C ALA A 110 29.21 5.10 8.96
N PRO A 111 28.30 6.08 9.09
CA PRO A 111 28.65 7.49 8.96
C PRO A 111 29.76 7.88 9.92
N GLY A 112 30.80 8.49 9.39
CA GLY A 112 31.95 8.86 10.19
C GLY A 112 32.91 7.70 10.37
N GLU A 113 32.65 6.55 9.77
CA GLU A 113 33.51 5.42 10.16
C GLU A 113 34.94 5.26 9.57
N PRO A 114 35.50 4.03 9.57
CA PRO A 114 36.87 4.00 10.09
C PRO A 114 37.23 5.37 10.65
N ASN A 115 37.32 5.50 11.97
CA ASN A 115 37.83 6.71 12.62
C ASN A 115 39.03 6.37 13.50
N ASP A 116 39.28 5.08 13.69
CA ASP A 116 40.37 4.61 14.52
C ASP A 116 40.35 5.34 15.86
N ALA A 117 39.18 5.38 16.48
CA ALA A 117 38.98 6.14 17.72
C ALA A 117 40.01 5.76 18.79
N GLY A 118 40.56 6.77 19.44
CA GLY A 118 41.56 6.55 20.48
C GLY A 118 42.85 6.02 19.90
N GLY A 119 42.94 6.03 18.57
CA GLY A 119 44.12 5.54 17.88
C GLY A 119 44.37 4.08 18.16
N SER A 120 43.30 3.33 18.43
CA SER A 120 43.41 1.92 18.77
C SER A 120 42.21 1.11 18.31
N GLU A 121 41.79 1.32 17.06
CA GLU A 121 40.72 0.51 16.47
C GLU A 121 41.19 -0.08 15.15
N ASP A 122 41.56 -1.36 15.19
CA ASP A 122 42.08 -2.03 13.99
C ASP A 122 41.19 -3.18 13.52
N CYS A 123 40.13 -3.47 14.27
CA CYS A 123 39.19 -4.52 13.88
C CYS A 123 37.86 -3.93 13.39
N VAL A 124 37.04 -4.78 12.79
CA VAL A 124 35.79 -4.35 12.20
C VAL A 124 34.59 -5.15 12.71
N GLU A 125 33.50 -4.45 13.00
CA GLU A 125 32.27 -5.08 13.44
C GLU A 125 31.12 -4.71 12.51
N ILE A 126 30.13 -5.58 12.41
CA ILE A 126 28.95 -5.31 11.61
C ILE A 126 27.71 -5.25 12.50
N PHE A 127 26.90 -4.22 12.30
CA PHE A 127 25.73 -3.99 13.14
C PHE A 127 24.48 -4.68 12.60
N THR A 128 23.38 -4.56 13.32
CA THR A 128 22.11 -5.15 12.90
C THR A 128 21.55 -4.43 11.69
N ASN A 129 22.05 -3.22 11.42
CA ASN A 129 21.63 -2.47 10.25
C ASN A 129 22.59 -2.69 9.08
N GLY A 130 23.59 -3.55 9.28
CA GLY A 130 24.50 -3.93 8.23
C GLY A 130 25.71 -3.03 8.07
N LYS A 131 25.73 -1.93 8.81
CA LYS A 131 26.83 -0.97 8.71
C LYS A 131 28.05 -1.43 9.50
N TRP A 132 29.22 -0.99 9.06
CA TRP A 132 30.47 -1.38 9.68
C TRP A 132 31.01 -0.31 10.63
N ASN A 133 31.81 -0.75 11.59
CA ASN A 133 32.53 0.15 12.48
C ASN A 133 33.88 -0.44 12.87
N ASP A 134 34.95 0.29 12.64
CA ASP A 134 36.25 -0.15 13.14
C ASP A 134 36.26 -0.05 14.65
N VAL A 135 36.57 -1.16 15.31
CA VAL A 135 36.47 -1.27 16.76
C VAL A 135 37.71 -1.91 17.37
N ALA A 136 37.90 -1.72 18.66
CA ALA A 136 39.01 -2.32 19.37
C ALA A 136 38.93 -3.85 19.30
N CYS A 137 40.05 -4.48 18.97
CA CYS A 137 40.09 -5.94 18.80
C CYS A 137 39.84 -6.67 20.11
N GLY A 138 39.95 -5.96 21.23
CA GLY A 138 39.77 -6.56 22.54
C GLY A 138 38.32 -6.73 22.95
N GLU A 139 37.43 -6.10 22.19
CA GLU A 139 36.00 -6.15 22.49
C GLU A 139 35.39 -7.51 22.16
N LYS A 140 34.33 -7.88 22.89
CA LYS A 140 33.62 -9.12 22.64
C LYS A 140 32.50 -8.90 21.63
N ARG A 141 32.59 -9.58 20.49
CA ARG A 141 31.56 -9.50 19.47
C ARG A 141 31.12 -10.88 19.00
N LEU A 142 29.93 -10.95 18.41
CA LEU A 142 29.39 -12.21 17.92
C LEU A 142 30.40 -12.91 17.01
N VAL A 143 30.55 -14.22 17.19
CA VAL A 143 31.48 -15.00 16.37
C VAL A 143 30.78 -15.64 15.18
N VAL A 144 31.10 -15.14 13.98
CA VAL A 144 30.53 -15.69 12.76
C VAL A 144 31.63 -16.10 11.79
N CYS A 145 31.62 -17.35 11.38
CA CYS A 145 32.62 -17.86 10.45
C CYS A 145 32.04 -18.03 9.06
N GLU A 146 32.90 -18.09 8.06
CA GLU A 146 32.48 -18.38 6.70
C GLU A 146 33.18 -19.63 6.19
N PHE A 147 32.45 -20.44 5.43
CA PHE A 147 33.00 -21.67 4.88
C PHE A 147 32.72 -21.75 3.38
N LEU B 6 34.75 -45.96 -9.35
CA LEU B 6 33.92 -44.81 -9.02
C LEU B 6 32.78 -45.20 -8.08
N GLN B 7 31.99 -46.19 -8.49
CA GLN B 7 30.85 -46.62 -7.69
C GLN B 7 31.29 -46.88 -6.26
N GLY B 8 32.55 -47.25 -6.10
CA GLY B 8 33.12 -47.53 -4.78
C GLY B 8 33.41 -46.26 -4.00
N GLN B 9 33.71 -45.19 -4.72
CA GLN B 9 33.95 -43.90 -4.07
C GLN B 9 32.64 -43.23 -3.70
N VAL B 10 31.54 -43.86 -4.12
CA VAL B 10 30.21 -43.34 -3.81
C VAL B 10 29.73 -43.85 -2.46
N GLN B 11 29.85 -45.16 -2.23
CA GLN B 11 29.48 -45.75 -0.95
C GLN B 11 30.27 -45.10 0.18
N HIS B 12 31.52 -44.76 -0.10
CA HIS B 12 32.35 -44.04 0.86
C HIS B 12 31.72 -42.69 1.17
N LEU B 13 31.12 -42.08 0.16
CA LEU B 13 30.46 -40.79 0.33
C LEU B 13 29.11 -40.99 1.00
N GLN B 14 28.49 -42.14 0.75
CA GLN B 14 27.23 -42.49 1.38
C GLN B 14 27.46 -42.79 2.86
N ALA B 15 28.55 -43.50 3.13
CA ALA B 15 28.93 -43.81 4.50
C ALA B 15 29.20 -42.53 5.28
N ALA B 16 30.04 -41.67 4.70
CA ALA B 16 30.37 -40.40 5.33
C ALA B 16 29.11 -39.57 5.57
N PHE B 17 28.18 -39.64 4.62
CA PHE B 17 26.95 -38.87 4.71
C PHE B 17 26.05 -39.38 5.83
N SER B 18 25.86 -40.70 5.88
CA SER B 18 25.04 -41.31 6.92
C SER B 18 25.50 -40.84 8.29
N GLN B 19 26.81 -40.72 8.47
CA GLN B 19 27.39 -40.31 9.73
C GLN B 19 27.00 -38.87 10.07
N TYR B 20 27.30 -37.95 9.15
CA TYR B 20 26.99 -36.54 9.35
C TYR B 20 25.49 -36.29 9.41
N LYS B 21 24.72 -37.22 8.89
CA LYS B 21 23.27 -37.17 8.99
C LYS B 21 22.88 -37.29 10.46
N LYS B 22 23.49 -38.24 11.14
CA LYS B 22 23.24 -38.49 12.55
C LYS B 22 23.77 -37.34 13.40
N VAL B 23 24.94 -36.84 13.03
CA VAL B 23 25.58 -35.75 13.77
C VAL B 23 24.70 -34.49 13.71
N GLU B 24 24.16 -34.21 12.53
CA GLU B 24 23.33 -33.04 12.33
C GLU B 24 22.05 -33.04 13.16
N LEU B 25 21.39 -34.19 13.21
CA LEU B 25 20.08 -34.29 13.86
C LEU B 25 20.17 -34.26 15.39
N PHE B 26 21.38 -34.45 15.92
CA PHE B 26 21.59 -34.38 17.36
C PHE B 26 22.03 -32.98 17.76
N PRO B 27 21.32 -32.37 18.74
CA PRO B 27 20.19 -32.99 19.44
C PRO B 27 18.84 -32.40 19.02
N ASN B 28 18.83 -31.44 18.10
CA ASN B 28 17.60 -30.71 17.78
C ASN B 28 16.87 -31.21 16.54
N GLY B 29 17.18 -32.41 16.08
CA GLY B 29 16.58 -32.93 14.87
C GLY B 29 15.88 -34.26 15.03
N GLN B 30 14.91 -34.51 14.15
CA GLN B 30 14.18 -35.78 14.13
C GLN B 30 13.82 -36.16 12.70
N SER B 31 14.26 -37.33 12.28
CA SER B 31 13.94 -37.82 10.95
C SER B 31 12.89 -38.93 11.00
N VAL B 32 11.85 -38.77 10.21
CA VAL B 32 10.79 -39.76 10.12
C VAL B 32 10.39 -39.95 8.67
N GLY B 33 10.76 -41.10 8.10
CA GLY B 33 10.59 -41.33 6.68
C GLY B 33 11.59 -40.49 5.91
N GLU B 34 11.10 -39.73 4.95
CA GLU B 34 11.95 -38.82 4.18
C GLU B 34 11.81 -37.38 4.66
N LYS B 35 11.10 -37.21 5.77
CA LYS B 35 10.90 -35.88 6.35
C LYS B 35 11.84 -35.65 7.52
N ILE B 36 12.24 -34.40 7.71
CA ILE B 36 13.12 -34.03 8.81
C ILE B 36 12.57 -32.85 9.59
N PHE B 37 12.42 -33.03 10.90
CA PHE B 37 12.03 -31.94 11.78
C PHE B 37 13.25 -31.37 12.47
N LYS B 38 13.35 -30.04 12.49
CA LYS B 38 14.40 -29.38 13.26
C LYS B 38 13.87 -28.15 13.99
N THR B 39 14.14 -28.07 15.29
CA THR B 39 13.69 -26.95 16.10
C THR B 39 14.80 -25.91 16.22
N ALA B 40 14.41 -24.64 16.29
CA ALA B 40 15.37 -23.56 16.46
C ALA B 40 15.79 -23.45 17.92
N GLY B 41 14.95 -23.97 18.80
CA GLY B 41 15.23 -23.96 20.23
C GLY B 41 14.56 -22.81 20.96
N PHE B 42 13.97 -21.89 20.20
CA PHE B 42 13.31 -20.73 20.78
C PHE B 42 11.86 -20.61 20.33
N VAL B 43 11.10 -19.75 21.03
CA VAL B 43 9.69 -19.57 20.74
C VAL B 43 9.42 -18.25 20.02
N LYS B 44 8.44 -18.27 19.12
CA LYS B 44 8.08 -17.09 18.35
C LYS B 44 6.59 -17.12 18.02
N PRO B 45 6.01 -15.94 17.76
CA PRO B 45 4.64 -15.89 17.25
C PRO B 45 4.57 -16.62 15.91
N PHE B 46 3.36 -17.01 15.50
CA PHE B 46 3.20 -17.81 14.29
C PHE B 46 3.83 -17.19 13.05
N THR B 47 3.49 -15.93 12.77
CA THR B 47 3.94 -15.27 11.55
C THR B 47 5.46 -15.23 11.43
N GLU B 48 6.15 -14.96 12.54
CA GLU B 48 7.60 -14.92 12.51
C GLU B 48 8.17 -16.33 12.44
N ALA B 49 7.51 -17.26 13.11
CA ALA B 49 7.91 -18.67 13.05
C ALA B 49 7.77 -19.19 11.63
N GLN B 50 6.66 -18.83 10.98
CA GLN B 50 6.40 -19.25 9.61
C GLN B 50 7.42 -18.64 8.66
N LEU B 51 7.76 -17.38 8.90
CA LEU B 51 8.70 -16.66 8.03
C LEU B 51 10.10 -17.26 8.14
N LEU B 52 10.47 -17.70 9.35
CA LEU B 52 11.78 -18.29 9.57
C LEU B 52 11.91 -19.64 8.87
N CYS B 53 10.84 -20.43 8.93
CA CYS B 53 10.82 -21.75 8.31
C CYS B 53 10.87 -21.69 6.79
N THR B 54 10.09 -20.78 6.21
CA THR B 54 10.01 -20.64 4.77
C THR B 54 11.30 -20.06 4.17
N GLN B 55 11.90 -19.11 4.87
CA GLN B 55 13.15 -18.51 4.42
C GLN B 55 14.31 -19.49 4.59
N ALA B 56 14.11 -20.51 5.41
CA ALA B 56 15.12 -21.53 5.62
C ALA B 56 15.02 -22.62 4.57
N GLY B 57 13.98 -22.54 3.75
CA GLY B 57 13.79 -23.47 2.65
C GLY B 57 12.78 -24.57 2.92
N GLY B 58 12.07 -24.45 4.03
CA GLY B 58 11.08 -25.44 4.40
C GLY B 58 9.75 -24.83 4.79
N GLN B 59 9.12 -25.40 5.81
CA GLN B 59 7.85 -24.90 6.32
C GLN B 59 7.67 -25.35 7.77
N LEU B 60 6.67 -24.79 8.44
CA LEU B 60 6.37 -25.19 9.81
C LEU B 60 6.01 -26.66 9.88
N ALA B 61 6.28 -27.28 11.03
CA ALA B 61 6.02 -28.69 11.23
C ALA B 61 4.61 -29.08 10.80
N SER B 62 4.51 -30.04 9.90
CA SER B 62 3.21 -30.48 9.40
C SER B 62 3.08 -31.99 9.51
N PRO B 63 2.87 -32.50 10.73
CA PRO B 63 2.71 -33.94 10.97
C PRO B 63 1.49 -34.49 10.24
N ARG B 64 1.71 -35.46 9.36
CA ARG B 64 0.63 -36.04 8.57
C ARG B 64 0.29 -37.46 8.99
N SER B 65 0.96 -37.94 10.04
CA SER B 65 0.72 -39.29 10.54
C SER B 65 1.09 -39.39 12.02
N ALA B 66 0.68 -40.49 12.65
CA ALA B 66 1.01 -40.72 14.04
C ALA B 66 2.52 -40.81 14.23
N ALA B 67 3.19 -41.42 13.27
CA ALA B 67 4.64 -41.59 13.33
C ALA B 67 5.35 -40.23 13.27
N GLU B 68 4.90 -39.37 12.36
CA GLU B 68 5.45 -38.03 12.25
C GLU B 68 5.12 -37.20 13.49
N ASN B 69 3.91 -37.37 13.99
CA ASN B 69 3.48 -36.65 15.17
C ASN B 69 4.28 -37.06 16.39
N ALA B 70 4.64 -38.33 16.46
CA ALA B 70 5.43 -38.85 17.57
C ALA B 70 6.85 -38.32 17.55
N ALA B 71 7.47 -38.30 16.38
CA ALA B 71 8.82 -37.78 16.22
C ALA B 71 8.86 -36.30 16.58
N LEU B 72 7.89 -35.55 16.06
CA LEU B 72 7.77 -34.13 16.36
C LEU B 72 7.58 -33.90 17.84
N GLN B 73 6.81 -34.79 18.47
CA GLN B 73 6.49 -34.68 19.89
C GLN B 73 7.74 -34.75 20.76
N GLN B 74 8.72 -35.55 20.33
CA GLN B 74 9.94 -35.72 21.10
C GLN B 74 10.79 -34.45 21.15
N LEU B 75 10.70 -33.63 20.11
CA LEU B 75 11.41 -32.36 20.09
C LEU B 75 10.74 -31.40 21.07
N VAL B 76 9.42 -31.46 21.14
CA VAL B 76 8.66 -30.63 22.07
C VAL B 76 8.95 -31.05 23.50
N VAL B 77 9.02 -32.35 23.73
CA VAL B 77 9.30 -32.89 25.05
C VAL B 77 10.70 -32.50 25.55
N ALA B 78 11.66 -32.55 24.65
CA ALA B 78 13.05 -32.22 24.98
C ALA B 78 13.18 -30.76 25.37
N LYS B 79 12.37 -29.91 24.75
CA LYS B 79 12.42 -28.48 25.00
C LYS B 79 11.41 -28.07 26.07
N ASN B 80 10.46 -28.96 26.36
CA ASN B 80 9.39 -28.62 27.30
C ASN B 80 8.67 -27.36 26.82
N GLU B 81 8.48 -27.27 25.51
CA GLU B 81 7.86 -26.10 24.91
C GLU B 81 6.94 -26.52 23.78
N ALA B 82 5.64 -26.25 23.93
CA ALA B 82 4.68 -26.57 22.89
C ALA B 82 5.03 -25.81 21.62
N ALA B 83 4.87 -26.47 20.47
CA ALA B 83 5.30 -25.89 19.20
C ALA B 83 4.15 -25.62 18.24
N PHE B 84 4.40 -24.71 17.30
CA PHE B 84 3.43 -24.36 16.27
C PHE B 84 3.45 -25.37 15.13
N LEU B 85 2.28 -25.67 14.59
CA LEU B 85 2.19 -26.45 13.36
C LEU B 85 1.93 -25.49 12.22
N SER B 86 1.99 -25.98 10.99
CA SER B 86 1.83 -25.12 9.82
C SER B 86 0.36 -24.87 9.51
N MET B 87 -0.50 -25.75 9.98
CA MET B 87 -1.92 -25.73 9.62
C MET B 87 -2.72 -24.66 10.33
N THR B 88 -3.70 -24.09 9.63
CA THR B 88 -4.56 -23.06 10.18
C THR B 88 -5.95 -23.13 9.57
N ASP B 89 -6.92 -22.50 10.23
CA ASP B 89 -8.26 -22.40 9.68
C ASP B 89 -8.64 -20.94 9.44
N SER B 90 -7.65 -20.15 9.02
CA SER B 90 -7.83 -18.72 8.82
C SER B 90 -8.79 -18.40 7.68
N LYS B 91 -8.67 -19.12 6.57
CA LYS B 91 -9.56 -18.89 5.43
C LYS B 91 -10.99 -19.30 5.78
N THR B 92 -11.20 -20.59 5.96
CA THR B 92 -12.51 -21.12 6.35
C THR B 92 -12.48 -21.57 7.80
N GLU B 93 -13.03 -20.73 8.68
CA GLU B 93 -13.08 -21.06 10.10
C GLU B 93 -13.63 -22.47 10.33
N GLY B 94 -12.96 -23.22 11.18
CA GLY B 94 -13.38 -24.58 11.49
C GLY B 94 -12.71 -25.61 10.60
N LYS B 95 -12.26 -25.15 9.42
CA LYS B 95 -11.61 -26.03 8.46
C LYS B 95 -10.11 -25.77 8.41
N PHE B 96 -9.35 -26.60 9.12
CA PHE B 96 -7.90 -26.48 9.14
C PHE B 96 -7.27 -27.11 7.89
N THR B 97 -6.28 -26.44 7.33
CA THR B 97 -5.65 -26.88 6.09
C THR B 97 -4.14 -26.70 6.12
N TYR B 98 -3.44 -27.43 5.25
CA TYR B 98 -2.00 -27.27 5.09
C TYR B 98 -1.72 -26.06 4.21
N PRO B 99 -0.44 -25.67 4.10
CA PRO B 99 -0.03 -24.56 3.23
C PRO B 99 -0.58 -24.72 1.82
N THR B 100 -0.80 -25.97 1.40
CA THR B 100 -1.32 -26.24 0.08
C THR B 100 -2.82 -25.96 -0.01
N GLY B 101 -3.48 -25.93 1.14
CA GLY B 101 -4.91 -25.63 1.19
C GLY B 101 -5.79 -26.85 1.35
N GLU B 102 -5.19 -28.04 1.21
CA GLU B 102 -5.93 -29.28 1.37
C GLU B 102 -6.22 -29.54 2.85
N SER B 103 -7.33 -30.22 3.12
CA SER B 103 -7.75 -30.47 4.50
C SER B 103 -6.89 -31.54 5.18
N LEU B 104 -6.93 -31.55 6.51
CA LEU B 104 -6.12 -32.47 7.31
C LEU B 104 -6.35 -33.94 6.91
N VAL B 105 -5.26 -34.66 6.75
CA VAL B 105 -5.32 -36.11 6.51
C VAL B 105 -5.05 -36.84 7.83
N TYR B 106 -4.69 -36.07 8.86
CA TYR B 106 -4.41 -36.61 10.17
C TYR B 106 -4.57 -35.53 11.23
N SER B 107 -5.01 -35.92 12.42
CA SER B 107 -5.16 -35.00 13.53
C SER B 107 -5.05 -35.71 14.86
N ASN B 108 -4.67 -34.96 15.90
CA ASN B 108 -4.54 -35.51 17.24
C ASN B 108 -5.00 -34.50 18.27
N TRP B 109 -6.21 -34.00 18.10
CA TRP B 109 -6.76 -32.96 18.96
C TRP B 109 -6.91 -33.42 20.40
N ALA B 110 -6.64 -32.51 21.33
CA ALA B 110 -6.88 -32.78 22.75
C ALA B 110 -8.38 -32.77 23.00
N PRO B 111 -8.80 -33.35 24.13
CA PRO B 111 -10.23 -33.40 24.47
C PRO B 111 -10.86 -32.01 24.46
N GLY B 112 -11.89 -31.82 23.65
CA GLY B 112 -12.59 -30.55 23.59
C GLY B 112 -12.04 -29.59 22.54
N GLU B 113 -10.97 -30.01 21.85
CA GLU B 113 -10.38 -29.19 20.81
C GLU B 113 -10.66 -29.80 19.43
N PRO B 114 -10.69 -28.96 18.39
CA PRO B 114 -10.50 -27.50 18.49
C PRO B 114 -11.79 -26.78 18.89
N ASN B 115 -11.64 -25.65 19.58
CA ASN B 115 -12.79 -24.92 20.10
C ASN B 115 -12.88 -23.47 19.66
N ASP B 116 -11.85 -22.97 18.98
CA ASP B 116 -11.81 -21.59 18.53
C ASP B 116 -12.19 -20.66 19.69
N ALA B 117 -11.60 -20.92 20.85
CA ALA B 117 -11.90 -20.17 22.05
C ALA B 117 -11.82 -18.66 21.83
N GLY B 118 -12.83 -17.94 22.29
CA GLY B 118 -12.89 -16.50 22.12
C GLY B 118 -13.12 -16.11 20.68
N GLY B 119 -13.42 -17.10 19.85
CA GLY B 119 -13.66 -16.86 18.44
C GLY B 119 -12.43 -16.31 17.74
N SER B 120 -11.25 -16.64 18.27
CA SER B 120 -10.01 -16.12 17.72
C SER B 120 -8.85 -17.11 17.87
N GLU B 121 -9.09 -18.37 17.52
CA GLU B 121 -8.04 -19.37 17.51
C GLU B 121 -7.97 -20.06 16.14
N ASP B 122 -7.01 -19.66 15.32
CA ASP B 122 -6.88 -20.20 13.97
C ASP B 122 -5.57 -20.94 13.75
N CYS B 123 -4.71 -20.96 14.77
CA CYS B 123 -3.44 -21.69 14.70
C CYS B 123 -3.47 -22.95 15.54
N VAL B 124 -2.48 -23.82 15.35
CA VAL B 124 -2.43 -25.09 16.06
C VAL B 124 -1.08 -25.30 16.76
N GLU B 125 -1.14 -25.81 17.98
CA GLU B 125 0.05 -26.11 18.76
C GLU B 125 0.05 -27.57 19.16
N ILE B 126 1.23 -28.13 19.35
CA ILE B 126 1.36 -29.52 19.82
C ILE B 126 2.02 -29.56 21.18
N PHE B 127 1.45 -30.34 22.09
CA PHE B 127 1.92 -30.41 23.47
C PHE B 127 2.97 -31.49 23.65
N THR B 128 3.52 -31.57 24.87
CA THR B 128 4.51 -32.58 25.19
C THR B 128 3.89 -33.99 25.19
N ASN B 129 2.57 -34.04 25.28
CA ASN B 129 1.86 -35.32 25.22
C ASN B 129 1.40 -35.65 23.81
N GLY B 130 1.74 -34.79 22.86
CA GLY B 130 1.46 -35.04 21.46
C GLY B 130 0.11 -34.54 20.99
N LYS B 131 -0.72 -34.08 21.92
CA LYS B 131 -2.07 -33.63 21.58
C LYS B 131 -2.07 -32.22 20.99
N TRP B 132 -3.07 -31.94 20.17
CA TRP B 132 -3.18 -30.63 19.52
C TRP B 132 -4.15 -29.70 20.23
N ASN B 133 -3.95 -28.40 20.03
CA ASN B 133 -4.87 -27.39 20.50
C ASN B 133 -4.86 -26.20 19.55
N ASP B 134 -6.02 -25.82 19.04
CA ASP B 134 -6.10 -24.61 18.24
C ASP B 134 -5.90 -23.41 19.17
N VAL B 135 -4.95 -22.55 18.79
CA VAL B 135 -4.54 -21.46 19.66
C VAL B 135 -4.41 -20.16 18.89
N ALA B 136 -4.40 -19.04 19.61
CA ALA B 136 -4.23 -17.73 19.00
C ALA B 136 -2.87 -17.64 18.32
N CYS B 137 -2.87 -17.14 17.08
CA CYS B 137 -1.64 -17.08 16.29
C CYS B 137 -0.63 -16.07 16.85
N GLY B 138 -1.09 -15.22 17.77
CA GLY B 138 -0.23 -14.23 18.36
C GLY B 138 0.64 -14.76 19.49
N GLU B 139 0.34 -15.97 19.94
CA GLU B 139 1.07 -16.59 21.05
C GLU B 139 2.46 -17.05 20.64
N LYS B 140 3.39 -17.03 21.58
CA LYS B 140 4.76 -17.50 21.32
C LYS B 140 4.88 -19.00 21.59
N ARG B 141 5.22 -19.75 20.54
CA ARG B 141 5.40 -21.19 20.67
C ARG B 141 6.70 -21.65 20.02
N LEU B 142 7.19 -22.82 20.45
CA LEU B 142 8.43 -23.36 19.93
C LEU B 142 8.42 -23.39 18.41
N VAL B 143 9.52 -22.99 17.80
CA VAL B 143 9.63 -22.98 16.34
C VAL B 143 10.26 -24.27 15.84
N VAL B 144 9.47 -25.07 15.13
CA VAL B 144 9.95 -26.32 14.57
C VAL B 144 9.62 -26.39 13.08
N CYS B 145 10.65 -26.55 12.26
CA CYS B 145 10.46 -26.61 10.81
C CYS B 145 10.62 -28.04 10.30
N GLU B 146 10.09 -28.30 9.12
CA GLU B 146 10.26 -29.60 8.48
C GLU B 146 10.93 -29.43 7.13
N PHE B 147 11.81 -30.37 6.79
CA PHE B 147 12.55 -30.31 5.54
C PHE B 147 12.48 -31.64 4.80
N GLU C 4 33.27 -39.94 -16.92
CA GLU C 4 32.32 -39.31 -17.83
C GLU C 4 31.80 -38.01 -17.24
N ALA C 5 30.54 -37.71 -17.54
CA ALA C 5 29.84 -36.60 -16.91
C ALA C 5 29.40 -37.03 -15.52
N LEU C 6 30.10 -38.01 -14.97
CA LEU C 6 29.81 -38.50 -13.63
C LEU C 6 31.07 -38.46 -12.77
N GLN C 7 32.23 -38.39 -13.42
CA GLN C 7 33.49 -38.14 -12.73
C GLN C 7 33.72 -36.64 -12.69
N GLY C 8 32.83 -35.95 -11.99
CA GLY C 8 32.83 -34.50 -11.90
C GLY C 8 31.63 -34.08 -11.11
N GLN C 9 30.56 -34.87 -11.24
CA GLN C 9 29.37 -34.68 -10.42
C GLN C 9 29.60 -35.32 -9.06
N VAL C 10 30.72 -36.05 -8.96
CA VAL C 10 31.12 -36.66 -7.70
C VAL C 10 32.03 -35.73 -6.93
N GLN C 11 33.15 -35.36 -7.55
CA GLN C 11 34.09 -34.43 -6.92
C GLN C 11 33.43 -33.09 -6.66
N HIS C 12 32.29 -32.85 -7.31
CA HIS C 12 31.51 -31.65 -7.06
C HIS C 12 30.66 -31.85 -5.81
N LEU C 13 30.27 -33.10 -5.57
CA LEU C 13 29.44 -33.43 -4.43
C LEU C 13 30.32 -33.66 -3.21
N GLN C 14 31.57 -34.05 -3.45
CA GLN C 14 32.55 -34.24 -2.39
C GLN C 14 33.01 -32.89 -1.85
N ALA C 15 33.18 -31.94 -2.76
CA ALA C 15 33.61 -30.59 -2.37
C ALA C 15 32.54 -29.86 -1.58
N ALA C 16 31.28 -30.06 -1.97
CA ALA C 16 30.17 -29.46 -1.25
C ALA C 16 30.01 -30.09 0.12
N PHE C 17 30.14 -31.41 0.17
CA PHE C 17 30.05 -32.14 1.43
C PHE C 17 31.22 -31.80 2.34
N SER C 18 32.41 -31.68 1.75
CA SER C 18 33.59 -31.26 2.49
C SER C 18 33.33 -29.93 3.17
N GLN C 19 32.58 -29.08 2.49
CA GLN C 19 32.25 -27.75 2.98
C GLN C 19 31.26 -27.83 4.14
N TYR C 20 30.13 -28.49 3.91
CA TYR C 20 29.09 -28.62 4.92
C TYR C 20 29.56 -29.45 6.11
N LYS C 21 30.58 -30.26 5.88
CA LYS C 21 31.19 -31.03 6.96
C LYS C 21 31.67 -30.08 8.04
N LYS C 22 32.45 -29.08 7.63
CA LYS C 22 33.00 -28.10 8.55
C LYS C 22 31.89 -27.26 9.20
N VAL C 23 30.91 -26.86 8.39
CA VAL C 23 29.80 -26.05 8.87
C VAL C 23 29.08 -26.74 10.02
N GLU C 24 28.86 -28.05 9.87
CA GLU C 24 28.13 -28.82 10.86
C GLU C 24 28.89 -28.96 12.19
N LEU C 25 30.21 -29.10 12.11
CA LEU C 25 31.02 -29.33 13.31
C LEU C 25 31.24 -28.07 14.14
N PHE C 26 30.99 -26.91 13.54
CA PHE C 26 31.14 -25.65 14.24
C PHE C 26 29.78 -25.19 14.79
N PRO C 27 29.73 -24.87 16.10
CA PRO C 27 30.87 -24.89 17.02
C PRO C 27 30.83 -26.05 18.01
N ASN C 28 29.87 -26.96 17.88
CA ASN C 28 29.68 -28.01 18.88
C ASN C 28 30.20 -29.38 18.47
N GLY C 29 31.02 -29.43 17.43
CA GLY C 29 31.53 -30.70 16.92
C GLY C 29 33.04 -30.80 16.85
N GLN C 30 33.54 -32.03 16.93
CA GLN C 30 34.97 -32.30 16.83
C GLN C 30 35.20 -33.62 16.10
N SER C 31 35.95 -33.57 15.00
CA SER C 31 36.26 -34.77 14.26
C SER C 31 37.71 -35.19 14.50
N VAL C 32 37.90 -36.46 14.84
CA VAL C 32 39.23 -37.01 15.05
C VAL C 32 39.31 -38.38 14.42
N GLY C 33 40.05 -38.48 13.32
CA GLY C 33 40.08 -39.70 12.54
C GLY C 33 38.76 -39.86 11.81
N GLU C 34 38.11 -41.00 11.99
CA GLU C 34 36.80 -41.24 11.40
C GLU C 34 35.69 -41.13 12.45
N LYS C 35 36.07 -40.65 13.63
CA LYS C 35 35.10 -40.46 14.71
C LYS C 35 34.68 -39.00 14.83
N ILE C 36 33.43 -38.79 15.23
CA ILE C 36 32.91 -37.43 15.40
C ILE C 36 32.28 -37.25 16.77
N PHE C 37 32.75 -36.27 17.53
CA PHE C 37 32.15 -35.91 18.79
C PHE C 37 31.22 -34.71 18.60
N LYS C 38 30.02 -34.79 19.19
CA LYS C 38 29.12 -33.66 19.19
C LYS C 38 28.41 -33.53 20.53
N THR C 39 28.46 -32.34 21.11
CA THR C 39 27.82 -32.08 22.39
C THR C 39 26.44 -31.47 22.19
N ALA C 40 25.51 -31.81 23.08
CA ALA C 40 24.16 -31.27 23.02
C ALA C 40 24.14 -29.87 23.61
N GLY C 41 25.13 -29.56 24.45
CA GLY C 41 25.24 -28.24 25.05
C GLY C 41 24.68 -28.18 26.45
N PHE C 42 24.00 -29.24 26.88
CA PHE C 42 23.38 -29.28 28.20
C PHE C 42 23.81 -30.49 29.00
N VAL C 43 23.56 -30.46 30.30
CA VAL C 43 23.98 -31.54 31.19
C VAL C 43 22.81 -32.45 31.55
N LYS C 44 23.10 -33.73 31.74
CA LYS C 44 22.11 -34.72 32.10
C LYS C 44 22.74 -35.83 32.94
N PRO C 45 21.93 -36.52 33.75
CA PRO C 45 22.41 -37.71 34.44
C PRO C 45 22.83 -38.76 33.42
N PHE C 46 23.65 -39.73 33.83
CA PHE C 46 24.20 -40.69 32.89
C PHE C 46 23.15 -41.43 32.06
N THR C 47 22.15 -41.99 32.72
CA THR C 47 21.15 -42.81 32.03
C THR C 47 20.38 -42.05 30.95
N GLU C 48 20.05 -40.79 31.22
CA GLU C 48 19.35 -39.98 30.23
C GLU C 48 20.32 -39.54 29.13
N ALA C 49 21.55 -39.26 29.52
CA ALA C 49 22.58 -38.90 28.55
C ALA C 49 22.84 -40.07 27.60
N GLN C 50 22.92 -41.27 28.17
CA GLN C 50 23.15 -42.48 27.39
C GLN C 50 21.98 -42.75 26.45
N LEU C 51 20.77 -42.51 26.92
CA LEU C 51 19.58 -42.75 26.14
C LEU C 51 19.49 -41.79 24.96
N LEU C 52 19.91 -40.55 25.17
CA LEU C 52 19.90 -39.54 24.11
C LEU C 52 20.89 -39.87 23.00
N CYS C 53 22.08 -40.31 23.40
CA CYS C 53 23.13 -40.65 22.43
C CYS C 53 22.75 -41.87 21.59
N THR C 54 22.22 -42.90 22.24
CA THR C 54 21.87 -44.14 21.56
C THR C 54 20.68 -43.96 20.61
N GLN C 55 19.69 -43.20 21.05
CA GLN C 55 18.52 -42.92 20.21
C GLN C 55 18.89 -42.00 19.05
N ALA C 56 20.03 -41.32 19.19
CA ALA C 56 20.51 -40.43 18.13
C ALA C 56 21.30 -41.20 17.09
N GLY C 57 21.58 -42.47 17.37
CA GLY C 57 22.27 -43.33 16.44
C GLY C 57 23.73 -43.57 16.79
N GLY C 58 24.13 -43.09 17.97
CA GLY C 58 25.51 -43.24 18.40
C GLY C 58 25.63 -43.74 19.82
N GLN C 59 26.62 -43.24 20.54
CA GLN C 59 26.86 -43.61 21.93
C GLN C 59 27.63 -42.51 22.64
N LEU C 60 27.67 -42.57 23.97
CA LEU C 60 28.40 -41.58 24.73
C LEU C 60 29.87 -41.54 24.32
N ALA C 61 30.50 -40.38 24.49
CA ALA C 61 31.89 -40.19 24.12
C ALA C 61 32.77 -41.31 24.67
N SER C 62 33.50 -41.97 23.78
CA SER C 62 34.36 -43.07 24.19
C SER C 62 35.77 -42.90 23.64
N PRO C 63 36.54 -41.96 24.23
CA PRO C 63 37.90 -41.68 23.80
C PRO C 63 38.80 -42.90 23.98
N ARG C 64 39.40 -43.35 22.87
CA ARG C 64 40.24 -44.54 22.90
C ARG C 64 41.72 -44.21 22.71
N SER C 65 42.02 -42.93 22.57
CA SER C 65 43.40 -42.49 22.39
C SER C 65 43.60 -41.08 22.93
N ALA C 66 44.86 -40.67 23.04
CA ALA C 66 45.19 -39.33 23.49
C ALA C 66 44.63 -38.29 22.51
N ALA C 67 44.67 -38.61 21.23
CA ALA C 67 44.18 -37.71 20.19
C ALA C 67 42.67 -37.53 20.28
N GLU C 68 41.95 -38.62 20.52
CA GLU C 68 40.51 -38.56 20.69
C GLU C 68 40.14 -37.86 21.98
N ASN C 69 40.92 -38.11 23.03
CA ASN C 69 40.69 -37.49 24.32
C ASN C 69 40.92 -35.99 24.25
N ALA C 70 41.88 -35.56 23.44
CA ALA C 70 42.20 -34.16 23.27
C ALA C 70 41.09 -33.42 22.54
N ALA C 71 40.56 -34.04 21.49
CA ALA C 71 39.47 -33.45 20.72
C ALA C 71 38.22 -33.32 21.59
N LEU C 72 37.92 -34.38 22.33
CA LEU C 72 36.78 -34.38 23.25
C LEU C 72 36.95 -33.31 24.32
N GLN C 73 38.19 -33.14 24.76
CA GLN C 73 38.51 -32.16 25.81
C GLN C 73 38.17 -30.74 25.38
N GLN C 74 38.33 -30.44 24.10
CA GLN C 74 38.08 -29.10 23.60
C GLN C 74 36.61 -28.72 23.61
N LEU C 75 35.74 -29.71 23.51
CA LEU C 75 34.31 -29.48 23.63
C LEU C 75 33.95 -29.19 25.08
N VAL C 76 34.60 -29.90 25.99
CA VAL C 76 34.40 -29.68 27.42
C VAL C 76 34.91 -28.31 27.83
N VAL C 77 36.03 -27.90 27.25
CA VAL C 77 36.63 -26.61 27.56
C VAL C 77 35.76 -25.47 27.06
N ALA C 78 35.19 -25.64 25.86
CA ALA C 78 34.34 -24.62 25.27
C ALA C 78 33.06 -24.40 26.08
N LYS C 79 32.59 -25.47 26.71
CA LYS C 79 31.36 -25.42 27.48
C LYS C 79 31.64 -25.19 28.96
N ASN C 80 32.89 -25.38 29.36
CA ASN C 80 33.26 -25.29 30.78
C ASN C 80 32.42 -26.25 31.61
N GLU C 81 32.16 -27.43 31.06
CA GLU C 81 31.31 -28.42 31.71
C GLU C 81 31.87 -29.82 31.51
N ALA C 82 32.27 -30.45 32.61
CA ALA C 82 32.78 -31.82 32.54
C ALA C 82 31.73 -32.73 31.92
N ALA C 83 32.18 -33.67 31.08
CA ALA C 83 31.25 -34.51 30.34
C ALA C 83 31.35 -35.98 30.73
N PHE C 84 30.26 -36.71 30.50
CA PHE C 84 30.20 -38.14 30.75
C PHE C 84 30.86 -38.92 29.63
N LEU C 85 31.52 -40.01 29.98
CA LEU C 85 32.02 -40.95 28.98
C LEU C 85 31.08 -42.15 28.97
N SER C 86 31.25 -43.04 28.00
CA SER C 86 30.37 -44.20 27.88
C SER C 86 30.75 -45.32 28.84
N MET C 87 32.00 -45.31 29.30
CA MET C 87 32.55 -46.42 30.07
C MET C 87 32.10 -46.44 31.53
N THR C 88 31.92 -47.65 32.06
CA THR C 88 31.50 -47.83 33.45
C THR C 88 32.08 -49.12 34.04
N ASP C 89 32.12 -49.20 35.37
CA ASP C 89 32.53 -50.42 36.04
C ASP C 89 31.37 -50.98 36.86
N SER C 90 30.17 -50.89 36.30
CA SER C 90 28.96 -51.32 36.99
C SER C 90 28.88 -52.83 37.16
N LYS C 91 29.24 -53.57 36.12
CA LYS C 91 29.23 -55.03 36.19
C LYS C 91 30.29 -55.53 37.16
N THR C 92 31.55 -55.32 36.81
CA THR C 92 32.67 -55.69 37.67
C THR C 92 33.30 -54.43 38.25
N GLU C 93 33.00 -54.15 39.50
CA GLU C 93 33.55 -52.99 40.19
C GLU C 93 35.08 -52.94 40.02
N GLY C 94 35.58 -51.76 39.69
CA GLY C 94 37.01 -51.57 39.50
C GLY C 94 37.45 -51.81 38.08
N LYS C 95 36.65 -52.59 37.35
CA LYS C 95 36.95 -52.88 35.95
C LYS C 95 36.05 -52.09 35.01
N PHE C 96 36.56 -51.00 34.48
CA PHE C 96 35.80 -50.16 33.55
C PHE C 96 35.85 -50.71 32.14
N THR C 97 34.70 -50.68 31.47
CA THR C 97 34.58 -51.27 30.14
C THR C 97 33.76 -50.39 29.21
N TYR C 98 33.92 -50.62 27.90
CA TYR C 98 33.11 -49.94 26.90
C TYR C 98 31.76 -50.64 26.79
N PRO C 99 30.83 -50.05 26.02
CA PRO C 99 29.52 -50.67 25.79
C PRO C 99 29.65 -52.11 25.28
N THR C 100 30.77 -52.42 24.65
CA THR C 100 31.00 -53.76 24.13
C THR C 100 31.40 -54.74 25.22
N GLY C 101 31.91 -54.20 26.33
CA GLY C 101 32.28 -55.03 27.45
C GLY C 101 33.79 -55.21 27.59
N GLU C 102 34.53 -54.85 26.55
CA GLU C 102 35.98 -54.97 26.58
C GLU C 102 36.59 -53.91 27.50
N SER C 103 37.74 -54.22 28.07
CA SER C 103 38.40 -53.31 29.01
C SER C 103 39.06 -52.14 28.30
N LEU C 104 39.33 -51.08 29.06
CA LEU C 104 39.93 -49.86 28.51
C LEU C 104 41.24 -50.14 27.79
N VAL C 105 41.36 -49.56 26.60
CA VAL C 105 42.61 -49.62 25.84
C VAL C 105 43.36 -48.31 26.03
N TYR C 106 42.71 -47.38 26.72
CA TYR C 106 43.30 -46.07 27.01
C TYR C 106 42.60 -45.42 28.19
N SER C 107 43.36 -44.66 28.97
CA SER C 107 42.81 -43.97 30.14
C SER C 107 43.64 -42.73 30.45
N ASN C 108 43.01 -41.78 31.14
CA ASN C 108 43.69 -40.55 31.53
C ASN C 108 43.20 -40.10 32.91
N TRP C 109 43.28 -41.01 33.88
CA TRP C 109 42.77 -40.75 35.22
C TRP C 109 43.51 -39.61 35.91
N ALA C 110 42.77 -38.80 36.65
CA ALA C 110 43.36 -37.76 37.47
C ALA C 110 44.07 -38.42 38.66
N PRO C 111 44.99 -37.67 39.29
CA PRO C 111 45.74 -38.20 40.44
C PRO C 111 44.80 -38.74 41.51
N GLY C 112 44.95 -40.03 41.83
CA GLY C 112 44.16 -40.65 42.88
C GLY C 112 42.90 -41.32 42.38
N GLU C 113 42.63 -41.17 41.09
CA GLU C 113 41.45 -41.79 40.47
C GLU C 113 41.87 -42.99 39.62
N PRO C 114 40.96 -43.95 39.46
CA PRO C 114 39.61 -43.93 40.05
C PRO C 114 39.62 -44.42 41.49
N ASN C 115 38.69 -43.93 42.31
CA ASN C 115 38.67 -44.25 43.73
C ASN C 115 37.36 -44.87 44.22
N ASP C 116 36.34 -44.87 43.38
CA ASP C 116 35.03 -45.38 43.75
C ASP C 116 34.61 -44.79 45.11
N ALA C 117 34.75 -43.48 45.22
CA ALA C 117 34.45 -42.78 46.47
C ALA C 117 33.06 -43.10 46.99
N GLY C 118 32.97 -43.38 48.29
CA GLY C 118 31.71 -43.73 48.91
C GLY C 118 31.21 -45.08 48.46
N GLY C 119 32.05 -45.79 47.71
CA GLY C 119 31.70 -47.10 47.19
C GLY C 119 30.54 -47.04 46.21
N SER C 120 30.40 -45.89 45.54
CA SER C 120 29.29 -45.69 44.63
C SER C 120 29.65 -44.78 43.46
N GLU C 121 30.79 -45.05 42.82
CA GLU C 121 31.19 -44.33 41.62
C GLU C 121 31.52 -45.30 40.48
N ASP C 122 30.57 -45.47 39.57
CA ASP C 122 30.74 -46.42 38.47
C ASP C 122 30.75 -45.75 37.11
N CYS C 123 30.62 -44.43 37.09
CA CYS C 123 30.66 -43.68 35.85
C CYS C 123 31.93 -42.84 35.75
N VAL C 124 32.20 -42.31 34.56
CA VAL C 124 33.41 -41.56 34.32
C VAL C 124 33.13 -40.19 33.70
N GLU C 125 33.83 -39.18 34.18
CA GLU C 125 33.70 -37.84 33.64
C GLU C 125 35.06 -37.34 33.19
N ILE C 126 35.05 -36.43 32.21
CA ILE C 126 36.28 -35.83 31.73
C ILE C 126 36.28 -34.33 32.00
N PHE C 127 37.39 -33.83 32.54
CA PHE C 127 37.48 -32.44 32.96
C PHE C 127 37.99 -31.55 31.83
N THR C 128 38.02 -30.24 32.09
CA THR C 128 38.52 -29.28 31.11
C THR C 128 40.01 -29.48 30.88
N ASN C 129 40.67 -30.16 31.81
CA ASN C 129 42.10 -30.45 31.68
C ASN C 129 42.33 -31.82 31.05
N GLY C 130 41.24 -32.50 30.70
CA GLY C 130 41.33 -33.77 30.00
C GLY C 130 41.43 -34.98 30.89
N LYS C 131 41.59 -34.75 32.19
CA LYS C 131 41.73 -35.84 33.15
C LYS C 131 40.39 -36.49 33.46
N TRP C 132 40.43 -37.77 33.83
CA TRP C 132 39.21 -38.52 34.12
C TRP C 132 38.97 -38.63 35.62
N ASN C 133 37.70 -38.77 35.98
CA ASN C 133 37.32 -39.08 37.35
C ASN C 133 36.11 -39.99 37.36
N ASP C 134 36.21 -41.10 38.08
CA ASP C 134 35.05 -41.96 38.27
C ASP C 134 34.09 -41.26 39.21
N VAL C 135 32.84 -41.12 38.78
CA VAL C 135 31.86 -40.32 39.49
C VAL C 135 30.52 -41.03 39.57
N ALA C 136 29.66 -40.57 40.48
CA ALA C 136 28.32 -41.12 40.62
C ALA C 136 27.51 -40.91 39.34
N CYS C 137 26.84 -41.97 38.89
CA CYS C 137 26.08 -41.92 37.65
C CYS C 137 24.86 -40.99 37.75
N GLY C 138 24.50 -40.63 38.98
CA GLY C 138 23.34 -39.79 39.19
C GLY C 138 23.62 -38.32 38.98
N GLU C 139 24.90 -37.98 38.85
CA GLU C 139 25.32 -36.60 38.68
C GLU C 139 25.02 -36.09 37.27
N LYS C 140 24.79 -34.79 37.17
CA LYS C 140 24.52 -34.15 35.87
C LYS C 140 25.81 -33.68 35.23
N ARG C 141 26.11 -34.22 34.04
CA ARG C 141 27.31 -33.84 33.32
C ARG C 141 27.01 -33.56 31.85
N LEU C 142 27.90 -32.81 31.21
CA LEU C 142 27.74 -32.45 29.81
C LEU C 142 27.50 -33.68 28.94
N VAL C 143 26.51 -33.60 28.05
CA VAL C 143 26.18 -34.71 27.17
C VAL C 143 26.95 -34.61 25.86
N VAL C 144 27.89 -35.53 25.65
CA VAL C 144 28.65 -35.56 24.41
C VAL C 144 28.60 -36.95 23.78
N CYS C 145 28.10 -37.01 22.54
CA CYS C 145 27.98 -38.27 21.84
C CYS C 145 29.07 -38.42 20.79
N GLU C 146 29.33 -39.65 20.36
CA GLU C 146 30.27 -39.90 19.28
C GLU C 146 29.56 -40.65 18.15
N PHE C 147 29.91 -40.30 16.92
CA PHE C 147 29.30 -40.92 15.74
C PHE C 147 30.38 -41.41 14.80
N GLY D 8 26.61 16.47 -14.86
CA GLY D 8 27.27 15.42 -14.10
C GLY D 8 26.75 15.34 -12.68
N GLN D 9 25.47 15.64 -12.51
CA GLN D 9 24.87 15.67 -11.18
C GLN D 9 23.93 14.49 -10.98
N VAL D 10 24.41 13.29 -11.34
CA VAL D 10 23.61 12.08 -11.30
C VAL D 10 23.91 11.26 -10.04
N GLN D 11 25.17 11.28 -9.63
CA GLN D 11 25.60 10.58 -8.43
C GLN D 11 24.61 10.79 -7.30
N HIS D 12 24.11 12.02 -7.17
CA HIS D 12 23.14 12.35 -6.14
C HIS D 12 21.76 11.77 -6.48
N LEU D 13 21.39 11.81 -7.75
CA LEU D 13 20.09 11.32 -8.18
C LEU D 13 20.03 9.80 -8.07
N GLN D 14 21.16 9.15 -8.31
CA GLN D 14 21.25 7.71 -8.14
C GLN D 14 21.06 7.33 -6.68
N ALA D 15 21.69 8.09 -5.79
CA ALA D 15 21.59 7.86 -4.36
C ALA D 15 20.15 8.03 -3.89
N ALA D 16 19.48 9.03 -4.42
CA ALA D 16 18.09 9.30 -4.07
C ALA D 16 17.17 8.20 -4.60
N PHE D 17 17.46 7.71 -5.80
CA PHE D 17 16.63 6.69 -6.43
C PHE D 17 16.75 5.34 -5.71
N SER D 18 17.97 4.96 -5.37
CA SER D 18 18.21 3.72 -4.65
C SER D 18 17.48 3.74 -3.31
N GLN D 19 17.33 4.94 -2.75
CA GLN D 19 16.64 5.10 -1.48
C GLN D 19 15.15 4.87 -1.63
N TYR D 20 14.54 5.59 -2.56
CA TYR D 20 13.10 5.45 -2.81
C TYR D 20 12.78 4.09 -3.38
N LYS D 21 13.79 3.43 -3.94
CA LYS D 21 13.64 2.07 -4.43
C LYS D 21 13.23 1.15 -3.29
N LYS D 22 13.96 1.26 -2.18
CA LYS D 22 13.68 0.46 -1.00
C LYS D 22 12.37 0.87 -0.36
N VAL D 23 12.15 2.18 -0.28
CA VAL D 23 10.92 2.71 0.31
C VAL D 23 9.70 2.15 -0.41
N GLU D 24 9.77 2.10 -1.73
CA GLU D 24 8.66 1.63 -2.55
C GLU D 24 8.33 0.16 -2.31
N LEU D 25 9.35 -0.70 -2.34
CA LEU D 25 9.15 -2.14 -2.23
C LEU D 25 8.62 -2.58 -0.87
N PHE D 26 8.85 -1.75 0.15
CA PHE D 26 8.35 -2.02 1.49
C PHE D 26 6.92 -1.53 1.63
N PRO D 27 5.99 -2.42 2.03
CA PRO D 27 6.26 -3.82 2.36
C PRO D 27 5.70 -4.82 1.33
N ASN D 28 5.10 -4.33 0.25
CA ASN D 28 4.43 -5.22 -0.69
C ASN D 28 5.25 -5.55 -1.94
N GLY D 29 6.55 -5.29 -1.88
CA GLY D 29 7.40 -5.51 -3.04
C GLY D 29 8.61 -6.40 -2.78
N GLN D 30 9.10 -7.02 -3.84
CA GLN D 30 10.28 -7.88 -3.78
C GLN D 30 11.08 -7.75 -5.07
N SER D 31 12.34 -7.34 -4.94
CA SER D 31 13.21 -7.24 -6.10
C SER D 31 14.20 -8.40 -6.14
N VAL D 32 14.27 -9.05 -7.30
CA VAL D 32 15.22 -10.14 -7.51
C VAL D 32 15.86 -9.99 -8.88
N GLY D 33 17.13 -9.60 -8.90
CA GLY D 33 17.80 -9.27 -10.13
C GLY D 33 17.27 -7.94 -10.64
N GLU D 34 16.82 -7.92 -11.90
CA GLU D 34 16.24 -6.72 -12.47
C GLU D 34 14.72 -6.82 -12.52
N LYS D 35 14.18 -7.86 -11.91
CA LYS D 35 12.73 -8.06 -11.86
C LYS D 35 12.16 -7.59 -10.53
N ILE D 36 10.93 -7.10 -10.56
CA ILE D 36 10.26 -6.62 -9.36
C ILE D 36 8.87 -7.22 -9.21
N PHE D 37 8.63 -7.90 -8.10
CA PHE D 37 7.31 -8.41 -7.78
C PHE D 37 6.58 -7.43 -6.87
N LYS D 38 5.32 -7.18 -7.16
CA LYS D 38 4.48 -6.38 -6.26
C LYS D 38 3.06 -6.94 -6.19
N THR D 39 2.59 -7.15 -4.96
CA THR D 39 1.26 -7.68 -4.74
C THR D 39 0.26 -6.55 -4.47
N ALA D 40 -0.96 -6.72 -4.96
CA ALA D 40 -2.01 -5.75 -4.72
C ALA D 40 -2.59 -5.91 -3.32
N GLY D 41 -2.38 -7.09 -2.74
CA GLY D 41 -2.84 -7.36 -1.39
C GLY D 41 -4.18 -8.08 -1.33
N PHE D 42 -4.85 -8.18 -2.48
CA PHE D 42 -6.16 -8.82 -2.56
C PHE D 42 -6.18 -9.97 -3.57
N VAL D 43 -7.21 -10.79 -3.48
CA VAL D 43 -7.34 -11.95 -4.37
C VAL D 43 -8.35 -11.72 -5.48
N LYS D 44 -8.09 -12.31 -6.63
CA LYS D 44 -8.96 -12.18 -7.79
C LYS D 44 -8.88 -13.44 -8.64
N PRO D 45 -9.93 -13.72 -9.43
CA PRO D 45 -9.84 -14.80 -10.40
C PRO D 45 -8.75 -14.49 -11.42
N PHE D 46 -8.28 -15.50 -12.15
CA PHE D 46 -7.15 -15.33 -13.05
C PHE D 46 -7.32 -14.20 -14.07
N THR D 47 -8.43 -14.22 -14.79
CA THR D 47 -8.65 -13.26 -15.88
C THR D 47 -8.62 -11.81 -15.41
N GLU D 48 -9.21 -11.54 -14.25
CA GLU D 48 -9.21 -10.19 -13.70
C GLU D 48 -7.82 -9.86 -13.15
N ALA D 49 -7.17 -10.85 -12.55
CA ALA D 49 -5.83 -10.67 -12.04
C ALA D 49 -4.88 -10.35 -13.20
N GLN D 50 -5.02 -11.08 -14.30
CA GLN D 50 -4.20 -10.88 -15.49
C GLN D 50 -4.45 -9.51 -16.11
N LEU D 51 -5.71 -9.09 -16.12
CA LEU D 51 -6.07 -7.79 -16.69
C LEU D 51 -5.50 -6.64 -15.87
N LEU D 52 -5.46 -6.82 -14.56
CA LEU D 52 -4.94 -5.80 -13.66
C LEU D 52 -3.43 -5.63 -13.83
N CYS D 53 -2.72 -6.74 -13.98
CA CYS D 53 -1.28 -6.70 -14.16
C CYS D 53 -0.88 -6.07 -15.48
N THR D 54 -1.56 -6.48 -16.56
CA THR D 54 -1.23 -6.00 -17.89
C THR D 54 -1.56 -4.52 -18.07
N GLN D 55 -2.68 -4.09 -17.48
CA GLN D 55 -3.07 -2.69 -17.56
C GLN D 55 -2.16 -1.82 -16.68
N ALA D 56 -1.46 -2.46 -15.75
CA ALA D 56 -0.53 -1.77 -14.87
C ALA D 56 0.83 -1.61 -15.55
N GLY D 57 1.00 -2.28 -16.68
CA GLY D 57 2.23 -2.17 -17.45
C GLY D 57 3.15 -3.37 -17.30
N GLY D 58 2.66 -4.41 -16.63
CA GLY D 58 3.44 -5.61 -16.42
C GLY D 58 2.67 -6.86 -16.75
N GLN D 59 2.92 -7.92 -15.98
CA GLN D 59 2.24 -9.20 -16.17
C GLN D 59 2.23 -9.96 -14.85
N LEU D 60 1.45 -11.03 -14.81
CA LEU D 60 1.37 -11.86 -13.62
C LEU D 60 2.74 -12.45 -13.26
N ALA D 61 2.95 -12.72 -11.98
CA ALA D 61 4.22 -13.25 -11.51
C ALA D 61 4.68 -14.44 -12.35
N SER D 62 5.88 -14.34 -12.90
CA SER D 62 6.43 -15.39 -13.74
C SER D 62 7.83 -15.79 -13.27
N PRO D 63 7.90 -16.52 -12.14
CA PRO D 63 9.18 -16.98 -11.59
C PRO D 63 9.91 -17.92 -12.54
N ARG D 64 11.11 -17.53 -12.96
CA ARG D 64 11.89 -18.32 -13.91
C ARG D 64 13.09 -18.99 -13.27
N SER D 65 13.24 -18.82 -11.96
CA SER D 65 14.35 -19.44 -11.23
C SER D 65 13.98 -19.65 -9.76
N ALA D 66 14.80 -20.42 -9.06
CA ALA D 66 14.59 -20.68 -7.63
C ALA D 66 14.66 -19.38 -6.85
N ALA D 67 15.57 -18.50 -7.27
CA ALA D 67 15.75 -17.21 -6.60
C ALA D 67 14.51 -16.34 -6.75
N GLU D 68 13.97 -16.27 -7.96
CA GLU D 68 12.76 -15.51 -8.22
C GLU D 68 11.56 -16.14 -7.51
N ASN D 69 11.52 -17.47 -7.51
CA ASN D 69 10.44 -18.20 -6.86
C ASN D 69 10.47 -17.98 -5.35
N ALA D 70 11.66 -17.86 -4.80
CA ALA D 70 11.83 -17.63 -3.37
C ALA D 70 11.38 -16.22 -2.97
N ALA D 71 11.75 -15.23 -3.77
CA ALA D 71 11.33 -13.86 -3.52
C ALA D 71 9.82 -13.73 -3.61
N LEU D 72 9.25 -14.33 -4.65
CA LEU D 72 7.81 -14.33 -4.85
C LEU D 72 7.11 -15.01 -3.67
N GLN D 73 7.74 -16.06 -3.17
CA GLN D 73 7.18 -16.84 -2.07
C GLN D 73 7.00 -16.02 -0.80
N GLN D 74 7.92 -15.10 -0.56
CA GLN D 74 7.89 -14.28 0.65
C GLN D 74 6.71 -13.32 0.66
N LEU D 75 6.25 -12.91 -0.52
CA LEU D 75 5.07 -12.06 -0.62
C LEU D 75 3.82 -12.88 -0.30
N VAL D 76 3.83 -14.14 -0.74
CA VAL D 76 2.73 -15.06 -0.47
C VAL D 76 2.65 -15.39 1.00
N VAL D 77 3.82 -15.57 1.61
CA VAL D 77 3.90 -15.88 3.04
C VAL D 77 3.41 -14.71 3.88
N ALA D 78 3.80 -13.50 3.50
CA ALA D 78 3.42 -12.30 4.22
C ALA D 78 1.91 -12.10 4.20
N LYS D 79 1.28 -12.52 3.11
CA LYS D 79 -0.16 -12.34 2.95
C LYS D 79 -0.92 -13.60 3.36
N ASN D 80 -0.21 -14.71 3.50
CA ASN D 80 -0.85 -15.97 3.81
C ASN D 80 -1.90 -16.31 2.76
N GLU D 81 -1.59 -15.97 1.51
CA GLU D 81 -2.52 -16.16 0.41
C GLU D 81 -1.78 -16.65 -0.83
N ALA D 82 -2.09 -17.87 -1.27
CA ALA D 82 -1.49 -18.42 -2.48
C ALA D 82 -1.79 -17.50 -3.65
N ALA D 83 -0.82 -17.31 -4.54
CA ALA D 83 -0.96 -16.36 -5.63
C ALA D 83 -0.97 -17.03 -7.01
N PHE D 84 -1.52 -16.33 -8.00
CA PHE D 84 -1.54 -16.81 -9.37
C PHE D 84 -0.22 -16.50 -10.07
N LEU D 85 0.20 -17.43 -10.92
CA LEU D 85 1.33 -17.17 -11.81
C LEU D 85 0.77 -16.84 -13.19
N SER D 86 1.63 -16.43 -14.11
CA SER D 86 1.17 -16.04 -15.43
C SER D 86 0.98 -17.24 -16.35
N MET D 87 1.65 -18.34 -16.03
CA MET D 87 1.70 -19.50 -16.92
C MET D 87 0.44 -20.36 -16.91
N THR D 88 0.08 -20.88 -18.08
CA THR D 88 -1.09 -21.72 -18.24
C THR D 88 -0.87 -22.78 -19.31
N ASP D 89 -1.67 -23.84 -19.27
CA ASP D 89 -1.64 -24.86 -20.31
C ASP D 89 -2.97 -24.89 -21.06
N SER D 90 -3.55 -23.70 -21.26
CA SER D 90 -4.85 -23.58 -21.91
C SER D 90 -4.81 -24.00 -23.37
N LYS D 91 -3.78 -23.59 -24.09
CA LYS D 91 -3.65 -23.95 -25.49
C LYS D 91 -3.41 -25.44 -25.65
N THR D 92 -2.25 -25.91 -25.20
CA THR D 92 -1.93 -27.33 -25.24
C THR D 92 -1.95 -27.90 -23.83
N GLU D 93 -3.03 -28.62 -23.51
CA GLU D 93 -3.17 -29.24 -22.20
C GLU D 93 -1.91 -30.01 -21.82
N GLY D 94 -1.47 -29.85 -20.59
CA GLY D 94 -0.28 -30.53 -20.10
C GLY D 94 0.99 -29.76 -20.36
N LYS D 95 0.94 -28.85 -21.32
CA LYS D 95 2.08 -28.01 -21.66
C LYS D 95 1.89 -26.59 -21.18
N PHE D 96 2.49 -26.26 -20.04
CA PHE D 96 2.40 -24.91 -19.49
C PHE D 96 3.42 -23.97 -20.14
N THR D 97 2.97 -22.77 -20.45
CA THR D 97 3.81 -21.81 -21.16
C THR D 97 3.68 -20.40 -20.58
N TYR D 98 4.66 -19.56 -20.86
CA TYR D 98 4.60 -18.16 -20.46
C TYR D 98 3.74 -17.39 -21.47
N PRO D 99 3.46 -16.11 -21.18
CA PRO D 99 2.69 -15.27 -22.10
C PRO D 99 3.28 -15.25 -23.50
N THR D 100 4.58 -15.51 -23.61
CA THR D 100 5.24 -15.53 -24.90
C THR D 100 4.96 -16.83 -25.67
N GLY D 101 4.56 -17.86 -24.94
CA GLY D 101 4.23 -19.13 -25.55
C GLY D 101 5.31 -20.19 -25.39
N GLU D 102 6.48 -19.78 -24.92
CA GLU D 102 7.58 -20.71 -24.71
C GLU D 102 7.34 -21.55 -23.46
N SER D 103 7.86 -22.77 -23.45
CA SER D 103 7.67 -23.69 -22.34
C SER D 103 8.48 -23.31 -21.11
N LEU D 104 8.06 -23.81 -19.96
CA LEU D 104 8.72 -23.51 -18.69
C LEU D 104 10.21 -23.82 -18.70
N VAL D 105 11.00 -22.87 -18.21
CA VAL D 105 12.43 -23.08 -18.04
C VAL D 105 12.71 -23.40 -16.58
N TYR D 106 11.66 -23.34 -15.77
CA TYR D 106 11.76 -23.64 -14.35
C TYR D 106 10.39 -23.99 -13.78
N SER D 107 10.37 -24.89 -12.81
CA SER D 107 9.13 -25.28 -12.16
C SER D 107 9.39 -25.77 -10.75
N ASN D 108 8.37 -25.71 -9.91
CA ASN D 108 8.47 -26.15 -8.53
C ASN D 108 7.17 -26.82 -8.09
N TRP D 109 6.71 -27.78 -8.89
CA TRP D 109 5.45 -28.46 -8.63
C TRP D 109 5.43 -29.18 -7.29
N ALA D 110 4.29 -29.13 -6.62
CA ALA D 110 4.09 -29.89 -5.40
C ALA D 110 3.96 -31.37 -5.78
N PRO D 111 4.15 -32.26 -4.80
CA PRO D 111 4.03 -33.71 -5.06
C PRO D 111 2.69 -34.06 -5.70
N GLY D 112 2.74 -34.70 -6.87
CA GLY D 112 1.53 -35.14 -7.55
C GLY D 112 0.99 -34.12 -8.52
N GLU D 113 1.62 -32.96 -8.58
CA GLU D 113 1.20 -31.90 -9.49
C GLU D 113 2.20 -31.77 -10.63
N PRO D 114 1.75 -31.27 -11.79
CA PRO D 114 0.35 -30.90 -12.03
C PRO D 114 -0.51 -32.11 -12.38
N ASN D 115 -1.81 -32.05 -12.06
CA ASN D 115 -2.68 -33.19 -12.26
C ASN D 115 -3.93 -32.90 -13.10
N ASP D 116 -4.16 -31.63 -13.42
CA ASP D 116 -5.33 -31.23 -14.19
C ASP D 116 -6.59 -31.86 -13.59
N ALA D 117 -6.71 -31.78 -12.27
CA ALA D 117 -7.82 -32.40 -11.56
C ALA D 117 -9.17 -32.01 -12.16
N GLY D 118 -10.02 -33.01 -12.36
CA GLY D 118 -11.34 -32.78 -12.92
C GLY D 118 -11.23 -32.40 -14.39
N GLY D 119 -10.03 -32.51 -14.94
CA GLY D 119 -9.78 -32.17 -16.33
C GLY D 119 -10.08 -30.71 -16.61
N SER D 120 -9.91 -29.87 -15.61
CA SER D 120 -10.19 -28.45 -15.73
C SER D 120 -9.27 -27.57 -14.89
N GLU D 121 -7.97 -27.87 -14.92
CA GLU D 121 -7.00 -27.04 -14.24
C GLU D 121 -5.90 -26.57 -15.20
N ASP D 122 -6.01 -25.33 -15.65
CA ASP D 122 -5.07 -24.78 -16.62
C ASP D 122 -4.27 -23.59 -16.08
N CYS D 123 -4.52 -23.22 -14.83
CA CYS D 123 -3.78 -22.13 -14.20
C CYS D 123 -2.87 -22.65 -13.11
N VAL D 124 -1.96 -21.79 -12.65
CA VAL D 124 -0.97 -22.18 -11.65
C VAL D 124 -0.97 -21.24 -10.45
N GLU D 125 -0.90 -21.83 -9.26
CA GLU D 125 -0.81 -21.06 -8.03
C GLU D 125 0.44 -21.43 -7.27
N ILE D 126 0.95 -20.50 -6.47
CA ILE D 126 2.12 -20.78 -5.64
C ILE D 126 1.75 -20.67 -4.17
N PHE D 127 2.18 -21.66 -3.39
CA PHE D 127 1.82 -21.73 -1.97
C PHE D 127 2.82 -21.00 -1.10
N THR D 128 2.53 -20.95 0.20
CA THR D 128 3.41 -20.30 1.16
C THR D 128 4.72 -21.07 1.31
N ASN D 129 4.71 -22.34 0.89
CA ASN D 129 5.91 -23.16 0.93
C ASN D 129 6.67 -23.13 -0.39
N GLY D 130 6.18 -22.32 -1.33
CA GLY D 130 6.85 -22.12 -2.59
C GLY D 130 6.48 -23.10 -3.68
N LYS D 131 5.73 -24.14 -3.31
CA LYS D 131 5.37 -25.18 -4.26
C LYS D 131 4.22 -24.75 -5.17
N TRP D 132 4.18 -25.34 -6.37
CA TRP D 132 3.17 -24.98 -7.36
C TRP D 132 2.03 -26.00 -7.42
N ASN D 133 0.86 -25.54 -7.81
CA ASN D 133 -0.28 -26.40 -8.08
C ASN D 133 -1.09 -25.86 -9.25
N ASP D 134 -1.34 -26.71 -10.24
CA ASP D 134 -2.22 -26.32 -11.33
C ASP D 134 -3.65 -26.30 -10.79
N VAL D 135 -4.32 -25.17 -10.98
CA VAL D 135 -5.62 -24.94 -10.36
C VAL D 135 -6.60 -24.33 -11.36
N ALA D 136 -7.88 -24.41 -11.04
CA ALA D 136 -8.92 -23.83 -11.88
C ALA D 136 -8.76 -22.31 -11.97
N CYS D 137 -8.82 -21.78 -13.18
CA CYS D 137 -8.62 -20.36 -13.41
C CYS D 137 -9.71 -19.51 -12.79
N GLY D 138 -10.81 -20.14 -12.40
CA GLY D 138 -11.95 -19.43 -11.83
C GLY D 138 -11.78 -19.12 -10.37
N GLU D 139 -10.77 -19.74 -9.75
CA GLU D 139 -10.52 -19.55 -8.33
C GLU D 139 -9.92 -18.18 -8.01
N LYS D 140 -10.17 -17.69 -6.80
CA LYS D 140 -9.63 -16.42 -6.36
C LYS D 140 -8.29 -16.62 -5.65
N ARG D 141 -7.24 -16.02 -6.20
CA ARG D 141 -5.91 -16.12 -5.61
C ARG D 141 -5.25 -14.75 -5.53
N LEU D 142 -4.23 -14.64 -4.67
CA LEU D 142 -3.52 -13.39 -4.48
C LEU D 142 -3.00 -12.85 -5.79
N VAL D 143 -3.16 -11.54 -6.00
CA VAL D 143 -2.71 -10.91 -7.24
C VAL D 143 -1.30 -10.34 -7.09
N VAL D 144 -0.34 -10.96 -7.78
CA VAL D 144 1.04 -10.50 -7.76
C VAL D 144 1.55 -10.27 -9.17
N CYS D 145 2.00 -9.06 -9.45
CA CYS D 145 2.51 -8.71 -10.76
C CYS D 145 4.03 -8.61 -10.73
N GLU D 146 4.64 -8.67 -11.91
CA GLU D 146 6.08 -8.47 -12.01
C GLU D 146 6.37 -7.34 -12.98
N PHE D 147 7.39 -6.55 -12.68
CA PHE D 147 7.76 -5.42 -13.52
C PHE D 147 9.25 -5.43 -13.82
N GLY E 8 22.70 17.78 -20.01
CA GLY E 8 21.78 16.93 -20.73
C GLY E 8 20.33 17.30 -20.48
N GLN E 9 19.49 16.29 -20.29
CA GLN E 9 18.07 16.50 -20.01
C GLN E 9 17.70 15.89 -18.66
N VAL E 10 18.63 15.96 -17.72
CA VAL E 10 18.44 15.36 -16.40
C VAL E 10 17.36 16.08 -15.60
N GLN E 11 17.33 17.42 -15.71
CA GLN E 11 16.36 18.22 -14.99
C GLN E 11 14.94 17.76 -15.31
N HIS E 12 14.77 17.12 -16.46
CA HIS E 12 13.50 16.52 -16.81
C HIS E 12 13.25 15.30 -15.93
N LEU E 13 14.31 14.51 -15.72
CA LEU E 13 14.22 13.31 -14.90
C LEU E 13 14.07 13.68 -13.43
N GLN E 14 14.70 14.78 -13.04
CA GLN E 14 14.58 15.30 -11.68
C GLN E 14 13.15 15.75 -11.42
N ALA E 15 12.50 16.27 -12.46
CA ALA E 15 11.14 16.79 -12.34
C ALA E 15 10.13 15.66 -12.20
N ALA E 16 10.36 14.56 -12.92
CA ALA E 16 9.49 13.40 -12.82
C ALA E 16 9.72 12.69 -11.49
N PHE E 17 10.97 12.69 -11.04
CA PHE E 17 11.34 12.09 -9.77
C PHE E 17 10.73 12.86 -8.61
N SER E 18 10.82 14.18 -8.67
CA SER E 18 10.20 15.04 -7.67
C SER E 18 8.71 14.77 -7.55
N GLN E 19 8.11 14.38 -8.67
CA GLN E 19 6.68 14.08 -8.72
C GLN E 19 6.36 12.75 -8.07
N TYR E 20 7.07 11.71 -8.48
CA TYR E 20 6.86 10.37 -7.93
C TYR E 20 7.30 10.26 -6.49
N LYS E 21 8.17 11.18 -6.07
CA LYS E 21 8.59 11.27 -4.68
C LYS E 21 7.38 11.54 -3.80
N LYS E 22 6.54 12.47 -4.23
CA LYS E 22 5.34 12.84 -3.48
C LYS E 22 4.28 11.75 -3.59
N VAL E 23 4.23 11.09 -4.74
CA VAL E 23 3.25 10.02 -4.95
C VAL E 23 3.56 8.84 -4.05
N GLU E 24 4.84 8.52 -3.94
CA GLU E 24 5.29 7.41 -3.10
C GLU E 24 4.97 7.65 -1.62
N LEU E 25 5.32 8.83 -1.13
CA LEU E 25 5.20 9.13 0.30
C LEU E 25 3.76 9.26 0.77
N PHE E 26 2.82 9.28 -0.16
CA PHE E 26 1.41 9.34 0.19
C PHE E 26 0.77 7.95 0.12
N PRO E 27 0.12 7.52 1.21
CA PRO E 27 -0.03 8.28 2.45
C PRO E 27 0.77 7.70 3.63
N ASN E 28 1.59 6.70 3.36
CA ASN E 28 2.28 5.97 4.44
C ASN E 28 3.74 6.38 4.63
N GLY E 29 4.14 7.50 4.05
CA GLY E 29 5.52 7.93 4.10
C GLY E 29 5.72 9.33 4.66
N GLN E 30 6.90 9.56 5.23
CA GLN E 30 7.27 10.86 5.76
C GLN E 30 8.76 11.13 5.56
N SER E 31 9.07 12.21 4.87
CA SER E 31 10.46 12.59 4.63
C SER E 31 10.87 13.76 5.52
N VAL E 32 11.98 13.59 6.24
CA VAL E 32 12.52 14.64 7.09
C VAL E 32 14.03 14.71 6.92
N GLY E 33 14.51 15.76 6.26
CA GLY E 33 15.91 15.84 5.90
C GLY E 33 16.19 14.86 4.78
N GLU E 34 17.21 14.03 4.96
CA GLU E 34 17.54 13.00 3.99
C GLU E 34 17.06 11.62 4.44
N LYS E 35 16.26 11.60 5.51
CA LYS E 35 15.72 10.36 6.04
C LYS E 35 14.27 10.18 5.61
N ILE E 36 13.85 8.93 5.43
CA ILE E 36 12.49 8.61 5.03
C ILE E 36 11.87 7.57 5.93
N PHE E 37 10.74 7.91 6.54
CA PHE E 37 9.98 6.96 7.33
C PHE E 37 8.85 6.37 6.50
N LYS E 38 8.69 5.05 6.56
CA LYS E 38 7.55 4.41 5.93
C LYS E 38 6.98 3.31 6.82
N THR E 39 5.67 3.35 7.04
CA THR E 39 5.00 2.35 7.84
C THR E 39 4.41 1.26 6.96
N ALA E 40 4.40 0.04 7.46
CA ALA E 40 3.81 -1.08 6.75
C ALA E 40 2.29 -1.08 6.90
N GLY E 41 1.82 -0.42 7.96
CA GLY E 41 0.40 -0.32 8.22
C GLY E 41 -0.13 -1.34 9.20
N PHE E 42 0.71 -2.29 9.59
CA PHE E 42 0.32 -3.34 10.52
C PHE E 42 1.25 -3.42 11.72
N VAL E 43 0.82 -4.13 12.74
CA VAL E 43 1.60 -4.25 13.98
C VAL E 43 2.28 -5.60 14.09
N LYS E 44 3.48 -5.59 14.68
CA LYS E 44 4.25 -6.81 14.88
C LYS E 44 5.09 -6.71 16.14
N PRO E 45 5.46 -7.85 16.72
CA PRO E 45 6.43 -7.86 17.83
C PRO E 45 7.75 -7.28 17.34
N PHE E 46 8.60 -6.86 18.27
CA PHE E 46 9.84 -6.17 17.90
C PHE E 46 10.73 -6.97 16.95
N THR E 47 11.01 -8.23 17.29
CA THR E 47 11.94 -9.03 16.51
C THR E 47 11.51 -9.21 15.06
N GLU E 48 10.20 -9.41 14.84
CA GLU E 48 9.69 -9.56 13.48
C GLU E 48 9.66 -8.21 12.78
N ALA E 49 9.34 -7.16 13.52
CA ALA E 49 9.35 -5.80 12.98
C ALA E 49 10.76 -5.43 12.55
N GLN E 50 11.74 -5.74 13.41
CA GLN E 50 13.13 -5.48 13.12
C GLN E 50 13.59 -6.23 11.88
N LEU E 51 13.20 -7.50 11.80
CA LEU E 51 13.58 -8.35 10.68
C LEU E 51 13.02 -7.84 9.36
N LEU E 52 11.78 -7.34 9.40
CA LEU E 52 11.15 -6.82 8.21
C LEU E 52 11.85 -5.55 7.71
N CYS E 53 12.21 -4.68 8.63
CA CYS E 53 12.89 -3.44 8.28
C CYS E 53 14.27 -3.67 7.70
N THR E 54 15.04 -4.56 8.33
CA THR E 54 16.40 -4.84 7.90
C THR E 54 16.44 -5.56 6.55
N GLN E 55 15.51 -6.50 6.35
CA GLN E 55 15.43 -7.23 5.09
C GLN E 55 14.92 -6.33 3.97
N ALA E 56 14.31 -5.21 4.35
CA ALA E 56 13.80 -4.25 3.37
C ALA E 56 14.89 -3.28 2.94
N GLY E 57 16.02 -3.33 3.64
CA GLY E 57 17.16 -2.50 3.30
C GLY E 57 17.36 -1.32 4.23
N GLY E 58 16.61 -1.29 5.32
CA GLY E 58 16.71 -0.21 6.28
C GLY E 58 16.76 -0.70 7.72
N GLN E 59 16.12 0.06 8.61
CA GLN E 59 16.05 -0.31 10.02
C GLN E 59 14.81 0.31 10.65
N LEU E 60 14.50 -0.10 11.87
CA LEU E 60 13.36 0.45 12.58
C LEU E 60 13.53 1.96 12.78
N ALA E 61 12.41 2.67 12.88
CA ALA E 61 12.43 4.11 13.05
C ALA E 61 13.38 4.52 14.17
N SER E 62 14.31 5.42 13.85
CA SER E 62 15.28 5.88 14.82
C SER E 62 15.35 7.41 14.85
N PRO E 63 14.32 8.04 15.44
CA PRO E 63 14.26 9.50 15.52
C PRO E 63 15.42 10.07 16.33
N ARG E 64 16.22 10.92 15.70
CA ARG E 64 17.39 11.50 16.36
C ARG E 64 17.21 12.98 16.68
N SER E 65 16.04 13.53 16.35
CA SER E 65 15.75 14.93 16.62
C SER E 65 14.25 15.15 16.81
N ALA E 66 13.89 16.33 17.28
CA ALA E 66 12.48 16.68 17.45
C ALA E 66 11.79 16.70 16.09
N ALA E 67 12.48 17.19 15.07
CA ALA E 67 11.93 17.25 13.73
C ALA E 67 11.62 15.86 13.19
N GLU E 68 12.56 14.94 13.37
CA GLU E 68 12.36 13.55 12.95
C GLU E 68 11.29 12.88 13.78
N ASN E 69 11.27 13.18 15.06
CA ASN E 69 10.27 12.61 15.97
C ASN E 69 8.87 13.07 15.59
N ALA E 70 8.76 14.33 15.18
CA ALA E 70 7.47 14.91 14.78
C ALA E 70 6.95 14.27 13.50
N ALA E 71 7.83 14.07 12.54
CA ALA E 71 7.46 13.44 11.27
C ALA E 71 6.99 12.01 11.49
N LEU E 72 7.76 11.28 12.31
CA LEU E 72 7.42 9.90 12.66
C LEU E 72 6.08 9.86 13.39
N GLN E 73 5.86 10.85 14.25
CA GLN E 73 4.64 10.93 15.05
C GLN E 73 3.39 10.99 14.18
N GLN E 74 3.50 11.66 13.03
CA GLN E 74 2.35 11.82 12.15
C GLN E 74 1.91 10.52 11.48
N LEU E 75 2.85 9.60 11.30
CA LEU E 75 2.51 8.28 10.78
C LEU E 75 1.78 7.49 11.85
N VAL E 76 2.21 7.65 13.09
CA VAL E 76 1.57 6.99 14.23
C VAL E 76 0.16 7.52 14.43
N VAL E 77 0.01 8.84 14.31
CA VAL E 77 -1.29 9.47 14.47
C VAL E 77 -2.27 9.03 13.41
N ALA E 78 -1.78 8.94 12.16
CA ALA E 78 -2.62 8.55 11.04
C ALA E 78 -3.12 7.12 11.19
N LYS E 79 -2.33 6.29 11.85
CA LYS E 79 -2.67 4.89 12.03
C LYS E 79 -3.34 4.65 13.37
N ASN E 80 -3.23 5.62 14.27
CA ASN E 80 -3.73 5.46 15.63
C ASN E 80 -3.11 4.22 16.27
N GLU E 81 -1.82 4.00 16.00
CA GLU E 81 -1.12 2.83 16.49
C GLU E 81 0.30 3.18 16.90
N ALA E 82 0.60 3.05 18.20
CA ALA E 82 1.96 3.30 18.69
C ALA E 82 2.95 2.42 17.95
N ALA E 83 4.12 2.96 17.64
CA ALA E 83 5.10 2.25 16.83
C ALA E 83 6.38 1.94 17.59
N PHE E 84 7.09 0.91 17.14
CA PHE E 84 8.37 0.55 17.71
C PHE E 84 9.48 1.43 17.17
N LEU E 85 10.44 1.74 18.04
CA LEU E 85 11.67 2.39 17.60
C LEU E 85 12.76 1.33 17.54
N SER E 86 13.91 1.68 16.98
CA SER E 86 15.00 0.72 16.82
C SER E 86 15.81 0.54 18.11
N MET E 87 15.74 1.54 18.99
CA MET E 87 16.59 1.57 20.17
C MET E 87 16.14 0.64 21.29
N THR E 88 17.12 0.09 22.00
CA THR E 88 16.86 -0.83 23.11
C THR E 88 17.94 -0.74 24.17
N ASP E 89 17.64 -1.21 25.38
CA ASP E 89 18.62 -1.27 26.45
C ASP E 89 18.86 -2.72 26.86
N SER E 90 18.85 -3.61 25.87
CA SER E 90 18.99 -5.05 26.12
C SER E 90 20.37 -5.42 26.65
N LYS E 91 21.41 -4.83 26.07
CA LYS E 91 22.77 -5.12 26.50
C LYS E 91 23.00 -4.57 27.90
N THR E 92 22.98 -3.25 28.02
CA THR E 92 23.14 -2.60 29.31
C THR E 92 21.81 -2.00 29.76
N GLU E 93 21.13 -2.69 30.68
CA GLU E 93 19.87 -2.21 31.20
C GLU E 93 19.96 -0.75 31.62
N GLY E 94 18.97 0.04 31.23
CA GLY E 94 18.94 1.44 31.58
C GLY E 94 19.61 2.31 30.54
N LYS E 95 20.51 1.71 29.77
CA LYS E 95 21.22 2.44 28.73
C LYS E 95 20.69 2.08 27.34
N PHE E 96 19.84 2.94 26.80
CA PHE E 96 19.28 2.72 25.48
C PHE E 96 20.25 3.17 24.38
N THR E 97 20.36 2.35 23.34
CA THR E 97 21.32 2.63 22.27
C THR E 97 20.72 2.35 20.90
N TYR E 98 21.33 2.92 19.87
CA TYR E 98 20.93 2.64 18.50
C TYR E 98 21.57 1.33 18.05
N PRO E 99 21.17 0.84 16.87
CA PRO E 99 21.77 -0.39 16.32
C PRO E 99 23.29 -0.33 16.29
N THR E 100 23.85 0.87 16.23
CA THR E 100 25.30 1.03 16.20
C THR E 100 25.90 0.84 17.59
N GLY E 101 25.07 0.99 18.61
CA GLY E 101 25.51 0.80 19.97
C GLY E 101 25.75 2.09 20.72
N GLU E 102 25.76 3.20 19.99
CA GLU E 102 25.96 4.51 20.62
C GLU E 102 24.71 4.93 21.38
N SER E 103 24.90 5.72 22.43
CA SER E 103 23.79 6.14 23.28
C SER E 103 22.93 7.20 22.61
N LEU E 104 21.71 7.36 23.13
CA LEU E 104 20.74 8.32 22.57
C LEU E 104 21.29 9.74 22.50
N VAL E 105 21.10 10.37 21.34
CA VAL E 105 21.45 11.77 21.16
C VAL E 105 20.20 12.62 21.29
N TYR E 106 19.07 11.94 21.39
CA TYR E 106 17.77 12.60 21.55
C TYR E 106 16.77 11.64 22.18
N SER E 107 15.84 12.19 22.96
CA SER E 107 14.80 11.39 23.59
C SER E 107 13.57 12.22 23.89
N ASN E 108 12.42 11.56 23.98
CA ASN E 108 11.16 12.25 24.28
C ASN E 108 10.30 11.38 25.19
N TRP E 109 10.88 10.94 26.30
CA TRP E 109 10.20 10.05 27.22
C TRP E 109 8.96 10.69 27.82
N ALA E 110 7.92 9.87 28.00
CA ALA E 110 6.71 10.31 28.69
C ALA E 110 7.04 10.45 30.17
N PRO E 111 6.17 11.15 30.91
CA PRO E 111 6.37 11.33 32.36
C PRO E 111 6.51 9.99 33.07
N GLY E 112 7.62 9.80 33.77
CA GLY E 112 7.83 8.58 34.55
C GLY E 112 8.54 7.48 33.77
N GLU E 113 8.83 7.75 32.51
CA GLU E 113 9.53 6.78 31.66
C GLU E 113 10.95 7.26 31.37
N PRO E 114 11.87 6.32 31.12
CA PRO E 114 11.60 4.87 31.11
C PRO E 114 11.65 4.29 32.52
N ASN E 115 10.87 3.23 32.76
CA ASN E 115 10.76 2.65 34.08
C ASN E 115 11.11 1.16 34.17
N ASP E 116 11.33 0.53 33.03
CA ASP E 116 11.64 -0.90 32.98
C ASP E 116 10.63 -1.67 33.84
N ALA E 117 9.35 -1.37 33.64
CA ALA E 117 8.28 -1.97 34.44
C ALA E 117 8.35 -3.49 34.45
N GLY E 118 8.24 -4.07 35.63
CA GLY E 118 8.31 -5.52 35.79
C GLY E 118 9.71 -6.03 35.53
N GLY E 119 10.66 -5.12 35.39
CA GLY E 119 12.04 -5.46 35.13
C GLY E 119 12.22 -6.16 33.80
N SER E 120 11.32 -5.88 32.86
CA SER E 120 11.34 -6.53 31.55
C SER E 120 10.86 -5.63 30.43
N GLU E 121 11.35 -4.40 30.41
CA GLU E 121 11.04 -3.47 29.32
C GLU E 121 12.33 -2.93 28.69
N ASP E 122 12.71 -3.51 27.56
CA ASP E 122 13.95 -3.12 26.90
C ASP E 122 13.73 -2.49 25.53
N CYS E 123 12.49 -2.42 25.10
CA CYS E 123 12.15 -1.80 23.83
C CYS E 123 11.45 -0.46 24.01
N VAL E 124 11.34 0.30 22.92
CA VAL E 124 10.74 1.62 22.99
C VAL E 124 9.62 1.79 21.98
N GLU E 125 8.55 2.45 22.41
CA GLU E 125 7.42 2.75 21.54
C GLU E 125 7.17 4.25 21.52
N ILE E 126 6.57 4.73 20.44
CA ILE E 126 6.21 6.15 20.34
C ILE E 126 4.70 6.30 20.19
N PHE E 127 4.13 7.17 21.00
CA PHE E 127 2.69 7.36 21.03
C PHE E 127 2.22 8.38 20.01
N THR E 128 0.90 8.56 19.92
CA THR E 128 0.31 9.52 19.00
C THR E 128 0.64 10.94 19.42
N ASN E 129 1.01 11.12 20.69
CA ASN E 129 1.41 12.42 21.18
C ASN E 129 2.92 12.63 21.07
N GLY E 130 3.62 11.64 20.52
CA GLY E 130 5.03 11.75 20.25
C GLY E 130 5.93 11.34 21.41
N LYS E 131 5.33 11.04 22.55
CA LYS E 131 6.10 10.66 23.74
C LYS E 131 6.55 9.21 23.68
N TRP E 132 7.66 8.92 24.34
CA TRP E 132 8.21 7.56 24.33
C TRP E 132 7.86 6.78 25.59
N ASN E 133 7.84 5.46 25.45
CA ASN E 133 7.67 4.56 26.58
C ASN E 133 8.48 3.29 26.36
N ASP E 134 9.33 2.94 27.32
CA ASP E 134 10.03 1.67 27.24
C ASP E 134 9.02 0.56 27.51
N VAL E 135 8.95 -0.41 26.60
CA VAL E 135 7.91 -1.43 26.64
C VAL E 135 8.48 -2.81 26.35
N ALA E 136 7.74 -3.85 26.74
CA ALA E 136 8.15 -5.22 26.49
C ALA E 136 8.29 -5.48 25.00
N CYS E 137 9.40 -6.10 24.60
CA CYS E 137 9.69 -6.35 23.19
C CYS E 137 8.72 -7.33 22.56
N GLY E 138 7.97 -8.05 23.40
CA GLY E 138 7.03 -9.04 22.92
C GLY E 138 5.70 -8.46 22.46
N GLU E 139 5.47 -7.19 22.77
CA GLU E 139 4.22 -6.52 22.42
C GLU E 139 4.15 -6.22 20.92
N LYS E 140 2.93 -6.18 20.39
CA LYS E 140 2.72 -5.84 18.99
C LYS E 140 2.55 -4.34 18.82
N ARG E 141 3.44 -3.73 18.05
CA ARG E 141 3.35 -2.30 17.78
C ARG E 141 3.50 -2.02 16.29
N LEU E 142 3.03 -0.85 15.86
CA LEU E 142 3.09 -0.47 14.46
C LEU E 142 4.51 -0.58 13.92
N VAL E 143 4.65 -1.13 12.72
CA VAL E 143 5.96 -1.29 12.11
C VAL E 143 6.32 -0.12 11.20
N VAL E 144 7.29 0.68 11.63
CA VAL E 144 7.74 1.81 10.84
C VAL E 144 9.25 1.74 10.62
N CYS E 145 9.66 1.73 9.36
CA CYS E 145 11.07 1.66 9.00
C CYS E 145 11.58 3.02 8.54
N GLU E 146 12.89 3.19 8.56
CA GLU E 146 13.51 4.40 8.05
C GLU E 146 14.52 4.06 6.96
N PHE E 147 14.56 4.88 5.92
CA PHE E 147 15.46 4.66 4.79
C PHE E 147 16.26 5.91 4.46
N GLN F 7 25.43 8.71 -22.92
CA GLN F 7 24.89 8.82 -21.57
C GLN F 7 24.36 7.49 -21.07
N GLY F 8 25.17 6.44 -21.16
CA GLY F 8 24.76 5.12 -20.71
C GLY F 8 23.99 5.15 -19.41
N GLN F 9 24.57 5.78 -18.39
CA GLN F 9 23.94 5.83 -17.07
C GLN F 9 22.61 6.58 -17.09
N VAL F 10 22.54 7.63 -17.90
CA VAL F 10 21.33 8.46 -18.00
C VAL F 10 20.14 7.65 -18.53
N GLN F 11 20.34 6.97 -19.65
CA GLN F 11 19.31 6.10 -20.21
C GLN F 11 19.10 4.84 -19.36
N HIS F 12 20.14 4.47 -18.59
CA HIS F 12 20.03 3.36 -17.64
C HIS F 12 19.15 3.77 -16.45
N LEU F 13 19.10 5.07 -16.16
CA LEU F 13 18.30 5.58 -15.05
C LEU F 13 16.85 5.80 -15.50
N GLN F 14 16.70 6.29 -16.72
CA GLN F 14 15.37 6.48 -17.29
C GLN F 14 14.63 5.15 -17.37
N ALA F 15 15.37 4.08 -17.65
CA ALA F 15 14.77 2.75 -17.76
C ALA F 15 14.31 2.26 -16.40
N ALA F 16 15.18 2.36 -15.39
CA ALA F 16 14.85 1.95 -14.04
C ALA F 16 13.67 2.74 -13.50
N PHE F 17 13.61 4.02 -13.87
CA PHE F 17 12.54 4.90 -13.41
C PHE F 17 11.20 4.52 -14.04
N SER F 18 11.22 4.20 -15.33
CA SER F 18 10.02 3.76 -16.02
C SER F 18 9.45 2.54 -15.32
N GLN F 19 10.36 1.68 -14.85
CA GLN F 19 9.98 0.46 -14.16
C GLN F 19 9.32 0.77 -12.81
N TYR F 20 10.04 1.49 -11.96
CA TYR F 20 9.53 1.84 -10.64
C TYR F 20 8.29 2.74 -10.72
N LYS F 21 8.16 3.45 -11.84
CA LYS F 21 6.97 4.22 -12.12
C LYS F 21 5.77 3.28 -12.12
N LYS F 22 5.90 2.18 -12.85
CA LYS F 22 4.84 1.19 -12.94
C LYS F 22 4.56 0.54 -11.59
N VAL F 23 5.64 0.17 -10.90
CA VAL F 23 5.50 -0.48 -9.60
C VAL F 23 4.76 0.42 -8.61
N GLU F 24 4.98 1.73 -8.73
CA GLU F 24 4.37 2.69 -7.84
C GLU F 24 2.87 2.85 -8.05
N LEU F 25 2.45 2.83 -9.31
CA LEU F 25 1.05 3.08 -9.65
C LEU F 25 0.15 1.85 -9.46
N PHE F 26 0.75 0.70 -9.19
CA PHE F 26 -0.02 -0.51 -8.92
C PHE F 26 -0.07 -0.76 -7.42
N PRO F 27 -1.29 -0.96 -6.89
CA PRO F 27 -2.54 -0.97 -7.64
C PRO F 27 -3.36 0.30 -7.45
N ASN F 28 -2.88 1.23 -6.62
CA ASN F 28 -3.66 2.38 -6.23
C ASN F 28 -3.37 3.67 -7.00
N GLY F 29 -2.72 3.54 -8.15
CA GLY F 29 -2.36 4.71 -8.94
C GLY F 29 -2.89 4.69 -10.36
N GLN F 30 -3.07 5.88 -10.92
CA GLN F 30 -3.50 6.03 -12.31
C GLN F 30 -2.83 7.25 -12.92
N SER F 31 -2.11 7.05 -14.02
CA SER F 31 -1.45 8.15 -14.70
C SER F 31 -2.17 8.48 -16.00
N VAL F 32 -2.51 9.76 -16.17
CA VAL F 32 -3.15 10.24 -17.38
C VAL F 32 -2.52 11.55 -17.82
N GLY F 33 -1.75 11.49 -18.90
CA GLY F 33 -0.98 12.64 -19.33
C GLY F 33 0.21 12.82 -18.40
N GLU F 34 0.36 14.02 -17.85
CA GLU F 34 1.41 14.28 -16.88
C GLU F 34 0.83 14.35 -15.47
N LYS F 35 -0.43 13.98 -15.33
CA LYS F 35 -1.08 13.96 -14.02
C LYS F 35 -1.12 12.54 -13.45
N ILE F 36 -1.06 12.45 -12.13
CA ILE F 36 -1.10 11.15 -11.46
C ILE F 36 -2.15 11.15 -10.35
N PHE F 37 -3.08 10.19 -10.42
CA PHE F 37 -4.05 9.99 -9.36
C PHE F 37 -3.60 8.85 -8.45
N LYS F 38 -3.69 9.06 -7.14
CA LYS F 38 -3.41 8.00 -6.18
C LYS F 38 -4.38 8.07 -5.01
N THR F 39 -5.01 6.93 -4.73
CA THR F 39 -5.98 6.83 -3.64
C THR F 39 -5.32 6.30 -2.38
N ALA F 40 -5.77 6.80 -1.22
CA ALA F 40 -5.25 6.35 0.06
C ALA F 40 -5.89 5.02 0.44
N GLY F 41 -7.04 4.73 -0.15
CA GLY F 41 -7.73 3.47 0.08
C GLY F 41 -8.82 3.56 1.14
N PHE F 42 -8.89 4.70 1.81
CA PHE F 42 -9.88 4.90 2.86
C PHE F 42 -10.72 6.14 2.61
N VAL F 43 -11.83 6.26 3.34
CA VAL F 43 -12.74 7.38 3.17
C VAL F 43 -12.61 8.40 4.30
N LYS F 44 -12.82 9.66 3.96
CA LYS F 44 -12.73 10.76 4.92
C LYS F 44 -13.68 11.88 4.52
N PRO F 45 -14.07 12.71 5.50
CA PRO F 45 -14.81 13.94 5.19
C PRO F 45 -13.95 14.85 4.32
N PHE F 46 -14.57 15.80 3.62
CA PHE F 46 -13.85 16.62 2.65
C PHE F 46 -12.65 17.37 3.24
N THR F 47 -12.86 18.06 4.34
CA THR F 47 -11.82 18.89 4.95
C THR F 47 -10.57 18.09 5.33
N GLU F 48 -10.76 16.89 5.86
CA GLU F 48 -9.63 16.03 6.22
C GLU F 48 -9.01 15.43 4.98
N ALA F 49 -9.85 15.08 4.01
CA ALA F 49 -9.38 14.55 2.73
C ALA F 49 -8.53 15.61 2.03
N GLN F 50 -9.01 16.85 2.05
CA GLN F 50 -8.31 17.96 1.43
C GLN F 50 -6.98 18.23 2.12
N LEU F 51 -6.98 18.16 3.44
CA LEU F 51 -5.78 18.41 4.23
C LEU F 51 -4.72 17.35 3.97
N LEU F 52 -5.16 16.11 3.81
CA LEU F 52 -4.24 15.01 3.54
C LEU F 52 -3.55 15.17 2.18
N CYS F 53 -4.31 15.58 1.18
CA CYS F 53 -3.78 15.74 -0.18
C CYS F 53 -2.80 16.91 -0.28
N THR F 54 -3.14 18.02 0.37
CA THR F 54 -2.30 19.21 0.31
C THR F 54 -1.00 19.04 1.10
N GLN F 55 -1.09 18.38 2.26
CA GLN F 55 0.09 18.11 3.07
C GLN F 55 0.96 17.06 2.39
N ALA F 56 0.39 16.31 1.46
CA ALA F 56 1.13 15.30 0.73
C ALA F 56 1.86 15.93 -0.46
N GLY F 57 1.54 17.18 -0.75
CA GLY F 57 2.20 17.91 -1.81
C GLY F 57 1.36 18.04 -3.07
N GLY F 58 0.11 17.62 -2.99
CA GLY F 58 -0.80 17.70 -4.12
C GLY F 58 -2.11 18.34 -3.75
N GLN F 59 -3.19 17.82 -4.33
CA GLN F 59 -4.53 18.31 -4.05
C GLN F 59 -5.55 17.22 -4.39
N LEU F 60 -6.78 17.41 -3.98
CA LEU F 60 -7.83 16.43 -4.29
C LEU F 60 -7.98 16.26 -5.79
N ALA F 61 -8.46 15.09 -6.20
CA ALA F 61 -8.62 14.76 -7.60
C ALA F 61 -9.39 15.86 -8.34
N SER F 62 -8.80 16.38 -9.41
CA SER F 62 -9.42 17.44 -10.18
C SER F 62 -9.45 17.08 -11.66
N PRO F 63 -10.35 16.18 -12.04
CA PRO F 63 -10.48 15.74 -13.44
C PRO F 63 -10.91 16.90 -14.35
N ARG F 64 -10.07 17.23 -15.33
CA ARG F 64 -10.34 18.34 -16.22
C ARG F 64 -10.72 17.89 -17.62
N SER F 65 -10.82 16.57 -17.81
CA SER F 65 -11.20 16.01 -19.11
C SER F 65 -11.84 14.64 -18.96
N ALA F 66 -12.45 14.17 -20.04
CA ALA F 66 -13.06 12.84 -20.04
C ALA F 66 -12.01 11.77 -19.78
N ALA F 67 -10.82 11.99 -20.33
CA ALA F 67 -9.71 11.03 -20.17
C ALA F 67 -9.26 10.95 -18.72
N GLU F 68 -9.11 12.11 -18.08
CA GLU F 68 -8.74 12.15 -16.67
C GLU F 68 -9.86 11.61 -15.80
N ASN F 69 -11.10 11.93 -16.16
CA ASN F 69 -12.26 11.44 -15.42
C ASN F 69 -12.38 9.93 -15.50
N ALA F 70 -11.98 9.37 -16.64
CA ALA F 70 -12.04 7.94 -16.85
C ALA F 70 -10.98 7.19 -16.03
N ALA F 71 -9.78 7.77 -15.98
CA ALA F 71 -8.70 7.19 -15.20
C ALA F 71 -9.05 7.24 -13.71
N LEU F 72 -9.54 8.38 -13.27
CA LEU F 72 -9.96 8.56 -11.89
C LEU F 72 -11.09 7.59 -11.55
N GLN F 73 -11.97 7.36 -12.51
CA GLN F 73 -13.11 6.48 -12.31
C GLN F 73 -12.70 5.04 -12.00
N GLN F 74 -11.60 4.60 -12.60
CA GLN F 74 -11.12 3.24 -12.41
C GLN F 74 -10.63 2.98 -10.99
N LEU F 75 -10.12 4.02 -10.34
CA LEU F 75 -9.70 3.91 -8.95
C LEU F 75 -10.93 3.77 -8.05
N VAL F 76 -11.98 4.50 -8.40
CA VAL F 76 -13.23 4.44 -7.65
C VAL F 76 -13.90 3.09 -7.81
N VAL F 77 -13.82 2.54 -9.02
CA VAL F 77 -14.41 1.24 -9.32
C VAL F 77 -13.69 0.13 -8.58
N ALA F 78 -12.36 0.22 -8.55
CA ALA F 78 -11.55 -0.78 -7.87
C ALA F 78 -11.84 -0.81 -6.38
N LYS F 79 -12.16 0.35 -5.82
CA LYS F 79 -12.44 0.46 -4.40
C LYS F 79 -13.93 0.33 -4.10
N ASN F 80 -14.75 0.46 -5.12
CA ASN F 80 -16.19 0.45 -4.94
C ASN F 80 -16.61 1.55 -3.95
N GLU F 81 -15.92 2.68 -4.04
CA GLU F 81 -16.16 3.78 -3.12
C GLU F 81 -16.11 5.11 -3.86
N ALA F 82 -17.23 5.83 -3.89
CA ALA F 82 -17.27 7.14 -4.51
C ALA F 82 -16.24 8.05 -3.85
N ALA F 83 -15.59 8.88 -4.65
CA ALA F 83 -14.51 9.73 -4.14
C ALA F 83 -14.82 11.21 -4.24
N PHE F 84 -14.14 11.99 -3.40
CA PHE F 84 -14.27 13.44 -3.41
C PHE F 84 -13.43 14.06 -4.52
N LEU F 85 -13.94 15.13 -5.12
CA LEU F 85 -13.16 15.93 -6.04
C LEU F 85 -12.72 17.19 -5.29
N SER F 86 -11.87 17.99 -5.90
CA SER F 86 -11.34 19.18 -5.24
C SER F 86 -12.29 20.37 -5.36
N MET F 87 -13.17 20.32 -6.34
CA MET F 87 -14.03 21.46 -6.68
C MET F 87 -15.21 21.64 -5.74
N THR F 88 -15.56 22.89 -5.49
CA THR F 88 -16.69 23.23 -4.62
C THR F 88 -17.37 24.51 -5.06
N ASP F 89 -18.59 24.74 -4.59
CA ASP F 89 -19.29 25.97 -4.85
C ASP F 89 -19.60 26.70 -3.55
N SER F 90 -18.65 26.63 -2.62
CA SER F 90 -18.81 27.21 -1.30
C SER F 90 -18.86 28.73 -1.33
N LYS F 91 -17.98 29.35 -2.12
CA LYS F 91 -17.96 30.80 -2.25
C LYS F 91 -19.23 31.30 -2.92
N THR F 92 -19.37 30.99 -4.20
CA THR F 92 -20.57 31.34 -4.95
C THR F 92 -21.42 30.10 -5.22
N GLU F 93 -22.48 29.95 -4.43
CA GLU F 93 -23.39 28.81 -4.58
C GLU F 93 -23.81 28.64 -6.04
N GLY F 94 -23.76 27.41 -6.52
CA GLY F 94 -24.13 27.10 -7.89
C GLY F 94 -22.95 27.18 -8.84
N LYS F 95 -21.93 27.94 -8.45
CA LYS F 95 -20.73 28.08 -9.26
C LYS F 95 -19.58 27.27 -8.68
N PHE F 96 -19.34 26.09 -9.23
CA PHE F 96 -18.25 25.24 -8.79
C PHE F 96 -16.92 25.67 -9.40
N THR F 97 -15.87 25.67 -8.58
CA THR F 97 -14.57 26.12 -9.03
C THR F 97 -13.44 25.22 -8.53
N TYR F 98 -12.29 25.30 -9.18
CA TYR F 98 -11.10 24.59 -8.72
C TYR F 98 -10.46 25.37 -7.57
N PRO F 99 -9.45 24.78 -6.93
CA PRO F 99 -8.71 25.45 -5.86
C PRO F 99 -8.20 26.82 -6.30
N THR F 100 -8.01 27.01 -7.60
CA THR F 100 -7.51 28.27 -8.13
C THR F 100 -8.61 29.32 -8.19
N GLY F 101 -9.86 28.86 -8.21
CA GLY F 101 -11.00 29.76 -8.23
C GLY F 101 -11.67 29.86 -9.58
N GLU F 102 -10.99 29.37 -10.61
CA GLU F 102 -11.54 29.39 -11.97
C GLU F 102 -12.67 28.36 -12.10
N SER F 103 -13.63 28.64 -12.97
CA SER F 103 -14.79 27.77 -13.15
C SER F 103 -14.44 26.49 -13.90
N LEU F 104 -15.31 25.49 -13.78
CA LEU F 104 -15.11 24.19 -14.41
C LEU F 104 -14.89 24.29 -15.91
N VAL F 105 -13.87 23.59 -16.41
CA VAL F 105 -13.63 23.50 -17.84
C VAL F 105 -14.15 22.15 -18.34
N TYR F 106 -14.62 21.34 -17.40
CA TYR F 106 -15.18 20.03 -17.71
C TYR F 106 -16.09 19.56 -16.58
N SER F 107 -17.13 18.82 -16.93
CA SER F 107 -18.04 18.28 -15.94
C SER F 107 -18.72 17.02 -16.45
N ASN F 108 -19.18 16.19 -15.52
CA ASN F 108 -19.86 14.95 -15.86
C ASN F 108 -20.97 14.65 -14.87
N TRP F 109 -21.83 15.65 -14.67
CA TRP F 109 -22.92 15.54 -13.69
C TRP F 109 -23.87 14.41 -14.01
N ALA F 110 -24.38 13.76 -12.97
CA ALA F 110 -25.42 12.75 -13.12
C ALA F 110 -26.75 13.45 -13.40
N PRO F 111 -27.72 12.70 -13.94
CA PRO F 111 -29.03 13.27 -14.27
C PRO F 111 -29.65 13.97 -13.06
N GLY F 112 -29.92 15.27 -13.20
CA GLY F 112 -30.53 16.04 -12.13
C GLY F 112 -29.55 16.73 -11.20
N GLU F 113 -28.26 16.50 -11.43
CA GLU F 113 -27.23 17.15 -10.61
C GLU F 113 -26.58 18.28 -11.45
N PRO F 114 -26.05 19.31 -10.78
CA PRO F 114 -26.08 19.42 -9.33
C PRO F 114 -27.37 20.05 -8.88
N ASN F 115 -27.84 19.65 -7.69
CA ASN F 115 -29.11 20.11 -7.16
C ASN F 115 -29.05 20.84 -5.81
N ASP F 116 -27.88 20.86 -5.16
CA ASP F 116 -27.75 21.51 -3.84
C ASP F 116 -28.84 21.04 -2.89
N ALA F 117 -29.10 19.74 -2.90
CA ALA F 117 -30.17 19.16 -2.08
C ALA F 117 -30.11 19.64 -0.64
N GLY F 118 -31.25 20.09 -0.13
CA GLY F 118 -31.33 20.58 1.24
C GLY F 118 -30.64 21.92 1.39
N GLY F 119 -30.22 22.49 0.26
CA GLY F 119 -29.53 23.76 0.26
C GLY F 119 -28.21 23.69 1.01
N SER F 120 -27.60 22.51 1.01
CA SER F 120 -26.34 22.30 1.73
C SER F 120 -25.44 21.27 1.06
N GLU F 121 -25.27 21.40 -0.26
CA GLU F 121 -24.35 20.52 -0.98
C GLU F 121 -23.35 21.35 -1.80
N ASP F 122 -22.14 21.50 -1.26
CA ASP F 122 -21.15 22.34 -1.90
C ASP F 122 -19.91 21.56 -2.35
N CYS F 123 -19.91 20.26 -2.08
CA CYS F 123 -18.83 19.38 -2.52
C CYS F 123 -19.27 18.45 -3.65
N VAL F 124 -18.31 17.81 -4.29
CA VAL F 124 -18.59 16.95 -5.43
C VAL F 124 -17.98 15.57 -5.25
N GLU F 125 -18.75 14.54 -5.62
CA GLU F 125 -18.29 13.17 -5.55
C GLU F 125 -18.39 12.52 -6.93
N ILE F 126 -17.52 11.54 -7.19
CA ILE F 126 -17.57 10.81 -8.45
C ILE F 126 -17.91 9.35 -8.20
N PHE F 127 -18.86 8.82 -8.97
CA PHE F 127 -19.35 7.47 -8.77
C PHE F 127 -18.56 6.44 -9.57
N THR F 128 -18.89 5.17 -9.38
CA THR F 128 -18.22 4.08 -10.09
C THR F 128 -18.55 4.15 -11.57
N ASN F 129 -19.63 4.85 -11.92
CA ASN F 129 -20.00 5.02 -13.32
C ASN F 129 -19.43 6.31 -13.91
N GLY F 130 -18.66 7.03 -13.10
CA GLY F 130 -17.97 8.21 -13.56
C GLY F 130 -18.76 9.50 -13.45
N LYS F 131 -20.03 9.39 -13.08
CA LYS F 131 -20.90 10.55 -12.99
C LYS F 131 -20.67 11.32 -11.69
N TRP F 132 -20.94 12.62 -11.73
CA TRP F 132 -20.73 13.49 -10.58
C TRP F 132 -22.02 13.75 -9.81
N ASN F 133 -21.87 14.07 -8.54
CA ASN F 133 -22.98 14.49 -7.70
C ASN F 133 -22.50 15.48 -6.66
N ASP F 134 -23.13 16.65 -6.61
CA ASP F 134 -22.83 17.61 -5.56
C ASP F 134 -23.35 17.06 -4.24
N VAL F 135 -22.49 16.97 -3.24
CA VAL F 135 -22.83 16.31 -1.98
C VAL F 135 -22.39 17.14 -0.78
N ALA F 136 -22.94 16.82 0.39
CA ALA F 136 -22.57 17.48 1.63
C ALA F 136 -21.10 17.21 1.95
N CYS F 137 -20.36 18.26 2.27
CA CYS F 137 -18.92 18.16 2.52
C CYS F 137 -18.62 17.34 3.78
N GLY F 138 -19.63 17.10 4.60
CA GLY F 138 -19.44 16.37 5.83
C GLY F 138 -19.42 14.87 5.64
N GLU F 139 -19.81 14.41 4.46
CA GLU F 139 -19.88 13.00 4.16
C GLU F 139 -18.49 12.38 3.98
N LYS F 140 -18.38 11.09 4.28
CA LYS F 140 -17.12 10.37 4.10
C LYS F 140 -17.04 9.77 2.71
N ARG F 141 -16.04 10.18 1.94
CA ARG F 141 -15.84 9.65 0.59
C ARG F 141 -14.39 9.26 0.35
N LEU F 142 -14.17 8.36 -0.60
CA LEU F 142 -12.83 7.88 -0.92
C LEU F 142 -11.88 9.05 -1.13
N VAL F 143 -10.68 8.94 -0.55
CA VAL F 143 -9.68 9.99 -0.68
C VAL F 143 -8.74 9.71 -1.84
N VAL F 144 -8.82 10.55 -2.87
CA VAL F 144 -7.95 10.41 -4.03
C VAL F 144 -7.26 11.73 -4.33
N CYS F 145 -5.92 11.70 -4.34
CA CYS F 145 -5.14 12.91 -4.61
C CYS F 145 -4.57 12.89 -6.03
N GLU F 146 -4.21 14.06 -6.53
CA GLU F 146 -3.56 14.17 -7.83
C GLU F 146 -2.21 14.86 -7.67
N PHE F 147 -1.22 14.38 -8.41
CA PHE F 147 0.13 14.92 -8.33
C PHE F 147 0.67 15.21 -9.73
N GLY G 8 -32.54 20.14 -37.45
CA GLY G 8 -32.03 21.08 -36.46
C GLY G 8 -31.24 20.41 -35.35
N GLN G 9 -31.65 19.19 -35.00
CA GLN G 9 -30.98 18.43 -33.95
C GLN G 9 -29.80 17.63 -34.48
N VAL G 10 -28.61 18.23 -34.44
CA VAL G 10 -27.38 17.52 -34.80
C VAL G 10 -26.79 16.87 -33.57
N GLN G 11 -26.74 17.62 -32.47
CA GLN G 11 -26.26 17.11 -31.19
C GLN G 11 -27.12 15.93 -30.75
N HIS G 12 -28.38 15.92 -31.19
CA HIS G 12 -29.28 14.80 -30.93
C HIS G 12 -28.76 13.54 -31.62
N LEU G 13 -28.13 13.74 -32.77
CA LEU G 13 -27.60 12.63 -33.55
C LEU G 13 -26.15 12.33 -33.13
N GLN G 14 -25.51 13.32 -32.51
CA GLN G 14 -24.16 13.16 -32.01
C GLN G 14 -24.15 12.30 -30.75
N ALA G 15 -25.08 12.59 -29.84
CA ALA G 15 -25.21 11.83 -28.61
C ALA G 15 -25.62 10.39 -28.91
N ALA G 16 -26.59 10.24 -29.81
CA ALA G 16 -27.06 8.92 -30.21
C ALA G 16 -25.91 8.09 -30.80
N PHE G 17 -25.00 8.78 -31.47
CA PHE G 17 -23.85 8.11 -32.08
C PHE G 17 -22.76 7.82 -31.05
N SER G 18 -22.45 8.81 -30.22
CA SER G 18 -21.48 8.63 -29.15
C SER G 18 -21.85 7.40 -28.33
N GLN G 19 -23.15 7.13 -28.27
CA GLN G 19 -23.67 6.02 -27.49
C GLN G 19 -23.43 4.68 -28.18
N TYR G 20 -23.85 4.58 -29.43
CA TYR G 20 -23.66 3.35 -30.21
C TYR G 20 -22.19 3.08 -30.45
N LYS G 21 -21.40 4.15 -30.51
CA LYS G 21 -19.96 4.03 -30.58
C LYS G 21 -19.47 3.15 -29.44
N LYS G 22 -19.99 3.41 -28.24
CA LYS G 22 -19.64 2.65 -27.05
C LYS G 22 -20.21 1.24 -27.12
N VAL G 23 -21.42 1.13 -27.67
CA VAL G 23 -22.08 -0.17 -27.81
C VAL G 23 -21.33 -1.03 -28.81
N GLU G 24 -20.86 -0.41 -29.89
CA GLU G 24 -20.15 -1.12 -30.93
C GLU G 24 -18.84 -1.75 -30.44
N LEU G 25 -18.04 -0.97 -29.71
CA LEU G 25 -16.71 -1.40 -29.31
C LEU G 25 -16.72 -2.44 -28.20
N PHE G 26 -17.90 -2.74 -27.67
CA PHE G 26 -18.03 -3.72 -26.60
C PHE G 26 -18.54 -5.04 -27.15
N PRO G 27 -17.81 -6.13 -26.89
CA PRO G 27 -16.57 -6.14 -26.10
C PRO G 27 -15.32 -6.40 -26.93
N ASN G 28 -15.44 -6.42 -28.26
CA ASN G 28 -14.32 -6.79 -29.11
C ASN G 28 -13.61 -5.60 -29.75
N GLY G 29 -13.86 -4.41 -29.23
CA GLY G 29 -13.30 -3.20 -29.81
C GLY G 29 -12.51 -2.34 -28.84
N GLN G 30 -11.57 -1.58 -29.38
CA GLN G 30 -10.77 -0.66 -28.59
C GLN G 30 -10.48 0.60 -29.40
N SER G 31 -10.87 1.75 -28.87
CA SER G 31 -10.60 3.02 -29.52
C SER G 31 -9.48 3.76 -28.83
N VAL G 32 -8.49 4.19 -29.60
CA VAL G 32 -7.38 4.96 -29.07
C VAL G 32 -7.07 6.11 -30.02
N GLY G 33 -7.39 7.32 -29.61
CA GLY G 33 -7.29 8.48 -30.49
C GLY G 33 -8.40 8.40 -31.52
N GLU G 34 -8.04 8.51 -32.78
CA GLU G 34 -9.01 8.39 -33.86
C GLU G 34 -8.95 7.01 -34.52
N LYS G 35 -8.16 6.12 -33.92
CA LYS G 35 -8.01 4.76 -34.44
C LYS G 35 -8.88 3.78 -33.66
N ILE G 36 -9.36 2.75 -34.35
CA ILE G 36 -10.19 1.73 -33.74
C ILE G 36 -9.66 0.34 -34.03
N PHE G 37 -9.41 -0.43 -32.97
CA PHE G 37 -9.04 -1.82 -33.12
C PHE G 37 -10.26 -2.71 -32.91
N LYS G 38 -10.43 -3.69 -33.78
CA LYS G 38 -11.49 -4.68 -33.58
C LYS G 38 -10.99 -6.07 -33.96
N THR G 39 -11.21 -7.03 -33.07
CA THR G 39 -10.79 -8.40 -33.29
C THR G 39 -11.95 -9.25 -33.80
N ALA G 40 -11.65 -10.21 -34.66
CA ALA G 40 -12.66 -11.11 -35.20
C ALA G 40 -12.98 -12.21 -34.19
N GLY G 41 -12.04 -12.44 -33.28
CA GLY G 41 -12.24 -13.43 -32.24
C GLY G 41 -11.61 -14.78 -32.57
N PHE G 42 -11.15 -14.92 -33.81
CA PHE G 42 -10.54 -16.17 -34.25
C PHE G 42 -9.14 -15.96 -34.81
N VAL G 43 -8.39 -17.06 -34.94
CA VAL G 43 -7.02 -16.99 -35.44
C VAL G 43 -6.90 -17.43 -36.89
N LYS G 44 -5.97 -16.81 -37.61
CA LYS G 44 -5.75 -17.13 -39.01
C LYS G 44 -4.29 -16.89 -39.36
N PRO G 45 -3.80 -17.56 -40.41
CA PRO G 45 -2.47 -17.26 -40.94
C PRO G 45 -2.43 -15.82 -41.43
N PHE G 46 -1.24 -15.26 -41.56
CA PHE G 46 -1.11 -13.83 -41.89
C PHE G 46 -1.85 -13.42 -43.15
N THR G 47 -1.60 -14.14 -44.25
CA THR G 47 -2.17 -13.76 -45.54
C THR G 47 -3.70 -13.71 -45.53
N GLU G 48 -4.33 -14.66 -44.85
CA GLU G 48 -5.78 -14.67 -44.75
C GLU G 48 -6.25 -13.59 -43.79
N ALA G 49 -5.49 -13.38 -42.72
CA ALA G 49 -5.80 -12.32 -41.76
C ALA G 49 -5.73 -10.97 -42.44
N GLN G 50 -4.68 -10.77 -43.23
CA GLN G 50 -4.48 -9.53 -43.97
C GLN G 50 -5.60 -9.31 -44.98
N LEU G 51 -6.02 -10.39 -45.64
CA LEU G 51 -7.07 -10.30 -46.64
C LEU G 51 -8.42 -9.94 -46.03
N LEU G 52 -8.67 -10.45 -44.83
CA LEU G 52 -9.92 -10.18 -44.13
C LEU G 52 -10.00 -8.73 -43.69
N CYS G 53 -8.89 -8.21 -43.19
CA CYS G 53 -8.83 -6.81 -42.74
C CYS G 53 -9.00 -5.85 -43.89
N THR G 54 -8.29 -6.09 -44.98
CA THR G 54 -8.31 -5.19 -46.14
C THR G 54 -9.67 -5.19 -46.84
N GLN G 55 -10.29 -6.37 -46.93
CA GLN G 55 -11.60 -6.47 -47.54
C GLN G 55 -12.68 -5.89 -46.65
N ALA G 56 -12.34 -5.69 -45.37
CA ALA G 56 -13.27 -5.09 -44.41
C ALA G 56 -13.18 -3.58 -44.46
N GLY G 57 -12.16 -3.06 -45.16
CA GLY G 57 -12.01 -1.64 -45.34
C GLY G 57 -10.88 -1.04 -44.51
N GLY G 58 -10.14 -1.89 -43.82
CA GLY G 58 -9.05 -1.43 -42.99
C GLY G 58 -7.74 -2.17 -43.26
N GLN G 59 -6.99 -2.45 -42.19
CA GLN G 59 -5.75 -3.18 -42.29
C GLN G 59 -5.43 -3.83 -40.96
N LEU G 60 -4.44 -4.73 -40.95
CA LEU G 60 -4.04 -5.39 -39.71
C LEU G 60 -3.57 -4.37 -38.67
N ALA G 61 -3.69 -4.72 -37.40
CA ALA G 61 -3.33 -3.83 -36.32
C ALA G 61 -1.93 -3.26 -36.51
N SER G 62 -1.82 -1.94 -36.49
CA SER G 62 -0.54 -1.27 -36.67
C SER G 62 -0.29 -0.25 -35.57
N PRO G 63 0.03 -0.74 -34.36
CA PRO G 63 0.31 0.13 -33.22
C PRO G 63 1.52 1.01 -33.48
N ARG G 64 1.32 2.33 -33.43
CA ARG G 64 2.38 3.30 -33.70
C ARG G 64 2.83 4.04 -32.45
N SER G 65 2.24 3.68 -31.31
CA SER G 65 2.62 4.30 -30.04
C SER G 65 2.36 3.36 -28.87
N ALA G 66 2.89 3.70 -27.71
CA ALA G 66 2.68 2.90 -26.51
C ALA G 66 1.20 2.85 -26.15
N ALA G 67 0.51 3.96 -26.37
CA ALA G 67 -0.92 4.06 -26.08
C ALA G 67 -1.74 3.13 -26.97
N GLU G 68 -1.40 3.12 -28.25
CA GLU G 68 -2.07 2.24 -29.21
C GLU G 68 -1.72 0.78 -28.93
N ASN G 69 -0.47 0.53 -28.58
CA ASN G 69 0.00 -0.82 -28.27
C ASN G 69 -0.70 -1.37 -27.03
N ALA G 70 -0.96 -0.50 -26.07
CA ALA G 70 -1.63 -0.87 -24.83
C ALA G 70 -3.10 -1.23 -25.07
N ALA G 71 -3.77 -0.43 -25.90
CA ALA G 71 -5.16 -0.70 -26.24
C ALA G 71 -5.29 -2.01 -27.01
N LEU G 72 -4.40 -2.20 -27.98
CA LEU G 72 -4.37 -3.43 -28.76
C LEU G 72 -4.08 -4.62 -27.86
N GLN G 73 -3.24 -4.40 -26.86
CA GLN G 73 -2.85 -5.46 -25.94
C GLN G 73 -4.03 -6.01 -25.15
N GLN G 74 -4.97 -5.13 -24.80
CA GLN G 74 -6.14 -5.54 -24.02
C GLN G 74 -7.08 -6.47 -24.77
N LEU G 75 -7.10 -6.35 -26.09
CA LEU G 75 -7.90 -7.26 -26.92
C LEU G 75 -7.24 -8.63 -26.94
N VAL G 76 -5.91 -8.64 -26.97
CA VAL G 76 -5.15 -9.88 -26.94
C VAL G 76 -5.33 -10.57 -25.59
N VAL G 77 -5.28 -9.78 -24.53
CA VAL G 77 -5.44 -10.31 -23.17
C VAL G 77 -6.82 -10.93 -22.98
N ALA G 78 -7.84 -10.24 -23.48
CA ALA G 78 -9.21 -10.72 -23.33
C ALA G 78 -9.41 -12.05 -24.05
N LYS G 79 -8.73 -12.23 -25.17
CA LYS G 79 -8.84 -13.44 -25.97
C LYS G 79 -7.80 -14.47 -25.57
N ASN G 80 -6.79 -14.05 -24.84
CA ASN G 80 -5.68 -14.94 -24.49
C ASN G 80 -5.07 -15.52 -25.75
N GLU G 81 -4.99 -14.70 -26.80
CA GLU G 81 -4.48 -15.12 -28.08
C GLU G 81 -3.60 -14.03 -28.69
N ALA G 82 -2.32 -14.35 -28.89
CA ALA G 82 -1.40 -13.43 -29.54
C ALA G 82 -1.92 -13.08 -30.93
N ALA G 83 -1.78 -11.82 -31.32
CA ALA G 83 -2.34 -11.35 -32.59
C ALA G 83 -1.26 -10.91 -33.58
N PHE G 84 -1.62 -10.93 -34.86
CA PHE G 84 -0.74 -10.45 -35.91
C PHE G 84 -0.78 -8.93 -36.02
N LEU G 85 0.35 -8.33 -36.33
CA LEU G 85 0.42 -6.93 -36.70
C LEU G 85 0.54 -6.84 -38.21
N SER G 86 0.45 -5.63 -38.75
CA SER G 86 0.50 -5.47 -40.20
C SER G 86 1.92 -5.45 -40.74
N MET G 87 2.87 -5.14 -39.86
CA MET G 87 4.26 -4.91 -40.27
C MET G 87 5.03 -6.19 -40.57
N THR G 88 5.93 -6.11 -41.55
CA THR G 88 6.75 -7.24 -41.96
C THR G 88 8.10 -6.77 -42.49
N ASP G 89 9.06 -7.68 -42.53
CA ASP G 89 10.36 -7.38 -43.14
C ASP G 89 10.61 -8.30 -44.33
N SER G 90 9.55 -8.57 -45.09
CA SER G 90 9.62 -9.48 -46.23
C SER G 90 10.46 -8.93 -47.38
N LYS G 91 10.33 -7.64 -47.65
CA LYS G 91 11.10 -7.01 -48.71
C LYS G 91 12.58 -6.96 -48.35
N THR G 92 12.89 -6.18 -47.32
CA THR G 92 14.25 -6.06 -46.83
C THR G 92 14.37 -6.73 -45.46
N GLU G 93 14.92 -7.94 -45.43
CA GLU G 93 15.07 -8.68 -44.19
C GLU G 93 15.72 -7.82 -43.11
N GLY G 94 15.17 -7.87 -41.91
CA GLY G 94 15.70 -7.11 -40.79
C GLY G 94 15.05 -5.74 -40.68
N LYS G 95 14.51 -5.26 -41.79
CA LYS G 95 13.85 -3.95 -41.82
C LYS G 95 12.34 -4.09 -41.88
N PHE G 96 11.68 -3.98 -40.73
CA PHE G 96 10.23 -4.08 -40.67
C PHE G 96 9.57 -2.76 -41.07
N THR G 97 8.50 -2.85 -41.86
CA THR G 97 7.84 -1.66 -42.36
C THR G 97 6.32 -1.81 -42.32
N TYR G 98 5.62 -0.68 -42.39
CA TYR G 98 4.17 -0.70 -42.47
C TYR G 98 3.75 -0.96 -43.91
N PRO G 99 2.43 -1.14 -44.14
CA PRO G 99 1.91 -1.36 -45.49
C PRO G 99 2.36 -0.27 -46.45
N THR G 100 2.66 0.92 -45.92
CA THR G 100 3.09 2.04 -46.75
C THR G 100 4.54 1.89 -47.18
N GLY G 101 5.30 1.10 -46.43
CA GLY G 101 6.69 0.86 -46.74
C GLY G 101 7.65 1.61 -45.84
N GLU G 102 7.13 2.56 -45.08
CA GLU G 102 7.96 3.34 -44.16
C GLU G 102 8.35 2.49 -42.95
N SER G 103 9.52 2.79 -42.38
CA SER G 103 10.04 2.03 -41.25
C SER G 103 9.30 2.33 -39.95
N LEU G 104 9.39 1.40 -39.01
CA LEU G 104 8.73 1.53 -37.72
C LEU G 104 9.05 2.85 -37.02
N VAL G 105 8.01 3.51 -36.52
CA VAL G 105 8.17 4.71 -35.72
C VAL G 105 8.03 4.34 -34.25
N TYR G 106 7.69 3.08 -34.00
CA TYR G 106 7.55 2.55 -32.65
C TYR G 106 7.70 1.04 -32.65
N SER G 107 8.22 0.50 -31.56
CA SER G 107 8.38 -0.94 -31.42
C SER G 107 8.40 -1.35 -29.95
N ASN G 108 8.07 -2.61 -29.69
CA ASN G 108 8.04 -3.13 -28.33
C ASN G 108 8.51 -4.57 -28.30
N TRP G 109 9.67 -4.82 -28.91
CA TRP G 109 10.20 -6.17 -29.05
C TRP G 109 10.46 -6.84 -27.70
N ALA G 110 10.18 -8.13 -27.63
CA ALA G 110 10.51 -8.91 -26.45
C ALA G 110 12.02 -9.10 -26.41
N PRO G 111 12.56 -9.48 -25.23
CA PRO G 111 14.00 -9.70 -25.09
C PRO G 111 14.53 -10.71 -26.12
N GLY G 112 15.49 -10.29 -26.93
CA GLY G 112 16.08 -11.17 -27.91
C GLY G 112 15.44 -11.11 -29.28
N GLU G 113 14.36 -10.34 -29.39
CA GLU G 113 13.65 -10.20 -30.65
C GLU G 113 13.88 -8.81 -31.24
N PRO G 114 13.78 -8.70 -32.58
CA PRO G 114 13.47 -9.81 -33.49
C PRO G 114 14.73 -10.62 -33.83
N ASN G 115 14.56 -11.91 -34.08
CA ASN G 115 15.69 -12.80 -34.31
C ASN G 115 15.66 -13.54 -35.65
N ASP G 116 14.56 -13.41 -36.38
CA ASP G 116 14.41 -14.11 -37.66
C ASP G 116 14.79 -15.58 -37.49
N ALA G 117 14.28 -16.20 -36.43
CA ALA G 117 14.61 -17.59 -36.11
C ALA G 117 14.41 -18.51 -37.30
N GLY G 118 15.41 -19.35 -37.56
CA GLY G 118 15.36 -20.29 -38.67
C GLY G 118 15.47 -19.58 -39.99
N GLY G 119 15.76 -18.27 -39.94
CA GLY G 119 15.87 -17.46 -41.13
C GLY G 119 14.57 -17.39 -41.91
N SER G 120 13.46 -17.50 -41.19
CA SER G 120 12.15 -17.50 -41.83
C SER G 120 11.07 -16.88 -40.94
N GLU G 121 11.38 -15.75 -40.32
CA GLU G 121 10.40 -15.00 -39.54
C GLU G 121 10.31 -13.57 -40.05
N ASP G 122 9.28 -13.29 -40.83
CA ASP G 122 9.09 -11.96 -41.42
C ASP G 122 7.84 -11.25 -40.93
N CYS G 123 7.04 -11.93 -40.11
CA CYS G 123 5.83 -11.33 -39.54
C CYS G 123 6.00 -11.01 -38.07
N VAL G 124 5.04 -10.26 -37.52
CA VAL G 124 5.13 -9.83 -36.13
C VAL G 124 3.86 -10.17 -35.35
N GLU G 125 4.04 -10.65 -34.12
CA GLU G 125 2.92 -10.97 -33.24
C GLU G 125 3.04 -10.17 -31.94
N ILE G 126 1.91 -9.89 -31.31
CA ILE G 126 1.91 -9.21 -30.03
C ILE G 126 1.34 -10.12 -28.94
N PHE G 127 2.04 -10.17 -27.81
CA PHE G 127 1.65 -11.08 -26.72
C PHE G 127 0.70 -10.41 -25.74
N THR G 128 0.22 -11.18 -24.76
CA THR G 128 -0.67 -10.67 -23.75
C THR G 128 0.03 -9.67 -22.84
N ASN G 129 1.37 -9.69 -22.88
CA ASN G 129 2.15 -8.73 -22.10
C ASN G 129 2.54 -7.51 -22.95
N GLY G 130 2.08 -7.49 -24.19
CA GLY G 130 2.29 -6.35 -25.06
C GLY G 130 3.58 -6.38 -25.85
N LYS G 131 4.43 -7.36 -25.57
CA LYS G 131 5.72 -7.46 -26.25
C LYS G 131 5.59 -8.08 -27.64
N TRP G 132 6.51 -7.71 -28.52
CA TRP G 132 6.47 -8.20 -29.90
C TRP G 132 7.42 -9.37 -30.13
N ASN G 133 7.09 -10.20 -31.11
CA ASN G 133 7.98 -11.26 -31.58
C ASN G 133 7.83 -11.47 -33.08
N ASP G 134 8.94 -11.40 -33.81
CA ASP G 134 8.91 -11.71 -35.23
C ASP G 134 8.69 -13.22 -35.39
N VAL G 135 7.66 -13.59 -36.14
CA VAL G 135 7.23 -14.97 -36.23
C VAL G 135 6.95 -15.37 -37.66
N ALA G 136 6.91 -16.68 -37.92
CA ALA G 136 6.61 -17.19 -39.25
C ALA G 136 5.20 -16.78 -39.68
N CYS G 137 5.08 -16.27 -40.90
CA CYS G 137 3.81 -15.77 -41.41
C CYS G 137 2.77 -16.87 -41.58
N GLY G 138 3.21 -18.12 -41.55
CA GLY G 138 2.32 -19.25 -41.74
C GLY G 138 1.56 -19.62 -40.48
N GLU G 139 1.98 -19.06 -39.35
CA GLU G 139 1.38 -19.38 -38.06
C GLU G 139 0.00 -18.74 -37.91
N LYS G 140 -0.87 -19.41 -37.16
CA LYS G 140 -2.21 -18.90 -36.88
C LYS G 140 -2.22 -18.00 -35.66
N ARG G 141 -2.57 -16.73 -35.85
CA ARG G 141 -2.64 -15.79 -34.75
C ARG G 141 -3.95 -15.02 -34.77
N LEU G 142 -4.32 -14.45 -33.61
CA LEU G 142 -5.55 -13.69 -33.50
C LEU G 142 -5.63 -12.61 -34.57
N VAL G 143 -6.81 -12.46 -35.17
CA VAL G 143 -7.02 -11.47 -36.21
C VAL G 143 -7.58 -10.17 -35.63
N VAL G 144 -6.77 -9.12 -35.67
CA VAL G 144 -7.21 -7.82 -35.18
C VAL G 144 -6.97 -6.74 -36.24
N CYS G 145 -8.04 -6.07 -36.64
CA CYS G 145 -7.94 -5.02 -37.66
C CYS G 145 -8.01 -3.64 -37.02
N GLU G 146 -7.53 -2.63 -37.73
CA GLU G 146 -7.64 -1.26 -37.28
C GLU G 146 -8.42 -0.44 -38.31
N PHE G 147 -9.27 0.47 -37.83
CA PHE G 147 -10.08 1.30 -38.71
C PHE G 147 -9.94 2.77 -38.32
N LEU H 6 -27.10 19.92 -45.94
CA LEU H 6 -27.29 19.99 -44.50
C LEU H 6 -28.55 19.24 -44.06
N GLN H 7 -29.72 19.83 -44.26
CA GLN H 7 -30.97 19.20 -43.86
C GLN H 7 -31.25 17.91 -44.63
N GLY H 8 -31.19 18.00 -45.96
CA GLY H 8 -31.37 16.83 -46.82
C GLY H 8 -30.23 15.84 -46.64
N GLN H 9 -29.01 16.34 -46.69
CA GLN H 9 -27.83 15.52 -46.44
C GLN H 9 -27.93 14.84 -45.07
N VAL H 10 -28.70 15.43 -44.15
CA VAL H 10 -28.83 14.87 -42.80
C VAL H 10 -29.82 13.70 -42.74
N GLN H 11 -31.02 13.91 -43.27
CA GLN H 11 -32.05 12.88 -43.26
C GLN H 11 -31.58 11.61 -43.95
N HIS H 12 -30.58 11.74 -44.80
CA HIS H 12 -29.94 10.61 -45.44
C HIS H 12 -29.04 9.89 -44.43
N LEU H 13 -28.47 10.64 -43.50
CA LEU H 13 -27.57 10.08 -42.50
C LEU H 13 -28.35 9.43 -41.36
N GLN H 14 -29.44 10.07 -40.97
CA GLN H 14 -30.31 9.56 -39.92
C GLN H 14 -30.86 8.20 -40.33
N ALA H 15 -31.22 8.07 -41.60
CA ALA H 15 -31.75 6.81 -42.12
C ALA H 15 -30.72 5.71 -42.04
N ALA H 16 -29.57 5.94 -42.68
CA ALA H 16 -28.48 4.97 -42.66
C ALA H 16 -28.15 4.57 -41.22
N PHE H 17 -28.10 5.57 -40.34
CA PHE H 17 -27.84 5.33 -38.93
C PHE H 17 -28.87 4.37 -38.34
N SER H 18 -30.13 4.73 -38.48
CA SER H 18 -31.23 3.88 -38.02
C SER H 18 -31.03 2.44 -38.47
N GLN H 19 -30.50 2.29 -39.69
CA GLN H 19 -30.26 0.96 -40.24
C GLN H 19 -29.21 0.21 -39.41
N TYR H 20 -28.02 0.80 -39.31
CA TYR H 20 -26.93 0.18 -38.56
C TYR H 20 -27.26 0.06 -37.08
N LYS H 21 -28.20 0.87 -36.61
CA LYS H 21 -28.69 0.76 -35.24
C LYS H 21 -29.23 -0.63 -35.01
N LYS H 22 -30.06 -1.09 -35.94
CA LYS H 22 -30.67 -2.42 -35.87
C LYS H 22 -29.63 -3.50 -36.12
N VAL H 23 -28.72 -3.23 -37.06
CA VAL H 23 -27.64 -4.17 -37.37
C VAL H 23 -26.77 -4.42 -36.15
N GLU H 24 -26.54 -3.37 -35.37
CA GLU H 24 -25.67 -3.44 -34.21
C GLU H 24 -26.30 -4.25 -33.07
N LEU H 25 -27.55 -3.93 -32.74
CA LEU H 25 -28.23 -4.56 -31.62
C LEU H 25 -28.48 -6.04 -31.83
N PHE H 26 -28.07 -6.56 -32.99
CA PHE H 26 -28.21 -7.99 -33.26
C PHE H 26 -26.86 -8.69 -33.20
N PRO H 27 -26.81 -9.84 -32.51
CA PRO H 27 -27.97 -10.41 -31.81
C PRO H 27 -27.90 -10.20 -30.30
N ASN H 28 -27.09 -9.23 -29.85
CA ASN H 28 -26.83 -9.06 -28.43
C ASN H 28 -27.22 -7.71 -27.83
N GLY H 29 -28.11 -6.98 -28.50
CA GLY H 29 -28.49 -5.66 -28.04
C GLY H 29 -29.99 -5.51 -27.82
N GLN H 30 -30.35 -4.59 -26.93
CA GLN H 30 -31.75 -4.26 -26.65
C GLN H 30 -31.88 -2.78 -26.29
N SER H 31 -32.68 -2.06 -27.06
CA SER H 31 -32.91 -0.63 -26.80
C SER H 31 -34.30 -0.41 -26.19
N VAL H 32 -34.34 0.30 -25.07
CA VAL H 32 -35.58 0.63 -24.41
C VAL H 32 -35.55 2.09 -23.98
N GLY H 33 -36.30 2.92 -24.68
CA GLY H 33 -36.24 4.36 -24.48
C GLY H 33 -34.94 4.88 -25.06
N GLU H 34 -34.19 5.61 -24.25
CA GLU H 34 -32.89 6.13 -24.68
C GLU H 34 -31.74 5.29 -24.11
N LYS H 35 -32.09 4.18 -23.48
CA LYS H 35 -31.10 3.28 -22.90
C LYS H 35 -30.84 2.08 -23.80
N ILE H 36 -29.61 1.59 -23.78
CA ILE H 36 -29.23 0.44 -24.60
C ILE H 36 -28.55 -0.62 -23.76
N PHE H 37 -29.08 -1.83 -23.77
CA PHE H 37 -28.44 -2.97 -23.12
C PHE H 37 -27.66 -3.78 -24.15
N LYS H 38 -26.43 -4.15 -23.79
CA LYS H 38 -25.66 -5.06 -24.63
C LYS H 38 -24.90 -6.07 -23.79
N THR H 39 -25.06 -7.34 -24.14
CA THR H 39 -24.38 -8.43 -23.43
C THR H 39 -23.10 -8.82 -24.14
N ALA H 40 -22.08 -9.18 -23.36
CA ALA H 40 -20.81 -9.62 -23.91
C ALA H 40 -20.92 -11.06 -24.40
N GLY H 41 -21.88 -11.79 -23.85
CA GLY H 41 -22.11 -13.16 -24.24
C GLY H 41 -21.48 -14.18 -23.31
N PHE H 42 -20.66 -13.69 -22.39
CA PHE H 42 -19.98 -14.56 -21.44
C PHE H 42 -20.24 -14.16 -20.00
N VAL H 43 -19.91 -15.06 -19.07
CA VAL H 43 -20.16 -14.81 -17.65
C VAL H 43 -18.88 -14.43 -16.92
N LYS H 44 -19.02 -13.58 -15.91
CA LYS H 44 -17.90 -13.13 -15.10
C LYS H 44 -18.37 -12.83 -13.69
N PRO H 45 -17.45 -12.88 -12.71
CA PRO H 45 -17.75 -12.41 -11.36
C PRO H 45 -18.11 -10.93 -11.40
N PHE H 46 -18.76 -10.43 -10.35
CA PHE H 46 -19.27 -9.07 -10.36
C PHE H 46 -18.19 -8.01 -10.63
N THR H 47 -17.09 -8.09 -9.88
CA THR H 47 -16.05 -7.07 -9.97
C THR H 47 -15.43 -6.96 -11.37
N GLU H 48 -15.25 -8.10 -12.04
CA GLU H 48 -14.71 -8.08 -13.39
C GLU H 48 -15.76 -7.62 -14.38
N ALA H 49 -17.00 -8.04 -14.15
CA ALA H 49 -18.12 -7.61 -14.98
C ALA H 49 -18.29 -6.10 -14.88
N GLN H 50 -18.21 -5.58 -13.67
CA GLN H 50 -18.34 -4.15 -13.42
C GLN H 50 -17.22 -3.38 -14.10
N LEU H 51 -16.01 -3.91 -14.01
CA LEU H 51 -14.84 -3.27 -14.60
C LEU H 51 -14.92 -3.21 -16.12
N LEU H 52 -15.46 -4.28 -16.72
CA LEU H 52 -15.61 -4.34 -18.18
C LEU H 52 -16.62 -3.31 -18.67
N CYS H 53 -17.72 -3.17 -17.94
CA CYS H 53 -18.78 -2.23 -18.31
C CYS H 53 -18.32 -0.78 -18.19
N THR H 54 -17.64 -0.46 -17.10
CA THR H 54 -17.19 0.91 -16.85
C THR H 54 -16.08 1.33 -17.80
N GLN H 55 -15.17 0.40 -18.10
CA GLN H 55 -14.09 0.69 -19.03
C GLN H 55 -14.61 0.79 -20.46
N ALA H 56 -15.81 0.25 -20.67
CA ALA H 56 -16.45 0.30 -21.98
C ALA H 56 -17.20 1.62 -22.17
N GLY H 57 -17.32 2.38 -21.08
CA GLY H 57 -17.95 3.69 -21.15
C GLY H 57 -19.37 3.70 -20.59
N GLY H 58 -19.77 2.58 -19.98
CA GLY H 58 -21.09 2.47 -19.40
C GLY H 58 -21.08 1.92 -17.99
N GLN H 59 -22.07 1.09 -17.69
CA GLN H 59 -22.17 0.47 -16.37
C GLN H 59 -23.00 -0.81 -16.49
N LEU H 60 -23.01 -1.61 -15.42
CA LEU H 60 -23.81 -2.83 -15.41
C LEU H 60 -25.29 -2.54 -15.58
N ALA H 61 -26.04 -3.49 -16.13
CA ALA H 61 -27.46 -3.31 -16.38
C ALA H 61 -28.17 -2.80 -15.13
N SER H 62 -28.88 -1.68 -15.27
CA SER H 62 -29.58 -1.07 -14.16
C SER H 62 -31.04 -0.78 -14.52
N PRO H 63 -31.86 -1.83 -14.60
CA PRO H 63 -33.28 -1.69 -14.94
C PRO H 63 -34.03 -0.85 -13.92
N ARG H 64 -34.62 0.25 -14.37
CA ARG H 64 -35.33 1.17 -13.48
C ARG H 64 -36.84 1.11 -13.66
N SER H 65 -37.30 0.25 -14.57
CA SER H 65 -38.73 0.10 -14.82
C SER H 65 -39.05 -1.29 -15.34
N ALA H 66 -40.34 -1.62 -15.41
CA ALA H 66 -40.77 -2.92 -15.92
C ALA H 66 -40.41 -3.08 -17.38
N ALA H 67 -40.46 -1.97 -18.12
CA ALA H 67 -40.13 -1.99 -19.54
C ALA H 67 -38.65 -2.26 -19.76
N GLU H 68 -37.82 -1.62 -18.95
CA GLU H 68 -36.38 -1.84 -19.02
C GLU H 68 -36.03 -3.25 -18.54
N ASN H 69 -36.73 -3.71 -17.52
CA ASN H 69 -36.52 -5.04 -16.98
C ASN H 69 -36.89 -6.11 -18.00
N ALA H 70 -37.95 -5.84 -18.76
CA ALA H 70 -38.43 -6.77 -19.78
C ALA H 70 -37.44 -6.88 -20.94
N ALA H 71 -36.92 -5.74 -21.38
CA ALA H 71 -35.94 -5.71 -22.45
C ALA H 71 -34.67 -6.44 -22.03
N LEU H 72 -34.22 -6.16 -20.82
CA LEU H 72 -33.03 -6.81 -20.28
C LEU H 72 -33.24 -8.32 -20.16
N GLN H 73 -34.47 -8.70 -19.80
CA GLN H 73 -34.81 -10.10 -19.61
C GLN H 73 -34.67 -10.92 -20.90
N GLN H 74 -34.95 -10.28 -22.03
CA GLN H 74 -34.89 -10.96 -23.32
C GLN H 74 -33.45 -11.33 -23.73
N LEU H 75 -32.49 -10.53 -23.30
CA LEU H 75 -31.08 -10.84 -23.52
C LEU H 75 -30.67 -12.02 -22.66
N VAL H 76 -31.18 -12.06 -21.43
CA VAL H 76 -30.92 -13.16 -20.50
C VAL H 76 -31.51 -14.46 -21.02
N VAL H 77 -32.72 -14.37 -21.55
CA VAL H 77 -33.41 -15.52 -22.11
C VAL H 77 -32.72 -16.04 -23.37
N ALA H 78 -32.29 -15.11 -24.22
CA ALA H 78 -31.60 -15.47 -25.45
C ALA H 78 -30.30 -16.20 -25.17
N LYS H 79 -29.68 -15.87 -24.04
CA LYS H 79 -28.41 -16.49 -23.66
C LYS H 79 -28.63 -17.64 -22.67
N ASN H 80 -29.84 -17.75 -22.14
CA ASN H 80 -30.14 -18.70 -21.08
C ASN H 80 -29.13 -18.62 -19.94
N GLU H 81 -28.82 -17.40 -19.53
CA GLU H 81 -27.84 -17.18 -18.48
C GLU H 81 -28.24 -15.96 -17.64
N ALA H 82 -28.50 -16.18 -16.35
CA ALA H 82 -28.83 -15.08 -15.44
C ALA H 82 -27.71 -14.05 -15.46
N ALA H 83 -28.07 -12.77 -15.41
CA ALA H 83 -27.08 -11.70 -15.51
C ALA H 83 -26.98 -10.86 -14.25
N PHE H 84 -25.84 -10.19 -14.08
CA PHE H 84 -25.64 -9.29 -12.96
C PHE H 84 -26.28 -7.93 -13.23
N LEU H 85 -26.79 -7.31 -12.18
CA LEU H 85 -27.23 -5.93 -12.24
C LEU H 85 -26.16 -5.07 -11.58
N SER H 86 -26.31 -3.76 -11.66
CA SER H 86 -25.30 -2.87 -11.11
C SER H 86 -25.51 -2.62 -9.61
N MET H 87 -26.72 -2.85 -9.14
CA MET H 87 -27.08 -2.50 -7.77
C MET H 87 -26.56 -3.48 -6.72
N THR H 88 -26.21 -2.94 -5.55
CA THR H 88 -25.70 -3.75 -4.45
C THR H 88 -26.09 -3.14 -3.10
N ASP H 89 -26.05 -3.95 -2.06
CA ASP H 89 -26.28 -3.46 -0.70
C ASP H 89 -25.03 -3.64 0.16
N SER H 90 -23.87 -3.41 -0.46
CA SER H 90 -22.58 -3.59 0.21
C SER H 90 -22.33 -2.58 1.30
N LYS H 91 -22.68 -1.32 1.05
CA LYS H 91 -22.51 -0.27 2.05
C LYS H 91 -23.46 -0.50 3.23
N THR H 92 -24.75 -0.36 2.97
CA THR H 92 -25.76 -0.60 3.98
C THR H 92 -26.53 -1.88 3.69
N GLU H 93 -26.17 -2.96 4.39
CA GLU H 93 -26.82 -4.25 4.19
C GLU H 93 -28.34 -4.11 4.21
N GLY H 94 -28.99 -4.75 3.26
CA GLY H 94 -30.44 -4.69 3.16
C GLY H 94 -30.92 -3.56 2.29
N LYS H 95 -30.08 -2.53 2.16
CA LYS H 95 -30.42 -1.37 1.34
C LYS H 95 -29.67 -1.38 0.02
N PHE H 96 -30.34 -1.84 -1.04
CA PHE H 96 -29.73 -1.88 -2.36
C PHE H 96 -29.79 -0.52 -3.05
N THR H 97 -28.69 -0.16 -3.71
CA THR H 97 -28.59 1.15 -4.34
C THR H 97 -27.91 1.08 -5.70
N TYR H 98 -28.12 2.11 -6.51
CA TYR H 98 -27.44 2.22 -7.79
C TYR H 98 -26.04 2.76 -7.56
N PRO H 99 -25.21 2.77 -8.62
CA PRO H 99 -23.85 3.33 -8.55
C PRO H 99 -23.84 4.74 -7.96
N THR H 100 -24.95 5.46 -8.11
CA THR H 100 -25.05 6.83 -7.61
C THR H 100 -25.28 6.85 -6.10
N GLY H 101 -25.79 5.74 -5.56
CA GLY H 101 -26.02 5.63 -4.14
C GLY H 101 -27.48 5.73 -3.75
N GLU H 102 -28.31 6.20 -4.68
CA GLU H 102 -29.74 6.35 -4.41
C GLU H 102 -30.42 4.98 -4.37
N SER H 103 -31.47 4.87 -3.56
CA SER H 103 -32.17 3.60 -3.39
C SER H 103 -33.00 3.23 -4.63
N LEU H 104 -33.32 1.94 -4.72
CA LEU H 104 -34.09 1.42 -5.85
C LEU H 104 -35.40 2.16 -6.07
N VAL H 105 -35.67 2.52 -7.33
CA VAL H 105 -36.92 3.13 -7.71
C VAL H 105 -37.81 2.06 -8.33
N TYR H 106 -37.24 0.88 -8.50
CA TYR H 106 -37.96 -0.26 -9.08
C TYR H 106 -37.28 -1.56 -8.68
N SER H 107 -38.08 -2.61 -8.52
CA SER H 107 -37.54 -3.92 -8.17
C SER H 107 -38.47 -5.03 -8.66
N ASN H 108 -37.91 -6.22 -8.81
CA ASN H 108 -38.69 -7.37 -9.25
C ASN H 108 -38.20 -8.65 -8.57
N TRP H 109 -38.07 -8.59 -7.26
CA TRP H 109 -37.55 -9.70 -6.47
C TRP H 109 -38.37 -10.97 -6.63
N ALA H 110 -37.69 -12.11 -6.66
CA ALA H 110 -38.37 -13.39 -6.65
C ALA H 110 -38.94 -13.64 -5.27
N PRO H 111 -39.91 -14.58 -5.16
CA PRO H 111 -40.51 -14.89 -3.87
C PRO H 111 -39.45 -15.25 -2.83
N GLY H 112 -39.43 -14.51 -1.72
CA GLY H 112 -38.51 -14.80 -0.64
C GLY H 112 -37.20 -14.04 -0.73
N GLU H 113 -37.04 -13.28 -1.81
CA GLU H 113 -35.83 -12.47 -1.98
C GLU H 113 -36.17 -10.98 -1.78
N PRO H 114 -35.17 -10.18 -1.39
CA PRO H 114 -33.81 -10.65 -1.12
C PRO H 114 -33.68 -11.25 0.28
N ASN H 115 -32.77 -12.20 0.45
CA ASN H 115 -32.63 -12.91 1.73
C ASN H 115 -31.23 -12.85 2.34
N ASP H 116 -30.27 -12.30 1.59
CA ASP H 116 -28.89 -12.24 2.06
C ASP H 116 -28.46 -13.59 2.62
N ALA H 117 -28.75 -14.65 1.87
CA ALA H 117 -28.46 -16.01 2.29
C ALA H 117 -27.01 -16.17 2.76
N GLY H 118 -26.83 -16.82 3.89
CA GLY H 118 -25.52 -17.02 4.45
C GLY H 118 -24.90 -15.73 4.95
N GLY H 119 -25.70 -14.67 4.94
CA GLY H 119 -25.24 -13.36 5.36
C GLY H 119 -24.14 -12.82 4.47
N SER H 120 -24.15 -13.24 3.21
CA SER H 120 -23.10 -12.85 2.27
C SER H 120 -23.61 -12.73 0.84
N GLU H 121 -24.78 -12.10 0.67
CA GLU H 121 -25.31 -11.82 -0.65
C GLU H 121 -25.59 -10.32 -0.78
N ASP H 122 -24.72 -9.62 -1.50
CA ASP H 122 -24.86 -8.17 -1.66
C ASP H 122 -25.01 -7.77 -3.13
N CYS H 123 -25.00 -8.75 -4.03
CA CYS H 123 -25.20 -8.48 -5.46
C CYS H 123 -26.54 -8.99 -5.94
N VAL H 124 -26.94 -8.57 -7.13
CA VAL H 124 -28.24 -8.92 -7.68
C VAL H 124 -28.13 -9.54 -9.06
N GLU H 125 -28.90 -10.60 -9.29
CA GLU H 125 -28.96 -11.27 -10.58
C GLU H 125 -30.39 -11.27 -11.10
N ILE H 126 -30.53 -11.31 -12.42
CA ILE H 126 -31.86 -11.40 -13.03
C ILE H 126 -32.00 -12.70 -13.79
N PHE H 127 -33.13 -13.38 -13.59
CA PHE H 127 -33.35 -14.69 -14.19
C PHE H 127 -34.01 -14.58 -15.56
N THR H 128 -34.19 -15.73 -16.21
CA THR H 128 -34.84 -15.77 -17.51
C THR H 128 -36.32 -15.42 -17.39
N ASN H 129 -36.85 -15.50 -16.17
CA ASN H 129 -38.24 -15.12 -15.93
C ASN H 129 -38.37 -13.67 -15.48
N GLY H 130 -37.25 -12.96 -15.44
CA GLY H 130 -37.23 -11.55 -15.12
C GLY H 130 -37.14 -11.23 -13.64
N LYS H 131 -37.23 -12.26 -12.80
CA LYS H 131 -37.20 -12.06 -11.35
C LYS H 131 -35.78 -11.85 -10.84
N TRP H 132 -35.66 -11.13 -9.73
CA TRP H 132 -34.36 -10.83 -9.16
C TRP H 132 -34.02 -11.74 -8.00
N ASN H 133 -32.71 -11.91 -7.77
CA ASN H 133 -32.22 -12.61 -6.59
C ASN H 133 -30.90 -12.02 -6.12
N ASP H 134 -30.86 -11.63 -4.85
CA ASP H 134 -29.62 -11.18 -4.24
C ASP H 134 -28.69 -12.38 -4.11
N VAL H 135 -27.50 -12.25 -4.70
CA VAL H 135 -26.56 -13.37 -4.79
C VAL H 135 -25.14 -12.95 -4.42
N ALA H 136 -24.29 -13.93 -4.13
CA ALA H 136 -22.91 -13.66 -3.80
C ALA H 136 -22.18 -13.02 -4.98
N CYS H 137 -21.42 -11.97 -4.71
CA CYS H 137 -20.75 -11.22 -5.77
C CYS H 137 -19.63 -12.02 -6.44
N GLY H 138 -19.22 -13.13 -5.81
CA GLY H 138 -18.16 -13.95 -6.35
C GLY H 138 -18.63 -14.88 -7.45
N GLU H 139 -19.95 -15.00 -7.60
CA GLU H 139 -20.53 -15.90 -8.59
C GLU H 139 -20.36 -15.37 -10.01
N LYS H 140 -20.27 -16.29 -10.97
CA LYS H 140 -20.17 -15.93 -12.37
C LYS H 140 -21.55 -15.79 -13.00
N ARG H 141 -21.84 -14.59 -13.49
CA ARG H 141 -23.12 -14.33 -14.14
C ARG H 141 -22.93 -13.60 -15.46
N LEU H 142 -23.93 -13.70 -16.34
CA LEU H 142 -23.88 -13.05 -17.65
C LEU H 142 -23.56 -11.56 -17.51
N VAL H 143 -22.66 -11.09 -18.36
CA VAL H 143 -22.25 -9.69 -18.33
C VAL H 143 -23.09 -8.85 -19.30
N VAL H 144 -23.94 -7.99 -18.74
CA VAL H 144 -24.76 -7.11 -19.55
C VAL H 144 -24.56 -5.65 -19.13
N CYS H 145 -24.14 -4.82 -20.06
CA CYS H 145 -23.91 -3.41 -19.78
C CYS H 145 -25.04 -2.56 -20.35
N GLU H 146 -25.17 -1.34 -19.84
CA GLU H 146 -26.13 -0.40 -20.38
C GLU H 146 -25.42 0.88 -20.83
N PHE H 147 -25.88 1.44 -21.95
CA PHE H 147 -25.28 2.65 -22.49
C PHE H 147 -26.34 3.70 -22.78
N GLY I 8 -20.86 22.22 -42.97
CA GLY I 8 -20.69 22.35 -41.54
C GLY I 8 -19.86 21.22 -40.95
N GLN I 9 -20.37 20.61 -39.88
CA GLN I 9 -19.67 19.52 -39.22
C GLN I 9 -20.37 18.18 -39.45
N VAL I 10 -21.36 18.18 -40.34
CA VAL I 10 -22.08 16.96 -40.69
C VAL I 10 -21.12 15.95 -41.32
N GLN I 11 -20.27 16.46 -42.22
CA GLN I 11 -19.27 15.63 -42.88
C GLN I 11 -18.28 15.05 -41.87
N HIS I 12 -18.14 15.73 -40.73
CA HIS I 12 -17.33 15.23 -39.63
C HIS I 12 -18.01 14.00 -39.04
N LEU I 13 -19.34 14.05 -39.00
CA LEU I 13 -20.13 12.94 -38.50
C LEU I 13 -20.23 11.85 -39.56
N GLN I 14 -20.27 12.28 -40.81
CA GLN I 14 -20.32 11.35 -41.94
C GLN I 14 -19.03 10.53 -42.02
N ALA I 15 -17.91 11.18 -41.75
CA ALA I 15 -16.61 10.51 -41.76
C ALA I 15 -16.53 9.47 -40.65
N ALA I 16 -16.98 9.85 -39.46
CA ALA I 16 -16.96 8.97 -38.30
C ALA I 16 -17.91 7.80 -38.47
N PHE I 17 -19.09 8.06 -39.04
CA PHE I 17 -20.06 7.00 -39.28
C PHE I 17 -19.54 6.02 -40.32
N SER I 18 -18.83 6.54 -41.32
CA SER I 18 -18.22 5.70 -42.33
C SER I 18 -17.23 4.73 -41.70
N GLN I 19 -16.57 5.20 -40.64
CA GLN I 19 -15.58 4.39 -39.94
C GLN I 19 -16.26 3.29 -39.14
N TYR I 20 -17.21 3.67 -38.29
CA TYR I 20 -17.93 2.70 -37.47
C TYR I 20 -18.77 1.75 -38.33
N LYS I 21 -19.07 2.17 -39.55
CA LYS I 21 -19.72 1.29 -40.50
C LYS I 21 -18.86 0.05 -40.74
N LYS I 22 -17.59 0.28 -41.04
CA LYS I 22 -16.66 -0.82 -41.30
C LYS I 22 -16.37 -1.61 -40.04
N VAL I 23 -16.30 -0.92 -38.91
CA VAL I 23 -16.05 -1.57 -37.63
C VAL I 23 -17.18 -2.55 -37.30
N GLU I 24 -18.40 -2.15 -37.60
CA GLU I 24 -19.57 -2.98 -37.32
C GLU I 24 -19.61 -4.23 -38.19
N LEU I 25 -19.32 -4.07 -39.48
CA LEU I 25 -19.45 -5.16 -40.44
C LEU I 25 -18.39 -6.25 -40.28
N PHE I 26 -17.33 -5.92 -39.56
CA PHE I 26 -16.27 -6.89 -39.31
C PHE I 26 -16.54 -7.67 -38.03
N PRO I 27 -16.48 -9.01 -38.10
CA PRO I 27 -16.21 -9.78 -39.33
C PRO I 27 -17.46 -10.48 -39.86
N ASN I 28 -18.58 -10.34 -39.15
CA ASN I 28 -19.78 -11.10 -39.48
C ASN I 28 -20.80 -10.33 -40.31
N GLY I 29 -20.37 -9.27 -40.98
CA GLY I 29 -21.27 -8.45 -41.77
C GLY I 29 -20.90 -8.33 -43.23
N GLN I 30 -21.91 -8.09 -44.07
CA GLN I 30 -21.72 -7.89 -45.50
C GLN I 30 -22.73 -6.89 -46.03
N SER I 31 -22.25 -5.80 -46.59
CA SER I 31 -23.14 -4.78 -47.15
C SER I 31 -23.12 -4.85 -48.68
N VAL I 32 -24.31 -4.94 -49.26
CA VAL I 32 -24.45 -4.95 -50.71
C VAL I 32 -25.60 -4.05 -51.11
N GLY I 33 -25.27 -2.89 -51.69
CA GLY I 33 -26.27 -1.88 -51.97
C GLY I 33 -26.67 -1.19 -50.69
N GLU I 34 -27.98 -1.14 -50.43
CA GLU I 34 -28.48 -0.58 -49.19
C GLU I 34 -28.90 -1.68 -48.22
N LYS I 35 -28.59 -2.92 -48.58
CA LYS I 35 -28.92 -4.06 -47.72
C LYS I 35 -27.70 -4.52 -46.92
N ILE I 36 -27.95 -5.03 -45.72
CA ILE I 36 -26.87 -5.51 -44.86
C ILE I 36 -27.16 -6.92 -44.34
N PHE I 37 -26.25 -7.84 -44.61
CA PHE I 37 -26.34 -9.19 -44.06
C PHE I 37 -25.47 -9.31 -42.82
N LYS I 38 -26.03 -9.89 -41.76
CA LYS I 38 -25.23 -10.19 -40.58
C LYS I 38 -25.59 -11.55 -40.01
N THR I 39 -24.57 -12.37 -39.79
CA THR I 39 -24.76 -13.71 -39.25
C THR I 39 -24.56 -13.73 -37.74
N ALA I 40 -25.33 -14.56 -37.05
CA ALA I 40 -25.21 -14.71 -35.61
C ALA I 40 -24.00 -15.57 -35.28
N GLY I 41 -23.62 -16.42 -36.23
CA GLY I 41 -22.47 -17.28 -36.05
C GLY I 41 -22.84 -18.70 -35.66
N PHE I 42 -24.12 -18.91 -35.34
CA PHE I 42 -24.60 -20.22 -34.92
C PHE I 42 -25.76 -20.71 -35.76
N VAL I 43 -26.04 -22.01 -35.67
CA VAL I 43 -27.10 -22.63 -36.48
C VAL I 43 -28.37 -22.89 -35.67
N LYS I 44 -29.50 -22.74 -36.33
CA LYS I 44 -30.80 -22.95 -35.70
C LYS I 44 -31.79 -23.49 -36.72
N PRO I 45 -32.84 -24.17 -36.25
CA PRO I 45 -33.95 -24.56 -37.11
C PRO I 45 -34.61 -23.31 -37.69
N PHE I 46 -35.33 -23.45 -38.80
CA PHE I 46 -35.87 -22.30 -39.50
C PHE I 46 -36.72 -21.39 -38.62
N THR I 47 -37.69 -21.95 -37.92
CA THR I 47 -38.63 -21.17 -37.11
C THR I 47 -37.93 -20.31 -36.06
N GLU I 48 -36.91 -20.88 -35.40
CA GLU I 48 -36.18 -20.12 -34.40
C GLU I 48 -35.26 -19.10 -35.05
N ALA I 49 -34.72 -19.46 -36.21
CA ALA I 49 -33.87 -18.55 -36.97
C ALA I 49 -34.69 -17.35 -37.46
N GLN I 50 -35.89 -17.65 -37.96
CA GLN I 50 -36.80 -16.62 -38.42
C GLN I 50 -37.20 -15.69 -37.27
N LEU I 51 -37.47 -16.27 -36.11
CA LEU I 51 -37.90 -15.51 -34.94
C LEU I 51 -36.80 -14.57 -34.44
N LEU I 52 -35.57 -15.03 -34.53
CA LEU I 52 -34.43 -14.23 -34.09
C LEU I 52 -34.24 -13.02 -35.01
N CYS I 53 -34.38 -13.24 -36.30
CA CYS I 53 -34.22 -12.16 -37.29
C CYS I 53 -35.32 -11.12 -37.15
N THR I 54 -36.55 -11.59 -37.01
CA THR I 54 -37.70 -10.69 -36.93
C THR I 54 -37.66 -9.88 -35.63
N GLN I 55 -37.24 -10.52 -34.55
CA GLN I 55 -37.14 -9.84 -33.26
C GLN I 55 -35.97 -8.87 -33.20
N ALA I 56 -35.05 -9.00 -34.14
CA ALA I 56 -33.90 -8.10 -34.23
C ALA I 56 -34.25 -6.87 -35.06
N GLY I 57 -35.39 -6.92 -35.75
CA GLY I 57 -35.83 -5.80 -36.55
C GLY I 57 -35.66 -6.02 -38.04
N GLY I 58 -35.31 -7.24 -38.42
CA GLY I 58 -35.09 -7.57 -39.82
C GLY I 58 -35.79 -8.87 -40.22
N GLN I 59 -35.17 -9.59 -41.14
CA GLN I 59 -35.71 -10.87 -41.59
C GLN I 59 -34.57 -11.77 -42.07
N LEU I 60 -34.88 -13.04 -42.31
CA LEU I 60 -33.88 -13.96 -42.81
C LEU I 60 -33.32 -13.48 -44.15
N ALA I 61 -32.10 -13.90 -44.46
CA ALA I 61 -31.44 -13.48 -45.69
C ALA I 61 -32.32 -13.72 -46.91
N SER I 62 -32.52 -12.67 -47.70
CA SER I 62 -33.37 -12.77 -48.88
C SER I 62 -32.66 -12.22 -50.11
N PRO I 63 -31.65 -12.95 -50.61
CA PRO I 63 -30.90 -12.53 -51.79
C PRO I 63 -31.80 -12.39 -53.01
N ARG I 64 -31.83 -11.20 -53.59
CA ARG I 64 -32.68 -10.91 -54.74
C ARG I 64 -31.88 -10.72 -56.03
N SER I 65 -30.55 -10.83 -55.93
CA SER I 65 -29.69 -10.70 -57.10
C SER I 65 -28.41 -11.52 -56.93
N ALA I 66 -27.66 -11.65 -58.02
CA ALA I 66 -26.40 -12.37 -57.98
C ALA I 66 -25.41 -11.66 -57.06
N ALA I 67 -25.46 -10.33 -57.05
CA ALA I 67 -24.59 -9.53 -56.22
C ALA I 67 -24.89 -9.74 -54.74
N GLU I 68 -26.17 -9.78 -54.40
CA GLU I 68 -26.59 -10.03 -53.03
C GLU I 68 -26.27 -11.46 -52.63
N ASN I 69 -26.48 -12.39 -53.56
CA ASN I 69 -26.22 -13.79 -53.32
C ASN I 69 -24.73 -14.06 -53.08
N ALA I 70 -23.90 -13.31 -53.78
CA ALA I 70 -22.45 -13.44 -53.64
C ALA I 70 -21.97 -12.93 -52.29
N ALA I 71 -22.51 -11.80 -51.86
CA ALA I 71 -22.16 -11.22 -50.57
C ALA I 71 -22.59 -12.14 -49.44
N LEU I 72 -23.81 -12.66 -49.54
CA LEU I 72 -24.34 -13.60 -48.57
C LEU I 72 -23.49 -14.87 -48.54
N GLN I 73 -23.04 -15.29 -49.72
CA GLN I 73 -22.24 -16.50 -49.84
C GLN I 73 -20.95 -16.43 -49.04
N GLN I 74 -20.34 -15.25 -48.99
CA GLN I 74 -19.08 -15.06 -48.30
C GLN I 74 -19.20 -15.23 -46.79
N LEU I 75 -20.36 -14.93 -46.23
CA LEU I 75 -20.60 -15.16 -44.82
C LEU I 75 -20.69 -16.66 -44.56
N VAL I 76 -21.33 -17.37 -45.48
CA VAL I 76 -21.46 -18.82 -45.38
C VAL I 76 -20.10 -19.49 -45.50
N VAL I 77 -19.28 -18.99 -46.41
CA VAL I 77 -17.95 -19.54 -46.63
C VAL I 77 -17.07 -19.35 -45.41
N ALA I 78 -17.16 -18.16 -44.82
CA ALA I 78 -16.35 -17.83 -43.64
C ALA I 78 -16.70 -18.71 -42.46
N LYS I 79 -17.97 -19.13 -42.39
CA LYS I 79 -18.44 -19.97 -41.29
C LYS I 79 -18.40 -21.44 -41.65
N ASN I 80 -18.27 -21.73 -42.94
CA ASN I 80 -18.34 -23.10 -43.42
C ASN I 80 -19.65 -23.75 -43.01
N GLU I 81 -20.71 -22.96 -43.03
CA GLU I 81 -22.02 -23.41 -42.59
C GLU I 81 -23.11 -22.89 -43.52
N ALA I 82 -23.78 -23.79 -44.22
CA ALA I 82 -24.90 -23.42 -45.08
C ALA I 82 -25.94 -22.67 -44.26
N ALA I 83 -26.55 -21.64 -44.86
CA ALA I 83 -27.48 -20.80 -44.13
C ALA I 83 -28.90 -20.87 -44.69
N PHE I 84 -29.87 -20.52 -43.85
CA PHE I 84 -31.27 -20.47 -44.24
C PHE I 84 -31.58 -19.17 -44.95
N LEU I 85 -32.44 -19.25 -45.97
CA LEU I 85 -32.98 -18.05 -46.59
C LEU I 85 -34.38 -17.82 -46.03
N SER I 86 -35.00 -16.70 -46.36
CA SER I 86 -36.31 -16.38 -45.84
C SER I 86 -37.43 -17.03 -46.63
N MET I 87 -37.14 -17.40 -47.88
CA MET I 87 -38.16 -17.89 -48.80
C MET I 87 -38.59 -19.33 -48.53
N THR I 88 -39.88 -19.60 -48.77
CA THR I 88 -40.43 -20.94 -48.59
C THR I 88 -41.57 -21.20 -49.56
N ASP I 89 -41.90 -22.46 -49.76
CA ASP I 89 -43.05 -22.84 -50.58
C ASP I 89 -44.09 -23.58 -49.74
N SER I 90 -44.24 -23.13 -48.49
CA SER I 90 -45.14 -23.77 -47.54
C SER I 90 -46.61 -23.64 -47.93
N LYS I 91 -47.01 -22.45 -48.38
CA LYS I 91 -48.38 -22.21 -48.81
C LYS I 91 -48.68 -23.01 -50.07
N THR I 92 -48.05 -22.62 -51.17
CA THR I 92 -48.23 -23.31 -52.43
C THR I 92 -46.97 -24.10 -52.76
N GLU I 93 -47.02 -25.41 -52.51
CA GLU I 93 -45.89 -26.28 -52.80
C GLU I 93 -45.36 -26.04 -54.21
N GLY I 94 -44.04 -25.97 -54.34
CA GLY I 94 -43.42 -25.75 -55.63
C GLY I 94 -43.21 -24.28 -55.92
N LYS I 95 -44.03 -23.44 -55.30
CA LYS I 95 -43.95 -22.00 -55.49
C LYS I 95 -43.30 -21.32 -54.30
N PHE I 96 -42.02 -20.98 -54.42
CA PHE I 96 -41.30 -20.31 -53.36
C PHE I 96 -41.55 -18.80 -53.39
N THR I 97 -41.76 -18.22 -52.22
CA THR I 97 -42.08 -16.80 -52.13
C THR I 97 -41.35 -16.12 -50.98
N TYR I 98 -41.23 -14.80 -51.06
CA TYR I 98 -40.65 -14.02 -49.98
C TYR I 98 -41.69 -13.82 -48.88
N PRO I 99 -41.28 -13.25 -47.74
CA PRO I 99 -42.21 -12.97 -46.65
C PRO I 99 -43.41 -12.15 -47.11
N THR I 100 -43.24 -11.39 -48.19
CA THR I 100 -44.32 -10.57 -48.72
C THR I 100 -45.33 -11.41 -49.49
N GLY I 101 -44.89 -12.58 -49.97
CA GLY I 101 -45.75 -13.49 -50.68
C GLY I 101 -45.51 -13.50 -52.17
N GLU I 102 -44.74 -12.54 -52.66
CA GLU I 102 -44.43 -12.47 -54.07
C GLU I 102 -43.43 -13.55 -54.46
N SER I 103 -43.48 -13.98 -55.71
CA SER I 103 -42.61 -15.05 -56.19
C SER I 103 -41.18 -14.58 -56.41
N LEU I 104 -40.26 -15.52 -56.45
CA LEU I 104 -38.83 -15.23 -56.60
C LEU I 104 -38.55 -14.39 -57.84
N VAL I 105 -37.72 -13.36 -57.67
CA VAL I 105 -37.26 -12.56 -58.79
C VAL I 105 -35.84 -13.00 -59.15
N TYR I 106 -35.29 -13.88 -58.34
CA TYR I 106 -33.94 -14.42 -58.55
C TYR I 106 -33.78 -15.76 -57.84
N SER I 107 -33.00 -16.64 -58.43
CA SER I 107 -32.73 -17.95 -57.85
C SER I 107 -31.39 -18.49 -58.30
N ASN I 108 -30.82 -19.38 -57.49
CA ASN I 108 -29.55 -20.00 -57.82
C ASN I 108 -29.54 -21.47 -57.40
N TRP I 109 -30.55 -22.20 -57.84
CA TRP I 109 -30.72 -23.59 -57.45
C TRP I 109 -29.55 -24.46 -57.90
N ALA I 110 -29.17 -25.42 -57.05
CA ALA I 110 -28.17 -26.40 -57.43
C ALA I 110 -28.78 -27.36 -58.44
N PRO I 111 -27.94 -28.12 -59.15
CA PRO I 111 -28.43 -29.10 -60.13
C PRO I 111 -29.42 -30.08 -59.51
N GLY I 112 -30.62 -30.15 -60.06
CA GLY I 112 -31.63 -31.07 -59.59
C GLY I 112 -32.55 -30.49 -58.54
N GLU I 113 -32.27 -29.26 -58.12
CA GLU I 113 -33.08 -28.58 -57.12
C GLU I 113 -33.93 -27.47 -57.75
N PRO I 114 -35.07 -27.16 -57.13
CA PRO I 114 -35.56 -27.81 -55.91
C PRO I 114 -36.29 -29.10 -56.23
N ASN I 115 -36.27 -30.05 -55.30
CA ASN I 115 -36.86 -31.37 -55.54
C ASN I 115 -37.91 -31.78 -54.52
N ASP I 116 -38.07 -31.01 -53.46
CA ASP I 116 -39.01 -31.33 -52.39
C ASP I 116 -38.84 -32.78 -51.96
N ALA I 117 -37.60 -33.18 -51.76
CA ALA I 117 -37.27 -34.57 -51.42
C ALA I 117 -38.09 -35.08 -50.24
N GLY I 118 -38.63 -36.28 -50.38
CA GLY I 118 -39.47 -36.88 -49.34
C GLY I 118 -40.79 -36.16 -49.22
N GLY I 119 -41.05 -35.25 -50.15
CA GLY I 119 -42.27 -34.47 -50.15
C GLY I 119 -42.39 -33.60 -48.91
N SER I 120 -41.24 -33.22 -48.34
CA SER I 120 -41.22 -32.43 -47.13
C SER I 120 -40.05 -31.45 -47.09
N GLU I 121 -39.84 -30.73 -48.18
CA GLU I 121 -38.82 -29.70 -48.23
C GLU I 121 -39.41 -28.37 -48.69
N ASP I 122 -39.67 -27.48 -47.74
CA ASP I 122 -40.30 -26.21 -48.04
C ASP I 122 -39.41 -25.00 -47.69
N CYS I 123 -38.22 -25.28 -47.17
CA CYS I 123 -37.27 -24.22 -46.86
C CYS I 123 -36.09 -24.23 -47.84
N VAL I 124 -35.31 -23.16 -47.81
CA VAL I 124 -34.17 -23.04 -48.71
C VAL I 124 -32.87 -22.75 -47.96
N GLU I 125 -31.79 -23.38 -48.40
CA GLU I 125 -30.47 -23.17 -47.82
C GLU I 125 -29.49 -22.76 -48.91
N ILE I 126 -28.46 -22.01 -48.53
CA ILE I 126 -27.43 -21.60 -49.48
C ILE I 126 -26.09 -22.19 -49.07
N PHE I 127 -25.38 -22.77 -50.03
CA PHE I 127 -24.12 -23.46 -49.76
C PHE I 127 -22.92 -22.53 -49.87
N THR I 128 -21.74 -23.06 -49.56
CA THR I 128 -20.52 -22.28 -49.64
C THR I 128 -20.20 -21.93 -51.09
N ASN I 129 -20.79 -22.66 -52.02
CA ASN I 129 -20.59 -22.39 -53.44
C ASN I 129 -21.68 -21.46 -53.99
N GLY I 130 -22.58 -21.04 -53.11
CA GLY I 130 -23.61 -20.08 -53.48
C GLY I 130 -24.88 -20.70 -54.04
N LYS I 131 -24.88 -22.01 -54.23
CA LYS I 131 -26.03 -22.69 -54.80
C LYS I 131 -27.12 -22.93 -53.75
N TRP I 132 -28.36 -23.03 -54.20
CA TRP I 132 -29.50 -23.22 -53.29
C TRP I 132 -29.97 -24.66 -53.27
N ASN I 133 -30.59 -25.04 -52.15
CA ASN I 133 -31.23 -26.33 -52.02
C ASN I 133 -32.46 -26.23 -51.13
N ASP I 134 -33.60 -26.64 -51.65
CA ASP I 134 -34.80 -26.72 -50.82
C ASP I 134 -34.61 -27.83 -49.81
N VAL I 135 -34.76 -27.49 -48.53
CA VAL I 135 -34.44 -28.42 -47.44
C VAL I 135 -35.53 -28.41 -46.38
N ALA I 136 -35.54 -29.45 -45.54
CA ALA I 136 -36.49 -29.55 -44.44
C ALA I 136 -36.30 -28.40 -43.46
N CYS I 137 -37.40 -27.75 -43.09
CA CYS I 137 -37.36 -26.58 -42.20
C CYS I 137 -36.89 -26.94 -40.80
N GLY I 138 -36.89 -28.23 -40.48
CA GLY I 138 -36.51 -28.68 -39.16
C GLY I 138 -35.00 -28.75 -38.98
N GLU I 139 -34.27 -28.66 -40.08
CA GLU I 139 -32.81 -28.76 -40.05
C GLU I 139 -32.16 -27.51 -39.45
N LYS I 140 -31.01 -27.69 -38.82
CA LYS I 140 -30.25 -26.59 -38.26
C LYS I 140 -29.29 -26.00 -39.27
N ARG I 141 -29.49 -24.73 -39.59
CA ARG I 141 -28.63 -24.04 -40.56
C ARG I 141 -28.17 -22.69 -40.02
N LEU I 142 -27.08 -22.17 -40.58
CA LEU I 142 -26.52 -20.90 -40.15
C LEU I 142 -27.60 -19.82 -40.19
N VAL I 143 -27.62 -18.99 -39.15
CA VAL I 143 -28.61 -17.91 -39.05
C VAL I 143 -28.04 -16.60 -39.57
N VAL I 144 -28.56 -16.16 -40.70
CA VAL I 144 -28.12 -14.90 -41.30
C VAL I 144 -29.32 -13.99 -41.54
N CYS I 145 -29.27 -12.79 -40.95
CA CYS I 145 -30.36 -11.83 -41.11
C CYS I 145 -29.96 -10.73 -42.09
N GLU I 146 -30.96 -10.05 -42.65
CA GLU I 146 -30.72 -8.89 -43.50
C GLU I 146 -31.40 -7.66 -42.92
N PHE I 147 -30.74 -6.50 -43.04
CA PHE I 147 -31.27 -5.26 -42.50
C PHE I 147 -31.21 -4.15 -43.54
N GLY J 8 23.12 35.72 32.28
CA GLY J 8 23.30 35.68 30.84
C GLY J 8 22.03 35.21 30.16
N GLN J 9 21.71 33.93 30.35
CA GLN J 9 20.46 33.33 29.88
C GLN J 9 19.29 34.30 30.01
N VAL J 10 19.37 35.18 31.01
CA VAL J 10 18.44 36.29 31.18
C VAL J 10 18.30 37.12 29.90
N GLN J 11 19.41 37.73 29.47
CA GLN J 11 19.41 38.58 28.29
C GLN J 11 19.04 37.78 27.04
N HIS J 12 19.46 36.52 27.01
CA HIS J 12 19.06 35.60 25.95
C HIS J 12 17.56 35.32 26.04
N LEU J 13 16.99 35.45 27.23
CA LEU J 13 15.58 35.18 27.42
C LEU J 13 14.75 36.42 27.14
N GLN J 14 15.33 37.58 27.45
CA GLN J 14 14.67 38.85 27.19
C GLN J 14 14.49 39.05 25.69
N ALA J 15 15.47 38.61 24.91
CA ALA J 15 15.40 38.73 23.46
C ALA J 15 14.32 37.81 22.89
N ALA J 16 14.32 36.55 23.33
CA ALA J 16 13.33 35.59 22.87
C ALA J 16 11.95 36.10 23.23
N PHE J 17 11.85 36.65 24.43
CA PHE J 17 10.59 37.16 24.96
C PHE J 17 10.13 38.40 24.21
N SER J 18 11.05 39.32 23.99
CA SER J 18 10.77 40.52 23.21
C SER J 18 10.28 40.12 21.82
N GLN J 19 10.80 39.01 21.32
CA GLN J 19 10.39 38.46 20.03
C GLN J 19 8.95 37.96 20.09
N TYR J 20 8.62 37.24 21.15
CA TYR J 20 7.29 36.67 21.31
C TYR J 20 6.25 37.71 21.73
N LYS J 21 6.72 38.85 22.22
CA LYS J 21 5.84 39.96 22.51
C LYS J 21 5.16 40.39 21.22
N LYS J 22 5.96 40.62 20.18
CA LYS J 22 5.48 41.10 18.90
C LYS J 22 4.58 40.08 18.22
N VAL J 23 5.06 38.84 18.15
CA VAL J 23 4.30 37.76 17.51
C VAL J 23 2.92 37.64 18.13
N GLU J 24 2.84 37.86 19.45
CA GLU J 24 1.59 37.73 20.18
C GLU J 24 0.61 38.85 19.84
N LEU J 25 1.12 40.07 19.77
CA LEU J 25 0.27 41.23 19.53
C LEU J 25 -0.23 41.32 18.08
N PHE J 26 0.38 40.53 17.20
CA PHE J 26 0.00 40.53 15.80
C PHE J 26 -1.04 39.44 15.55
N PRO J 27 -2.21 39.83 14.99
CA PRO J 27 -2.56 41.21 14.64
C PRO J 27 -3.71 41.76 15.46
N ASN J 28 -4.00 41.17 16.62
CA ASN J 28 -5.15 41.57 17.42
C ASN J 28 -4.77 42.25 18.73
N GLY J 29 -3.52 42.69 18.83
CA GLY J 29 -3.02 43.31 20.04
C GLY J 29 -2.43 44.69 19.81
N GLN J 30 -2.47 45.52 20.85
CA GLN J 30 -1.90 46.86 20.80
C GLN J 30 -1.32 47.22 22.15
N SER J 31 -0.03 47.51 22.19
CA SER J 31 0.63 47.89 23.43
C SER J 31 0.89 49.39 23.47
N VAL J 32 0.49 50.02 24.56
CA VAL J 32 0.71 51.44 24.77
C VAL J 32 1.15 51.69 26.20
N GLY J 33 2.42 52.01 26.38
CA GLY J 33 2.99 52.13 27.71
C GLY J 33 3.16 50.75 28.31
N GLU J 34 2.60 50.55 29.49
CA GLU J 34 2.62 49.23 30.13
C GLU J 34 1.27 48.54 30.03
N LYS J 35 0.37 49.12 29.23
CA LYS J 35 -0.95 48.54 29.03
C LYS J 35 -1.02 47.80 27.70
N ILE J 36 -1.84 46.75 27.67
CA ILE J 36 -2.02 45.97 26.44
C ILE J 36 -3.49 45.78 26.11
N PHE J 37 -3.88 46.18 24.90
CA PHE J 37 -5.23 45.94 24.42
C PHE J 37 -5.24 44.71 23.52
N LYS J 38 -6.21 43.83 23.74
CA LYS J 38 -6.41 42.70 22.84
C LYS J 38 -7.90 42.48 22.59
N THR J 39 -8.25 42.36 21.32
CA THR J 39 -9.64 42.14 20.92
C THR J 39 -9.88 40.65 20.69
N ALA J 40 -11.08 40.18 21.01
CA ALA J 40 -11.44 38.79 20.78
C ALA J 40 -11.82 38.58 19.32
N GLY J 41 -12.19 39.67 18.65
CA GLY J 41 -12.53 39.62 17.24
C GLY J 41 -14.01 39.54 16.97
N PHE J 42 -14.78 39.33 18.03
CA PHE J 42 -16.24 39.20 17.90
C PHE J 42 -16.96 40.20 18.79
N VAL J 43 -18.26 40.38 18.52
CA VAL J 43 -19.07 41.33 19.27
C VAL J 43 -19.96 40.64 20.30
N LYS J 44 -20.19 41.33 21.41
CA LYS J 44 -21.00 40.81 22.50
C LYS J 44 -21.67 41.96 23.24
N PRO J 45 -22.81 41.67 23.90
CA PRO J 45 -23.42 42.67 24.78
C PRO J 45 -22.45 43.01 25.91
N PHE J 46 -22.66 44.15 26.58
CA PHE J 46 -21.71 44.63 27.57
C PHE J 46 -21.42 43.62 28.68
N THR J 47 -22.47 43.09 29.30
CA THR J 47 -22.31 42.19 30.43
C THR J 47 -21.49 40.94 30.10
N GLU J 48 -21.72 40.38 28.92
CA GLU J 48 -20.96 39.20 28.50
C GLU J 48 -19.54 39.58 28.12
N ALA J 49 -19.40 40.76 27.52
CA ALA J 49 -18.09 41.28 27.15
C ALA J 49 -17.26 41.53 28.41
N GLN J 50 -17.92 42.12 29.41
CA GLN J 50 -17.29 42.42 30.68
C GLN J 50 -16.86 41.16 31.41
N LEU J 51 -17.71 40.13 31.35
CA LEU J 51 -17.44 38.87 32.02
C LEU J 51 -16.26 38.13 31.37
N LEU J 52 -16.17 38.23 30.04
CA LEU J 52 -15.08 37.60 29.31
C LEU J 52 -13.74 38.24 29.65
N CYS J 53 -13.74 39.56 29.78
CA CYS J 53 -12.51 40.30 30.10
C CYS J 53 -12.02 40.00 31.52
N THR J 54 -12.95 40.01 32.47
CA THR J 54 -12.61 39.81 33.87
C THR J 54 -12.16 38.38 34.17
N GLN J 55 -12.81 37.42 33.52
CA GLN J 55 -12.44 36.02 33.68
C GLN J 55 -11.11 35.73 32.99
N ALA J 56 -10.73 36.61 32.07
CA ALA J 56 -9.47 36.46 31.35
C ALA J 56 -8.30 37.05 32.15
N GLY J 57 -8.64 37.75 33.24
CA GLY J 57 -7.63 38.30 34.12
C GLY J 57 -7.43 39.79 33.95
N GLY J 58 -8.30 40.42 33.16
CA GLY J 58 -8.22 41.84 32.92
C GLY J 58 -9.57 42.53 33.04
N GLN J 59 -9.79 43.52 32.17
CA GLN J 59 -11.04 44.27 32.18
C GLN J 59 -11.26 44.88 30.80
N LEU J 60 -12.47 45.39 30.57
CA LEU J 60 -12.81 46.04 29.31
C LEU J 60 -11.88 47.23 29.05
N ALA J 61 -11.64 47.53 27.77
CA ALA J 61 -10.75 48.61 27.40
C ALA J 61 -11.10 49.90 28.16
N SER J 62 -10.09 50.48 28.80
CA SER J 62 -10.28 51.68 29.58
C SER J 62 -9.23 52.73 29.22
N PRO J 63 -9.39 53.36 28.04
CA PRO J 63 -8.45 54.38 27.58
C PRO J 63 -8.43 55.59 28.51
N ARG J 64 -7.25 55.88 29.07
CA ARG J 64 -7.10 56.98 30.01
C ARG J 64 -6.32 58.15 29.42
N SER J 65 -5.95 58.04 28.15
CA SER J 65 -5.22 59.11 27.48
C SER J 65 -5.47 59.08 25.98
N ALA J 66 -5.03 60.12 25.29
CA ALA J 66 -5.16 60.18 23.84
C ALA J 66 -4.34 59.09 23.19
N ALA J 67 -3.17 58.81 23.78
CA ALA J 67 -2.28 57.78 23.27
C ALA J 67 -2.92 56.41 23.37
N GLU J 68 -3.51 56.12 24.53
CA GLU J 68 -4.19 54.85 24.74
C GLU J 68 -5.43 54.74 23.87
N ASN J 69 -6.15 55.86 23.74
CA ASN J 69 -7.35 55.90 22.92
C ASN J 69 -7.02 55.64 21.45
N ALA J 70 -5.87 56.15 21.01
CA ALA J 70 -5.44 55.99 19.63
C ALA J 70 -5.06 54.55 19.32
N ALA J 71 -4.34 53.91 20.25
CA ALA J 71 -3.95 52.52 20.08
C ALA J 71 -5.19 51.63 20.03
N LEU J 72 -6.12 51.88 20.95
CA LEU J 72 -7.37 51.14 21.00
C LEU J 72 -8.17 51.35 19.72
N GLN J 73 -8.10 52.56 19.18
CA GLN J 73 -8.83 52.91 17.97
C GLN J 73 -8.39 52.07 16.77
N GLN J 74 -7.11 51.73 16.72
CA GLN J 74 -6.57 50.97 15.60
C GLN J 74 -7.07 49.53 15.56
N LEU J 75 -7.44 49.00 16.71
CA LEU J 75 -8.04 47.68 16.77
C LEU J 75 -9.47 47.73 16.24
N VAL J 76 -10.17 48.81 16.58
CA VAL J 76 -11.52 49.02 16.10
C VAL J 76 -11.53 49.25 14.60
N VAL J 77 -10.54 49.96 14.11
CA VAL J 77 -10.42 50.25 12.69
C VAL J 77 -10.16 48.98 11.88
N ALA J 78 -9.28 48.14 12.41
CA ALA J 78 -8.92 46.89 11.74
C ALA J 78 -10.12 45.96 11.64
N LYS J 79 -10.99 46.02 12.64
CA LYS J 79 -12.16 45.14 12.68
C LYS J 79 -13.38 45.81 12.07
N ASN J 80 -13.32 47.11 11.89
CA ASN J 80 -14.48 47.87 11.42
C ASN J 80 -15.68 47.63 12.33
N GLU J 81 -15.41 47.55 13.63
CA GLU J 81 -16.44 47.26 14.61
C GLU J 81 -16.23 48.10 15.87
N ALA J 82 -17.16 49.00 16.15
CA ALA J 82 -17.08 49.81 17.36
C ALA J 82 -17.03 48.90 18.59
N ALA J 83 -16.23 49.29 19.58
CA ALA J 83 -16.00 48.44 20.73
C ALA J 83 -16.53 49.05 22.03
N PHE J 84 -16.77 48.20 23.02
CA PHE J 84 -17.20 48.65 24.33
C PHE J 84 -16.03 49.10 25.19
N LEU J 85 -16.25 50.14 25.98
CA LEU J 85 -15.28 50.54 27.00
C LEU J 85 -15.78 50.01 28.34
N SER J 86 -14.95 50.11 29.37
CA SER J 86 -15.32 49.58 30.69
C SER J 86 -16.19 50.55 31.47
N MET J 87 -16.15 51.81 31.09
CA MET J 87 -16.81 52.87 31.86
C MET J 87 -18.32 52.94 31.65
N THR J 88 -19.03 53.28 32.72
CA THR J 88 -20.49 53.40 32.67
C THR J 88 -20.97 54.46 33.65
N ASP J 89 -22.19 54.93 33.46
CA ASP J 89 -22.80 55.85 34.41
C ASP J 89 -24.06 55.23 35.00
N SER J 90 -23.99 53.94 35.29
CA SER J 90 -25.13 53.18 35.80
C SER J 90 -25.51 53.57 37.23
N LYS J 91 -24.51 53.80 38.08
CA LYS J 91 -24.76 54.21 39.44
C LYS J 91 -25.33 55.62 39.48
N THR J 92 -24.52 56.59 39.10
CA THR J 92 -24.95 57.98 39.02
C THR J 92 -25.08 58.42 37.57
N GLU J 93 -26.31 58.46 37.07
CA GLU J 93 -26.58 58.87 35.70
C GLU J 93 -25.87 60.18 35.37
N GLY J 94 -25.22 60.21 34.20
CA GLY J 94 -24.51 61.40 33.78
C GLY J 94 -23.06 61.39 34.23
N LYS J 95 -22.78 60.63 35.28
CA LYS J 95 -21.42 60.52 35.81
C LYS J 95 -20.81 59.18 35.45
N PHE J 96 -19.99 59.16 34.41
CA PHE J 96 -19.30 57.95 33.98
C PHE J 96 -18.06 57.69 34.82
N THR J 97 -17.85 56.42 35.19
CA THR J 97 -16.74 56.06 36.04
C THR J 97 -16.08 54.75 35.60
N TYR J 98 -14.83 54.55 36.03
CA TYR J 98 -14.12 53.31 35.78
C TYR J 98 -14.61 52.24 36.76
N PRO J 99 -14.18 50.99 36.55
CA PRO J 99 -14.54 49.89 37.46
C PRO J 99 -14.21 50.22 38.91
N THR J 100 -13.27 51.14 39.12
CA THR J 100 -12.86 51.52 40.47
C THR J 100 -13.85 52.49 41.08
N GLY J 101 -14.63 53.17 40.24
CA GLY J 101 -15.63 54.12 40.70
C GLY J 101 -15.23 55.56 40.50
N GLU J 102 -13.94 55.80 40.26
CA GLU J 102 -13.44 57.16 40.05
C GLU J 102 -13.90 57.71 38.71
N SER J 103 -14.06 59.03 38.64
CA SER J 103 -14.56 59.68 37.43
C SER J 103 -13.50 59.72 36.33
N LEU J 104 -13.96 59.94 35.10
CA LEU J 104 -13.08 59.97 33.94
C LEU J 104 -11.95 60.98 34.07
N VAL J 105 -10.74 60.54 33.75
CA VAL J 105 -9.58 61.42 33.70
C VAL J 105 -9.31 61.81 32.25
N TYR J 106 -10.07 61.20 31.35
CA TYR J 106 -9.96 61.46 29.92
C TYR J 106 -11.22 61.04 29.19
N SER J 107 -11.57 61.79 28.14
CA SER J 107 -12.75 61.48 27.33
C SER J 107 -12.57 61.98 25.91
N ASN J 108 -13.30 61.37 24.98
CA ASN J 108 -13.26 61.76 23.58
C ASN J 108 -14.65 61.66 22.96
N TRP J 109 -15.64 62.25 23.62
CA TRP J 109 -17.02 62.18 23.18
C TRP J 109 -17.21 62.75 21.78
N ALA J 110 -18.09 62.12 21.02
CA ALA J 110 -18.49 62.64 19.72
C ALA J 110 -19.41 63.84 19.92
N PRO J 111 -19.57 64.66 18.87
CA PRO J 111 -20.44 65.85 18.96
C PRO J 111 -21.84 65.49 19.43
N GLY J 112 -22.27 66.09 20.54
CA GLY J 112 -23.61 65.87 21.06
C GLY J 112 -23.69 64.74 22.06
N GLU J 113 -22.56 64.09 22.31
CA GLU J 113 -22.51 63.00 23.29
C GLU J 113 -21.73 63.43 24.52
N PRO J 114 -22.01 62.79 25.67
CA PRO J 114 -23.06 61.77 25.80
C PRO J 114 -24.45 62.38 25.95
N ASN J 115 -25.47 61.67 25.51
CA ASN J 115 -26.84 62.21 25.52
C ASN J 115 -27.86 61.34 26.25
N ASP J 116 -27.45 60.14 26.65
CA ASP J 116 -28.34 59.22 27.34
C ASP J 116 -29.66 59.11 26.58
N ALA J 117 -29.55 58.93 25.27
CA ALA J 117 -30.72 58.86 24.39
C ALA J 117 -31.76 57.86 24.89
N GLY J 118 -33.01 58.27 24.89
CA GLY J 118 -34.10 57.42 25.37
C GLY J 118 -34.02 57.23 26.86
N GLY J 119 -33.12 57.95 27.51
CA GLY J 119 -32.93 57.83 28.95
C GLY J 119 -32.45 56.44 29.34
N SER J 120 -31.77 55.77 28.42
CA SER J 120 -31.31 54.40 28.67
C SER J 120 -29.98 54.10 27.99
N GLU J 121 -29.03 55.01 28.13
CA GLU J 121 -27.68 54.79 27.63
C GLU J 121 -26.66 54.99 28.73
N ASP J 122 -26.17 53.90 29.30
CA ASP J 122 -25.22 53.96 30.40
C ASP J 122 -23.87 53.34 30.06
N CYS J 123 -23.75 52.82 28.85
CA CYS J 123 -22.49 52.24 28.39
C CYS J 123 -21.81 53.13 27.35
N VAL J 124 -20.54 52.86 27.08
CA VAL J 124 -19.77 53.67 26.14
C VAL J 124 -19.14 52.81 25.05
N GLU J 125 -19.16 53.34 23.82
CA GLU J 125 -18.56 52.67 22.67
C GLU J 125 -17.57 53.60 22.00
N ILE J 126 -16.56 53.03 21.35
CA ILE J 126 -15.58 53.83 20.62
C ILE J 126 -15.66 53.51 19.12
N PHE J 127 -15.66 54.54 18.30
CA PHE J 127 -15.81 54.37 16.86
C PHE J 127 -14.48 54.22 16.15
N THR J 128 -14.54 54.00 14.85
CA THR J 128 -13.32 53.86 14.05
C THR J 128 -12.59 55.19 13.95
N ASN J 129 -13.29 56.27 14.25
CA ASN J 129 -12.67 57.59 14.27
C ASN J 129 -12.18 57.98 15.67
N GLY J 130 -12.34 57.06 16.62
CA GLY J 130 -11.84 57.25 17.97
C GLY J 130 -12.79 57.97 18.91
N LYS J 131 -13.90 58.46 18.37
CA LYS J 131 -14.87 59.21 19.19
C LYS J 131 -15.75 58.29 20.02
N TRP J 132 -16.23 58.80 21.14
CA TRP J 132 -17.06 58.02 22.05
C TRP J 132 -18.54 58.32 21.89
N ASN J 133 -19.36 57.33 22.23
CA ASN J 133 -20.80 57.50 22.27
C ASN J 133 -21.39 56.65 23.39
N ASP J 134 -22.14 57.29 24.29
CA ASP J 134 -22.85 56.53 25.32
C ASP J 134 -23.98 55.75 24.66
N VAL J 135 -23.99 54.45 24.86
CA VAL J 135 -24.92 53.57 24.16
C VAL J 135 -25.58 52.58 25.11
N ALA J 136 -26.69 51.99 24.66
CA ALA J 136 -27.40 50.98 25.43
C ALA J 136 -26.50 49.77 25.69
N CYS J 137 -26.47 49.31 26.93
CA CYS J 137 -25.60 48.20 27.32
C CYS J 137 -26.01 46.88 26.68
N GLY J 138 -27.21 46.84 26.12
CA GLY J 138 -27.72 45.63 25.53
C GLY J 138 -27.23 45.41 24.11
N GLU J 139 -26.60 46.44 23.55
CA GLU J 139 -26.10 46.37 22.18
C GLU J 139 -24.85 45.50 22.07
N LYS J 140 -24.66 44.89 20.90
CA LYS J 140 -23.49 44.07 20.64
C LYS J 140 -22.35 44.89 20.05
N ARG J 141 -21.23 44.97 20.77
CA ARG J 141 -20.08 45.72 20.32
C ARG J 141 -18.80 44.89 20.44
N LEU J 142 -17.79 45.26 19.64
CA LEU J 142 -16.52 44.55 19.65
C LEU J 142 -15.96 44.41 21.06
N VAL J 143 -15.48 43.21 21.38
CA VAL J 143 -14.93 42.93 22.70
C VAL J 143 -13.42 43.14 22.75
N VAL J 144 -13.00 44.20 23.44
CA VAL J 144 -11.60 44.51 23.58
C VAL J 144 -11.21 44.62 25.05
N CYS J 145 -10.25 43.81 25.47
CA CYS J 145 -9.81 43.81 26.86
C CYS J 145 -8.46 44.48 27.00
N GLU J 146 -8.14 44.91 28.21
CA GLU J 146 -6.84 45.51 28.50
C GLU J 146 -6.13 44.71 29.59
N PHE J 147 -4.83 44.53 29.44
CA PHE J 147 -4.05 43.77 30.42
C PHE J 147 -2.81 44.54 30.84
N GLN K 9 14.39 29.35 39.49
CA GLN K 9 13.38 30.19 38.85
C GLN K 9 13.64 30.35 37.35
N VAL K 10 14.92 30.40 36.98
CA VAL K 10 15.33 30.63 35.60
C VAL K 10 14.90 29.48 34.69
N GLN K 11 15.29 28.27 35.06
CA GLN K 11 14.92 27.06 34.33
C GLN K 11 13.40 26.92 34.26
N HIS K 12 12.73 27.26 35.35
CA HIS K 12 11.26 27.21 35.40
C HIS K 12 10.69 28.12 34.33
N LEU K 13 11.22 29.34 34.26
CA LEU K 13 10.80 30.30 33.25
C LEU K 13 11.13 29.77 31.84
N GLN K 14 12.30 29.17 31.69
CA GLN K 14 12.72 28.61 30.42
C GLN K 14 11.73 27.58 29.90
N ALA K 15 11.21 26.77 30.82
CA ALA K 15 10.23 25.74 30.48
C ALA K 15 8.86 26.35 30.21
N ALA K 16 8.40 27.18 31.14
CA ALA K 16 7.13 27.89 30.96
C ALA K 16 7.10 28.65 29.64
N PHE K 17 8.25 29.19 29.26
CA PHE K 17 8.37 29.95 28.00
C PHE K 17 8.34 29.03 26.78
N SER K 18 8.99 27.88 26.90
CA SER K 18 8.96 26.88 25.85
C SER K 18 7.53 26.48 25.57
N GLN K 19 6.76 26.33 26.65
CA GLN K 19 5.37 25.93 26.56
C GLN K 19 4.55 26.99 25.81
N TYR K 20 4.46 28.18 26.40
CA TYR K 20 3.72 29.28 25.80
C TYR K 20 4.23 29.59 24.39
N LYS K 21 5.41 29.10 24.08
CA LYS K 21 5.98 29.22 22.75
C LYS K 21 5.12 28.45 21.75
N LYS K 22 4.88 27.19 22.07
CA LYS K 22 4.07 26.31 21.23
C LYS K 22 2.62 26.79 21.17
N VAL K 23 2.14 27.33 22.29
CA VAL K 23 0.76 27.79 22.38
C VAL K 23 0.51 28.97 21.44
N GLU K 24 1.41 29.95 21.48
CA GLU K 24 1.31 31.14 20.64
C GLU K 24 1.24 30.78 19.15
N LEU K 25 2.08 29.84 18.75
CA LEU K 25 2.23 29.50 17.35
C LEU K 25 1.03 28.72 16.79
N PHE K 26 0.18 28.24 17.68
CA PHE K 26 -1.03 27.53 17.29
C PHE K 26 -2.17 28.53 17.16
N PRO K 27 -2.80 28.58 15.98
CA PRO K 27 -2.52 27.74 14.81
C PRO K 27 -2.03 28.52 13.59
N ASN K 28 -1.43 29.69 13.79
CA ASN K 28 -1.05 30.55 12.67
C ASN K 28 0.43 30.92 12.66
N GLY K 29 1.25 30.12 13.34
CA GLY K 29 2.66 30.43 13.46
C GLY K 29 3.58 29.29 13.05
N GLN K 30 4.80 29.64 12.66
CA GLN K 30 5.82 28.67 12.28
C GLN K 30 7.19 29.19 12.67
N SER K 31 7.93 28.40 13.44
CA SER K 31 9.27 28.77 13.84
C SER K 31 10.31 27.95 13.09
N VAL K 32 11.29 28.63 12.52
CA VAL K 32 12.38 27.97 11.82
C VAL K 32 13.69 28.66 12.17
N GLY K 33 14.52 27.98 12.94
CA GLY K 33 15.73 28.59 13.48
C GLY K 33 15.34 29.61 14.53
N GLU K 34 15.83 30.83 14.40
CA GLU K 34 15.47 31.89 15.33
C GLU K 34 14.43 32.83 14.72
N LYS K 35 13.91 32.45 13.56
CA LYS K 35 12.89 33.24 12.88
C LYS K 35 11.49 32.68 13.15
N ILE K 36 10.50 33.57 13.17
CA ILE K 36 9.13 33.17 13.40
C ILE K 36 8.19 33.77 12.35
N PHE K 37 7.48 32.91 11.64
CA PHE K 37 6.45 33.36 10.71
C PHE K 37 5.09 33.34 11.39
N LYS K 38 4.31 34.40 11.19
CA LYS K 38 2.93 34.42 11.66
C LYS K 38 2.02 35.10 10.65
N THR K 39 0.95 34.40 10.27
CA THR K 39 -0.03 34.94 9.33
C THR K 39 -1.19 35.59 10.07
N ALA K 40 -1.72 36.67 9.48
CA ALA K 40 -2.88 37.35 10.05
C ALA K 40 -4.16 36.60 9.73
N GLY K 41 -4.12 35.78 8.68
CA GLY K 41 -5.26 34.97 8.28
C GLY K 41 -6.06 35.59 7.16
N PHE K 42 -5.75 36.83 6.81
CA PHE K 42 -6.47 37.53 5.76
C PHE K 42 -5.54 38.05 4.67
N VAL K 43 -6.13 38.44 3.54
CA VAL K 43 -5.35 38.92 2.41
C VAL K 43 -5.42 40.44 2.28
N LYS K 44 -4.31 41.02 1.82
CA LYS K 44 -4.22 42.46 1.63
C LYS K 44 -3.28 42.77 0.48
N PRO K 45 -3.45 43.95 -0.15
CA PRO K 45 -2.47 44.42 -1.14
C PRO K 45 -1.11 44.56 -0.47
N PHE K 46 -0.05 44.61 -1.27
CA PHE K 46 1.31 44.63 -0.73
C PHE K 46 1.57 45.76 0.25
N THR K 47 1.23 46.99 -0.14
CA THR K 47 1.54 48.16 0.67
C THR K 47 0.88 48.12 2.05
N GLU K 48 -0.37 47.65 2.10
CA GLU K 48 -1.06 47.55 3.38
C GLU K 48 -0.52 46.36 4.19
N ALA K 49 -0.18 45.28 3.49
CA ALA K 49 0.41 44.13 4.14
C ALA K 49 1.76 44.49 4.74
N GLN K 50 2.56 45.24 3.97
CA GLN K 50 3.86 45.69 4.42
C GLN K 50 3.73 46.61 5.64
N LEU K 51 2.73 47.48 5.60
CA LEU K 51 2.51 48.43 6.68
C LEU K 51 2.09 47.73 7.98
N LEU K 52 1.32 46.66 7.84
CA LEU K 52 0.86 45.89 8.99
C LEU K 52 2.01 45.14 9.66
N CYS K 53 2.89 44.56 8.84
CA CYS K 53 4.04 43.82 9.35
C CYS K 53 5.03 44.72 10.06
N THR K 54 5.29 45.89 9.47
CA THR K 54 6.28 46.81 10.01
C THR K 54 5.79 47.49 11.30
N GLN K 55 4.50 47.81 11.34
CA GLN K 55 3.92 48.42 12.53
C GLN K 55 3.76 47.39 13.65
N ALA K 56 3.84 46.12 13.28
CA ALA K 56 3.76 45.04 14.26
C ALA K 56 5.13 44.76 14.86
N GLY K 57 6.17 45.36 14.28
CA GLY K 57 7.51 45.22 14.79
C GLY K 57 8.37 44.28 13.99
N GLY K 58 7.86 43.85 12.83
CA GLY K 58 8.60 42.93 11.98
C GLY K 58 8.58 43.38 10.53
N GLN K 59 8.49 42.41 9.62
CA GLN K 59 8.44 42.68 8.20
C GLN K 59 7.78 41.52 7.48
N LEU K 60 7.44 41.71 6.21
CA LEU K 60 6.85 40.65 5.41
C LEU K 60 7.76 39.44 5.36
N ALA K 61 7.17 38.27 5.19
CA ALA K 61 7.93 37.01 5.14
C ALA K 61 9.10 37.11 4.16
N SER K 62 10.30 36.81 4.66
CA SER K 62 11.50 36.88 3.83
C SER K 62 12.31 35.58 3.91
N PRO K 63 11.81 34.50 3.28
CA PRO K 63 12.49 33.20 3.28
C PRO K 63 13.86 33.27 2.64
N ARG K 64 14.90 32.95 3.42
CA ARG K 64 16.27 33.02 2.95
C ARG K 64 16.89 31.64 2.73
N SER K 65 16.09 30.60 2.92
CA SER K 65 16.56 29.24 2.72
C SER K 65 15.41 28.29 2.41
N ALA K 66 15.74 27.08 1.98
CA ALA K 66 14.74 26.07 1.67
C ALA K 66 13.94 25.71 2.92
N ALA K 67 14.63 25.68 4.06
CA ALA K 67 14.00 25.36 5.33
C ALA K 67 12.99 26.42 5.73
N GLU K 68 13.39 27.68 5.60
CA GLU K 68 12.48 28.80 5.90
C GLU K 68 11.33 28.84 4.92
N ASN K 69 11.62 28.56 3.65
CA ASN K 69 10.60 28.55 2.61
C ASN K 69 9.59 27.44 2.85
N ALA K 70 10.06 26.31 3.36
CA ALA K 70 9.19 25.18 3.65
C ALA K 70 8.24 25.49 4.82
N ALA K 71 8.77 26.17 5.83
CA ALA K 71 8.00 26.53 7.02
C ALA K 71 6.91 27.51 6.65
N LEU K 72 7.28 28.51 5.88
CA LEU K 72 6.33 29.49 5.38
C LEU K 72 5.28 28.83 4.50
N GLN K 73 5.70 27.87 3.68
CA GLN K 73 4.81 27.17 2.78
C GLN K 73 3.69 26.46 3.56
N GLN K 74 4.02 25.98 4.75
CA GLN K 74 3.03 25.33 5.61
C GLN K 74 1.87 26.26 6.00
N LEU K 75 2.21 27.51 6.28
CA LEU K 75 1.21 28.53 6.61
C LEU K 75 0.32 28.84 5.41
N VAL K 76 0.93 28.88 4.23
CA VAL K 76 0.21 29.12 2.98
C VAL K 76 -0.70 27.95 2.65
N VAL K 77 -0.24 26.75 2.94
CA VAL K 77 -1.03 25.56 2.64
C VAL K 77 -2.25 25.48 3.54
N ALA K 78 -2.06 25.80 4.82
CA ALA K 78 -3.14 25.73 5.79
C ALA K 78 -4.27 26.69 5.46
N LYS K 79 -3.90 27.83 4.87
CA LYS K 79 -4.87 28.87 4.54
C LYS K 79 -5.37 28.71 3.10
N ASN K 80 -4.64 27.94 2.31
CA ASN K 80 -4.96 27.80 0.89
C ASN K 80 -4.93 29.17 0.22
N GLU K 81 -3.99 30.00 0.64
CA GLU K 81 -3.89 31.36 0.13
C GLU K 81 -2.43 31.74 -0.10
N ALA K 82 -2.09 32.02 -1.35
CA ALA K 82 -0.74 32.47 -1.68
C ALA K 82 -0.42 33.74 -0.92
N ALA K 83 0.81 33.85 -0.41
CA ALA K 83 1.18 34.98 0.43
C ALA K 83 2.25 35.87 -0.20
N PHE K 84 2.30 37.12 0.25
CA PHE K 84 3.30 38.07 -0.20
C PHE K 84 4.62 37.88 0.52
N LEU K 85 5.72 38.06 -0.21
CA LEU K 85 7.04 38.11 0.40
C LEU K 85 7.45 39.57 0.51
N SER K 86 8.55 39.85 1.21
CA SER K 86 8.99 41.22 1.42
C SER K 86 9.78 41.77 0.23
N MET K 87 10.29 40.86 -0.61
CA MET K 87 11.21 41.24 -1.68
C MET K 87 10.50 41.81 -2.91
N THR K 88 11.17 42.77 -3.55
CA THR K 88 10.64 43.41 -4.75
C THR K 88 11.77 43.84 -5.68
N ASP K 89 11.44 44.10 -6.94
CA ASP K 89 12.40 44.64 -7.88
C ASP K 89 11.94 46.01 -8.37
N SER K 90 11.38 46.80 -7.45
CA SER K 90 10.81 48.10 -7.77
C SER K 90 11.88 49.11 -8.17
N LYS K 91 13.00 49.10 -7.44
CA LYS K 91 14.09 50.01 -7.76
C LYS K 91 14.75 49.64 -9.08
N THR K 92 15.39 48.48 -9.10
CA THR K 92 16.02 47.97 -10.31
C THR K 92 15.23 46.79 -10.87
N GLU K 93 14.43 47.05 -11.90
CA GLU K 93 13.63 46.00 -12.53
C GLU K 93 14.48 44.78 -12.83
N GLY K 94 13.96 43.61 -12.50
CA GLY K 94 14.66 42.36 -12.74
C GLY K 94 15.53 41.95 -11.57
N LYS K 95 15.91 42.93 -10.75
CA LYS K 95 16.75 42.66 -9.59
C LYS K 95 15.93 42.73 -8.31
N PHE K 96 15.55 41.57 -7.79
CA PHE K 96 14.78 41.49 -6.55
C PHE K 96 15.68 41.59 -5.32
N THR K 97 15.26 42.38 -4.35
CA THR K 97 16.08 42.61 -3.16
C THR K 97 15.24 42.58 -1.89
N TYR K 98 15.91 42.40 -0.75
CA TYR K 98 15.25 42.45 0.54
C TYR K 98 15.06 43.91 0.95
N PRO K 99 14.37 44.15 2.07
CA PRO K 99 14.18 45.50 2.58
C PRO K 99 15.51 46.22 2.78
N THR K 100 16.58 45.46 2.98
CA THR K 100 17.91 46.04 3.18
C THR K 100 18.52 46.50 1.87
N GLY K 101 18.03 45.94 0.77
CA GLY K 101 18.51 46.30 -0.56
C GLY K 101 19.45 45.29 -1.17
N GLU K 102 19.91 44.33 -0.36
CA GLU K 102 20.80 43.30 -0.86
C GLU K 102 20.02 42.30 -1.71
N SER K 103 20.71 41.71 -2.68
CA SER K 103 20.07 40.77 -3.61
C SER K 103 19.76 39.43 -2.97
N LEU K 104 18.85 38.69 -3.60
CA LEU K 104 18.40 37.41 -3.08
C LEU K 104 19.56 36.44 -2.85
N VAL K 105 19.57 35.81 -1.68
CA VAL K 105 20.54 34.77 -1.37
C VAL K 105 19.88 33.41 -1.58
N TYR K 106 18.58 33.45 -1.85
CA TYR K 106 17.81 32.23 -2.09
C TYR K 106 16.56 32.56 -2.93
N SER K 107 16.14 31.61 -3.74
CA SER K 107 14.94 31.78 -4.56
C SER K 107 14.33 30.44 -4.91
N ASN K 108 13.03 30.45 -5.20
CA ASN K 108 12.33 29.23 -5.57
C ASN K 108 11.27 29.52 -6.64
N TRP K 109 11.71 30.20 -7.70
CA TRP K 109 10.80 30.63 -8.75
C TRP K 109 10.10 29.46 -9.43
N ALA K 110 8.83 29.66 -9.78
CA ALA K 110 8.11 28.68 -10.57
C ALA K 110 8.64 28.71 -12.00
N PRO K 111 8.37 27.64 -12.77
CA PRO K 111 8.80 27.57 -14.16
C PRO K 111 8.35 28.80 -14.95
N GLY K 112 9.30 29.52 -15.54
CA GLY K 112 8.98 30.68 -16.36
C GLY K 112 8.96 31.98 -15.58
N GLU K 113 9.15 31.91 -14.28
CA GLU K 113 9.17 33.09 -13.43
C GLU K 113 10.60 33.37 -12.95
N PRO K 114 10.90 34.65 -12.66
CA PRO K 114 9.96 35.77 -12.80
C PRO K 114 9.90 36.28 -14.24
N ASN K 115 8.75 36.82 -14.63
CA ASN K 115 8.55 37.24 -16.01
C ASN K 115 8.14 38.71 -16.17
N ASP K 116 7.85 39.38 -15.05
CA ASP K 116 7.41 40.78 -15.09
C ASP K 116 6.29 40.94 -16.10
N ALA K 117 5.30 40.05 -16.03
CA ALA K 117 4.19 40.04 -16.98
C ALA K 117 3.51 41.40 -17.10
N GLY K 118 3.29 41.84 -18.33
CA GLY K 118 2.67 43.13 -18.57
C GLY K 118 3.58 44.27 -18.20
N GLY K 119 4.84 43.94 -17.90
CA GLY K 119 5.82 44.94 -17.51
C GLY K 119 5.43 45.65 -16.23
N SER K 120 4.69 44.95 -15.37
CA SER K 120 4.21 45.55 -14.14
C SER K 120 4.06 44.52 -13.01
N GLU K 121 5.09 43.70 -12.83
CA GLU K 121 5.14 42.77 -11.70
C GLU K 121 6.43 42.95 -10.91
N ASP K 122 6.33 43.66 -9.79
CA ASP K 122 7.50 43.94 -8.96
C ASP K 122 7.43 43.30 -7.58
N CYS K 123 6.34 42.60 -7.29
CA CYS K 123 6.18 41.91 -6.02
C CYS K 123 6.27 40.39 -6.19
N VAL K 124 6.42 39.69 -5.07
CA VAL K 124 6.58 38.24 -5.09
C VAL K 124 5.56 37.53 -4.20
N GLU K 125 4.99 36.45 -4.72
CA GLU K 125 4.05 35.63 -3.97
C GLU K 125 4.55 34.20 -3.88
N ILE K 126 4.18 33.51 -2.81
CA ILE K 126 4.53 32.11 -2.66
C ILE K 126 3.28 31.23 -2.68
N PHE K 127 3.32 30.16 -3.47
CA PHE K 127 2.17 29.29 -3.65
C PHE K 127 2.13 28.16 -2.62
N THR K 128 1.07 27.38 -2.63
CA THR K 128 0.91 26.27 -1.72
C THR K 128 1.95 25.18 -2.00
N ASN K 129 2.55 25.22 -3.19
CA ASN K 129 3.59 24.27 -3.54
C ASN K 129 4.99 24.82 -3.25
N GLY K 130 5.04 26.02 -2.68
CA GLY K 130 6.29 26.62 -2.27
C GLY K 130 7.00 27.42 -3.36
N LYS K 131 6.45 27.39 -4.57
CA LYS K 131 7.08 28.09 -5.69
C LYS K 131 6.74 29.58 -5.70
N TRP K 132 7.66 30.38 -6.24
CA TRP K 132 7.48 31.83 -6.27
C TRP K 132 6.97 32.32 -7.62
N ASN K 133 6.28 33.44 -7.58
CA ASN K 133 5.85 34.14 -8.79
C ASN K 133 5.89 35.64 -8.57
N ASP K 134 6.56 36.35 -9.45
CA ASP K 134 6.53 37.80 -9.40
C ASP K 134 5.15 38.27 -9.86
N VAL K 135 4.50 39.07 -9.03
CA VAL K 135 3.11 39.46 -9.26
C VAL K 135 2.89 40.94 -9.00
N ALA K 136 1.79 41.47 -9.54
CA ALA K 136 1.45 42.88 -9.34
C ALA K 136 1.22 43.18 -7.86
N CYS K 137 1.83 44.26 -7.39
CA CYS K 137 1.77 44.63 -5.98
C CYS K 137 0.36 45.03 -5.54
N GLY K 138 -0.51 45.29 -6.51
CA GLY K 138 -1.87 45.70 -6.22
C GLY K 138 -2.79 44.55 -5.89
N GLU K 139 -2.30 43.32 -6.09
CA GLU K 139 -3.09 42.12 -5.83
C GLU K 139 -3.20 41.82 -4.35
N LYS K 140 -4.31 41.19 -3.95
CA LYS K 140 -4.52 40.78 -2.57
C LYS K 140 -3.95 39.40 -2.32
N ARG K 141 -2.99 39.32 -1.40
CA ARG K 141 -2.39 38.04 -1.03
C ARG K 141 -2.30 37.88 0.48
N LEU K 142 -2.23 36.63 0.94
CA LEU K 142 -2.15 36.33 2.36
C LEU K 142 -1.05 37.14 3.04
N VAL K 143 -1.36 37.69 4.20
CA VAL K 143 -0.41 38.51 4.94
C VAL K 143 0.36 37.68 5.97
N VAL K 144 1.65 37.47 5.71
CA VAL K 144 2.49 36.72 6.63
C VAL K 144 3.71 37.54 7.02
N CYS K 145 3.89 37.74 8.32
CA CYS K 145 5.02 38.50 8.83
C CYS K 145 6.08 37.57 9.41
N GLU K 146 7.30 38.08 9.55
CA GLU K 146 8.36 37.34 10.22
C GLU K 146 8.90 38.16 11.37
N PHE K 147 9.22 37.50 12.48
CA PHE K 147 9.73 38.17 13.66
C PHE K 147 11.00 37.47 14.15
N VAL L 10 16.06 39.81 35.30
CA VAL L 10 15.17 38.66 35.46
C VAL L 10 13.79 39.11 35.92
N GLN L 11 13.65 39.26 37.24
CA GLN L 11 12.42 39.70 37.89
C GLN L 11 11.52 40.51 36.94
N HIS L 12 12.15 41.42 36.20
CA HIS L 12 11.45 42.18 35.17
C HIS L 12 10.79 41.24 34.16
N LEU L 13 11.60 40.37 33.56
CA LEU L 13 11.12 39.44 32.55
C LEU L 13 9.94 38.61 33.07
N GLN L 14 10.02 38.14 34.31
CA GLN L 14 8.96 37.34 34.92
C GLN L 14 7.65 38.11 35.03
N ALA L 15 7.74 39.42 35.21
CA ALA L 15 6.56 40.28 35.33
C ALA L 15 5.92 40.53 33.97
N ALA L 16 6.75 40.82 32.97
CA ALA L 16 6.26 41.00 31.62
C ALA L 16 5.59 39.72 31.14
N PHE L 17 6.30 38.61 31.24
CA PHE L 17 5.78 37.31 30.82
C PHE L 17 4.44 36.98 31.49
N SER L 18 4.34 37.26 32.78
CA SER L 18 3.09 37.08 33.51
C SER L 18 1.97 37.82 32.79
N GLN L 19 2.30 39.02 32.31
CA GLN L 19 1.36 39.86 31.59
C GLN L 19 1.02 39.24 30.23
N TYR L 20 2.04 38.93 29.44
CA TYR L 20 1.82 38.34 28.12
C TYR L 20 1.12 37.00 28.24
N LYS L 21 1.19 36.41 29.42
CA LYS L 21 0.54 35.12 29.67
C LYS L 21 -0.98 35.27 29.62
N LYS L 22 -1.49 36.24 30.35
CA LYS L 22 -2.92 36.49 30.42
C LYS L 22 -3.44 36.96 29.07
N VAL L 23 -2.58 37.64 28.31
CA VAL L 23 -2.97 38.20 27.02
C VAL L 23 -3.14 37.10 25.97
N GLU L 24 -2.25 36.13 25.97
CA GLU L 24 -2.31 35.04 25.01
C GLU L 24 -3.55 34.18 25.21
N LEU L 25 -3.85 33.88 26.47
CA LEU L 25 -4.95 32.98 26.80
C LEU L 25 -6.32 33.57 26.48
N PHE L 26 -6.37 34.89 26.29
CA PHE L 26 -7.61 35.55 25.91
C PHE L 26 -7.72 35.67 24.39
N PRO L 27 -8.86 35.27 23.82
CA PRO L 27 -10.01 34.76 24.57
C PRO L 27 -10.15 33.24 24.49
N ASN L 28 -9.15 32.54 23.95
CA ASN L 28 -9.30 31.12 23.66
C ASN L 28 -8.38 30.19 24.44
N GLY L 29 -7.75 30.72 25.49
CA GLY L 29 -6.85 29.90 26.30
C GLY L 29 -7.28 29.73 27.75
N GLN L 30 -6.89 28.61 28.34
CA GLN L 30 -7.11 28.37 29.77
C GLN L 30 -5.93 27.63 30.40
N SER L 31 -5.32 28.23 31.42
CA SER L 31 -4.21 27.61 32.13
C SER L 31 -4.65 26.99 33.45
N VAL L 32 -4.23 25.75 33.68
CA VAL L 32 -4.51 25.05 34.94
C VAL L 32 -3.30 24.22 35.32
N GLY L 33 -2.59 24.66 36.36
CA GLY L 33 -1.33 24.03 36.73
C GLY L 33 -0.26 24.36 35.71
N GLU L 34 0.42 23.33 35.22
CA GLU L 34 1.45 23.51 34.20
C GLU L 34 0.91 23.14 32.83
N LYS L 35 -0.41 22.93 32.76
CA LYS L 35 -1.07 22.59 31.51
C LYS L 35 -1.81 23.78 30.92
N ILE L 36 -1.91 23.81 29.59
CA ILE L 36 -2.61 24.89 28.91
C ILE L 36 -3.59 24.36 27.87
N PHE L 37 -4.85 24.77 27.98
CA PHE L 37 -5.84 24.44 26.95
C PHE L 37 -6.01 25.62 25.99
N LYS L 38 -6.00 25.33 24.70
CA LYS L 38 -6.28 26.34 23.69
C LYS L 38 -7.13 25.79 22.54
N THR L 39 -8.16 26.55 22.18
CA THR L 39 -9.06 26.17 21.10
C THR L 39 -8.84 27.04 19.86
N ALA L 40 -9.13 26.48 18.70
CA ALA L 40 -8.96 27.19 17.43
C ALA L 40 -10.29 27.80 16.98
N GLY L 41 -11.38 27.29 17.55
CA GLY L 41 -12.70 27.82 17.27
C GLY L 41 -13.47 27.02 16.23
N PHE L 42 -12.77 26.12 15.56
CA PHE L 42 -13.40 25.29 14.54
C PHE L 42 -13.76 23.90 15.07
N VAL L 43 -14.85 23.34 14.56
CA VAL L 43 -15.30 22.02 14.95
C VAL L 43 -15.07 21.02 13.80
N LYS L 44 -14.39 19.92 14.10
CA LYS L 44 -14.06 18.91 13.10
C LYS L 44 -14.19 17.52 13.70
N PRO L 45 -14.21 16.49 12.83
CA PRO L 45 -14.21 15.10 13.27
C PRO L 45 -12.99 14.83 14.13
N PHE L 46 -12.98 13.71 14.85
CA PHE L 46 -11.90 13.40 15.79
C PHE L 46 -10.53 13.30 15.12
N THR L 47 -10.45 12.53 14.04
CA THR L 47 -9.18 12.28 13.36
C THR L 47 -8.51 13.56 12.88
N GLU L 48 -9.31 14.50 12.36
CA GLU L 48 -8.74 15.77 11.91
C GLU L 48 -8.38 16.65 13.10
N ALA L 49 -9.21 16.60 14.14
CA ALA L 49 -8.94 17.35 15.36
C ALA L 49 -7.65 16.85 15.99
N GLN L 50 -7.50 15.53 16.02
CA GLN L 50 -6.31 14.91 16.59
C GLN L 50 -5.07 15.28 15.80
N LEU L 51 -5.20 15.31 14.48
CA LEU L 51 -4.08 15.63 13.61
C LEU L 51 -3.63 17.08 13.78
N LEU L 52 -4.60 17.98 13.96
CA LEU L 52 -4.30 19.39 14.14
C LEU L 52 -3.56 19.65 15.44
N CYS L 53 -3.98 18.96 16.50
CA CYS L 53 -3.35 19.13 17.81
C CYS L 53 -1.94 18.59 17.82
N THR L 54 -1.74 17.40 17.26
CA THR L 54 -0.43 16.76 17.26
C THR L 54 0.58 17.50 16.39
N GLN L 55 0.11 18.03 15.26
CA GLN L 55 0.96 18.79 14.37
C GLN L 55 1.26 20.18 14.94
N ALA L 56 0.50 20.57 15.95
CA ALA L 56 0.70 21.85 16.62
C ALA L 56 1.71 21.70 17.74
N GLY L 57 2.05 20.46 18.07
CA GLY L 57 3.04 20.17 19.08
C GLY L 57 2.43 19.69 20.40
N GLY L 58 1.14 19.41 20.39
CA GLY L 58 0.45 18.96 21.58
C GLY L 58 -0.43 17.75 21.34
N GLN L 59 -1.58 17.73 22.00
CA GLN L 59 -2.55 16.66 21.83
C GLN L 59 -3.94 17.17 22.20
N LEU L 60 -4.96 16.38 21.88
CA LEU L 60 -6.33 16.74 22.25
C LEU L 60 -6.45 16.88 23.76
N ALA L 61 -7.40 17.71 24.19
CA ALA L 61 -7.61 17.96 25.62
C ALA L 61 -7.73 16.66 26.41
N SER L 62 -6.91 16.53 27.44
CA SER L 62 -6.91 15.32 28.27
C SER L 62 -7.03 15.66 29.75
N PRO L 63 -8.22 16.08 30.18
CA PRO L 63 -8.46 16.44 31.59
C PRO L 63 -8.22 15.25 32.52
N ARG L 64 -7.29 15.42 33.46
CA ARG L 64 -6.92 14.36 34.39
C ARG L 64 -7.38 14.64 35.83
N SER L 65 -8.06 15.76 36.02
CA SER L 65 -8.59 16.11 37.33
C SER L 65 -9.82 17.00 37.21
N ALA L 66 -10.50 17.19 38.33
CA ALA L 66 -11.67 18.07 38.38
C ALA L 66 -11.27 19.50 38.01
N ALA L 67 -10.13 19.94 38.51
CA ALA L 67 -9.63 21.28 38.21
C ALA L 67 -9.35 21.47 36.72
N GLU L 68 -8.69 20.48 36.11
CA GLU L 68 -8.41 20.54 34.68
C GLU L 68 -9.70 20.44 33.86
N ASN L 69 -10.64 19.64 34.34
CA ASN L 69 -11.93 19.50 33.66
C ASN L 69 -12.73 20.79 33.70
N ALA L 70 -12.64 21.50 34.82
CA ALA L 70 -13.36 22.76 34.99
C ALA L 70 -12.82 23.85 34.07
N ALA L 71 -11.49 23.92 33.96
CA ALA L 71 -10.85 24.90 33.10
C ALA L 71 -11.20 24.62 31.63
N LEU L 72 -11.16 23.35 31.25
CA LEU L 72 -11.53 22.94 29.91
C LEU L 72 -12.98 23.28 29.64
N GLN L 73 -13.82 23.10 30.66
CA GLN L 73 -15.25 23.34 30.53
C GLN L 73 -15.57 24.78 30.17
N GLN L 74 -14.77 25.71 30.67
CA GLN L 74 -15.01 27.13 30.44
C GLN L 74 -14.78 27.54 28.99
N LEU L 75 -13.88 26.83 28.31
CA LEU L 75 -13.66 27.06 26.89
C LEU L 75 -14.86 26.56 26.10
N VAL L 76 -15.40 25.42 26.53
CA VAL L 76 -16.57 24.84 25.89
C VAL L 76 -17.78 25.73 26.09
N VAL L 77 -17.92 26.27 27.29
CA VAL L 77 -19.03 27.16 27.61
C VAL L 77 -18.97 28.45 26.79
N ALA L 78 -17.77 29.00 26.65
CA ALA L 78 -17.57 30.24 25.91
C ALA L 78 -17.92 30.08 24.45
N LYS L 79 -17.67 28.90 23.91
CA LYS L 79 -17.95 28.60 22.51
C LYS L 79 -19.32 27.99 22.34
N ASN L 80 -19.93 27.58 23.45
CA ASN L 80 -21.20 26.87 23.41
C ASN L 80 -21.09 25.65 22.49
N GLU L 81 -19.92 25.03 22.48
CA GLU L 81 -19.67 23.89 21.59
C GLU L 81 -18.95 22.76 22.32
N ALA L 82 -19.62 21.60 22.44
CA ALA L 82 -19.00 20.44 23.05
C ALA L 82 -17.70 20.09 22.33
N ALA L 83 -16.68 19.71 23.10
CA ALA L 83 -15.36 19.45 22.52
C ALA L 83 -14.92 18.00 22.65
N PHE L 84 -14.00 17.59 21.78
CA PHE L 84 -13.43 16.25 21.83
C PHE L 84 -12.33 16.15 22.88
N LEU L 85 -12.25 15.00 23.53
CA LEU L 85 -11.11 14.70 24.39
C LEU L 85 -10.17 13.77 23.63
N SER L 86 -9.00 13.50 24.19
CA SER L 86 -8.02 12.67 23.50
C SER L 86 -8.26 11.19 23.71
N MET L 87 -9.02 10.86 24.77
CA MET L 87 -9.20 9.47 25.18
C MET L 87 -10.20 8.70 24.34
N THR L 88 -9.93 7.43 24.11
CA THR L 88 -10.80 6.55 23.33
C THR L 88 -10.75 5.11 23.83
N ASP L 89 -11.76 4.33 23.48
CA ASP L 89 -11.77 2.90 23.80
C ASP L 89 -11.76 2.07 22.52
N SER L 90 -11.02 2.56 21.52
CA SER L 90 -10.95 1.90 20.22
C SER L 90 -10.27 0.54 20.27
N LYS L 91 -9.16 0.46 21.00
CA LYS L 91 -8.44 -0.80 21.13
C LYS L 91 -9.27 -1.82 21.90
N THR L 92 -9.48 -1.55 23.18
CA THR L 92 -10.29 -2.41 24.03
C THR L 92 -11.62 -1.74 24.35
N GLU L 93 -12.67 -2.12 23.64
CA GLU L 93 -14.00 -1.57 23.86
C GLU L 93 -14.34 -1.54 25.34
N GLY L 94 -14.89 -0.41 25.79
CA GLY L 94 -15.29 -0.26 27.18
C GLY L 94 -14.16 0.26 28.05
N LYS L 95 -12.93 0.13 27.57
CA LYS L 95 -11.76 0.61 28.30
C LYS L 95 -11.16 1.84 27.63
N PHE L 96 -11.49 3.01 28.16
CA PHE L 96 -10.98 4.27 27.64
C PHE L 96 -9.58 4.56 28.15
N THR L 97 -8.70 4.99 27.26
CA THR L 97 -7.31 5.23 27.62
C THR L 97 -6.78 6.52 27.01
N TYR L 98 -5.68 7.03 27.57
CA TYR L 98 -5.01 8.19 27.02
C TYR L 98 -4.16 7.77 25.83
N PRO L 99 -3.56 8.74 25.13
CA PRO L 99 -2.67 8.43 24.02
C PRO L 99 -1.56 7.48 24.43
N THR L 100 -1.18 7.50 25.71
CA THR L 100 -0.12 6.63 26.22
C THR L 100 -0.62 5.21 26.38
N GLY L 101 -1.94 5.04 26.45
CA GLY L 101 -2.53 3.72 26.57
C GLY L 101 -2.97 3.38 27.98
N GLU L 102 -2.56 4.19 28.95
CA GLU L 102 -2.96 3.96 30.33
C GLU L 102 -4.42 4.33 30.54
N SER L 103 -5.08 3.64 31.48
CA SER L 103 -6.49 3.85 31.73
C SER L 103 -6.77 5.17 32.45
N LEU L 104 -8.01 5.63 32.38
CA LEU L 104 -8.41 6.89 32.98
C LEU L 104 -8.09 6.97 34.47
N VAL L 105 -7.50 8.09 34.88
CA VAL L 105 -7.26 8.35 36.29
C VAL L 105 -8.34 9.30 36.81
N TYR L 106 -9.15 9.80 35.87
CA TYR L 106 -10.26 10.67 36.20
C TYR L 106 -11.33 10.60 35.13
N SER L 107 -12.58 10.79 35.53
CA SER L 107 -13.70 10.78 34.60
C SER L 107 -14.86 11.60 35.14
N ASN L 108 -15.73 12.06 34.25
CA ASN L 108 -16.89 12.84 34.63
C ASN L 108 -18.07 12.51 33.72
N TRP L 109 -18.37 11.22 33.61
CA TRP L 109 -19.42 10.74 32.72
C TRP L 109 -20.79 11.30 33.10
N ALA L 110 -21.59 11.62 32.08
CA ALA L 110 -22.96 12.00 32.31
C ALA L 110 -23.75 10.76 32.73
N PRO L 111 -24.94 10.96 33.31
CA PRO L 111 -25.79 9.84 33.72
C PRO L 111 -26.06 8.88 32.56
N GLY L 112 -25.72 7.61 32.73
CA GLY L 112 -25.99 6.61 31.71
C GLY L 112 -24.83 6.40 30.74
N GLU L 113 -23.80 7.22 30.88
CA GLU L 113 -22.62 7.11 30.02
C GLU L 113 -21.43 6.54 30.79
N PRO L 114 -20.50 5.89 30.08
CA PRO L 114 -20.58 5.70 28.63
C PRO L 114 -21.47 4.50 28.27
N ASN L 115 -22.07 4.54 27.08
CA ASN L 115 -23.02 3.51 26.68
C ASN L 115 -22.70 2.84 25.35
N ASP L 116 -21.69 3.35 24.64
CA ASP L 116 -21.31 2.81 23.35
C ASP L 116 -22.56 2.63 22.48
N ALA L 117 -23.40 3.66 22.46
CA ALA L 117 -24.66 3.62 21.73
C ALA L 117 -24.47 3.16 20.28
N GLY L 118 -25.30 2.22 19.85
CA GLY L 118 -25.21 1.69 18.50
C GLY L 118 -23.98 0.84 18.31
N GLY L 119 -23.29 0.55 19.41
CA GLY L 119 -22.08 -0.24 19.37
C GLY L 119 -20.98 0.42 18.55
N SER L 120 -21.02 1.74 18.48
CA SER L 120 -20.08 2.50 17.68
C SER L 120 -19.76 3.86 18.27
N GLU L 121 -19.48 3.89 19.57
CA GLU L 121 -19.04 5.12 20.24
C GLU L 121 -17.73 4.90 20.97
N ASP L 122 -16.63 5.30 20.34
CA ASP L 122 -15.30 5.08 20.92
C ASP L 122 -14.58 6.38 21.27
N CYS L 123 -15.23 7.51 21.01
CA CYS L 123 -14.66 8.81 21.35
C CYS L 123 -15.41 9.48 22.49
N VAL L 124 -14.82 10.53 23.05
CA VAL L 124 -15.41 11.21 24.19
C VAL L 124 -15.55 12.72 23.95
N GLU L 125 -16.69 13.26 24.37
CA GLU L 125 -16.94 14.69 24.26
C GLU L 125 -17.26 15.28 25.63
N ILE L 126 -16.96 16.56 25.81
CA ILE L 126 -17.29 17.25 27.05
C ILE L 126 -18.30 18.35 26.80
N PHE L 127 -19.36 18.38 27.62
CA PHE L 127 -20.45 19.32 27.43
C PHE L 127 -20.18 20.64 28.16
N THR L 128 -21.09 21.59 28.00
CA THR L 128 -20.97 22.88 28.63
C THR L 128 -21.16 22.76 30.14
N ASN L 129 -21.75 21.64 30.57
CA ASN L 129 -21.92 21.39 32.00
C ASN L 129 -20.77 20.57 32.57
N GLY L 130 -19.81 20.25 31.70
CA GLY L 130 -18.60 19.55 32.13
C GLY L 130 -18.70 18.03 32.11
N LYS L 131 -19.88 17.52 31.80
CA LYS L 131 -20.09 16.08 31.79
C LYS L 131 -19.60 15.44 30.50
N TRP L 132 -19.21 14.18 30.58
CA TRP L 132 -18.67 13.47 29.42
C TRP L 132 -19.70 12.57 28.77
N ASN L 133 -19.51 12.34 27.47
CA ASN L 133 -20.33 11.39 26.72
C ASN L 133 -19.49 10.69 25.66
N ASP L 134 -19.47 9.36 25.68
CA ASP L 134 -18.81 8.62 24.61
C ASP L 134 -19.63 8.78 23.35
N VAL L 135 -18.99 9.26 22.29
CA VAL L 135 -19.68 9.61 21.06
C VAL L 135 -18.95 9.05 19.83
N ALA L 136 -19.66 8.98 18.71
CA ALA L 136 -19.08 8.53 17.46
C ALA L 136 -17.93 9.45 17.05
N CYS L 137 -16.80 8.87 16.66
CA CYS L 137 -15.62 9.64 16.31
C CYS L 137 -15.82 10.46 15.03
N GLY L 138 -16.86 10.13 14.28
CA GLY L 138 -17.14 10.80 13.02
C GLY L 138 -17.82 12.15 13.20
N GLU L 139 -18.30 12.42 14.41
CA GLU L 139 -19.03 13.64 14.70
C GLU L 139 -18.10 14.85 14.79
N LYS L 140 -18.63 16.01 14.42
CA LYS L 140 -17.86 17.26 14.49
C LYS L 140 -17.99 17.89 15.87
N ARG L 141 -16.87 18.03 16.57
CA ARG L 141 -16.87 18.65 17.89
C ARG L 141 -15.78 19.71 17.99
N LEU L 142 -15.93 20.61 18.97
CA LEU L 142 -14.97 21.69 19.17
C LEU L 142 -13.57 21.12 19.31
N VAL L 143 -12.61 21.75 18.65
CA VAL L 143 -11.22 21.30 18.71
C VAL L 143 -10.45 22.05 19.80
N VAL L 144 -10.10 21.34 20.87
CA VAL L 144 -9.33 21.93 21.96
C VAL L 144 -8.06 21.12 22.23
N CYS L 145 -6.91 21.77 22.14
CA CYS L 145 -5.63 21.12 22.36
C CYS L 145 -5.05 21.49 23.71
N GLU L 146 -4.15 20.65 24.23
CA GLU L 146 -3.46 20.94 25.48
C GLU L 146 -1.96 20.98 25.25
N PHE L 147 -1.30 21.92 25.92
CA PHE L 147 0.14 22.10 25.76
C PHE L 147 0.82 22.15 27.14
CA CA M . 35.27 3.31 14.90
CA CA N . 43.04 1.31 12.77
CA CA O . 46.39 0.57 14.15
CA CA P . -8.30 -24.10 21.62
CA CA Q . -10.48 -21.06 14.17
CA CA R . -11.01 -17.78 12.44
CA CA S . 36.24 -40.47 41.94
CA CA T . 33.12 -48.22 40.72
CA CA U . 30.12 -50.11 41.78
CA CA V . -3.74 -29.53 -9.46
CA CA W . -4.47 -28.25 -17.69
CA CA X . -6.88 -27.58 -20.31
CA CA Y . 7.63 1.72 30.57
CA CA Z . 15.15 -2.03 30.23
CA CA AA . 16.79 -5.34 30.31
CA CA BA . -26.70 16.42 -5.17
CA CA CA . -23.98 24.14 -3.61
CA CA DA . -24.17 26.06 -0.41
CA CA EA . 11.31 -14.43 -33.28
CA CA FA . 12.69 -11.52 -41.14
CA CA GA . 12.92 -12.73 -44.61
CA CA HA . -30.65 -14.90 -2.42
CA CA IA . -26.89 -8.07 1.36
CA CA JA . -23.60 -7.60 3.16
CA CA KA . -33.77 -30.53 -51.98
CA CA LA . -41.69 -27.76 -51.05
CA CA MA . -44.72 -28.42 -48.92
CA CA NA . -25.59 58.38 22.90
CA CA OA . -26.45 57.28 31.17
CA CA PA . -28.37 55.56 33.97
CA CA QA . 4.78 36.52 -12.94
CA CA RA . 9.50 43.60 -12.04
CA CA SA . 9.24 47.19 -12.31
CA CA TA . -22.84 7.84 24.49
CA CA UA . -16.79 2.20 22.67
CA CA VA . -15.77 0.23 19.73
#